data_2ISL
#
_entry.id   2ISL
#
_cell.length_a   65.073
_cell.length_b   173.836
_cell.length_c   91.977
_cell.angle_alpha   90.00
_cell.angle_beta   89.96
_cell.angle_gamma   90.00
#
_symmetry.space_group_name_H-M   'P 1 21 1'
#
loop_
_entity.id
_entity.type
_entity.pdbx_description
1 polymer BluB
2 non-polymer 1-DEOXY-1-(7,8-DIMETHYL-2,4-DIOXO-3,4-DIHYDRO-2H-BENZO[G]PTERIDIN-1-ID-10(5H)-YL)-5-O-PHOSPHONATO-D-RIBITOL
3 non-polymer 'OXYGEN MOLECULE'
4 water water
#
_entity_poly.entity_id   1
_entity_poly.type   'polypeptide(L)'
_entity_poly.pdbx_seq_one_letter_code
;GSHMLPDPNGCLTAAGAFSSDERAAVYRAIETRRDVRDEFLPEPLSEELIARLLGAAHQAPSVGFMQPWNFVLVRQDETR
EKVWQAFQRANDEAAEMFSGERQAKYRSLKLEGIRKAPLSICVTCDRTRGGAVVLGRTHNPQMDLYSTVCAVQNLWLAAR
AEGVGVGWVSIFHESEIKAILGIPDHVEIVAWLCLGFVDRLYQEPELAAKGWRQRLPLEDLVFEEGWGVR
;
_entity_poly.pdbx_strand_id   A,B,C,D,E,F,G,H
#
loop_
_chem_comp.id
_chem_comp.type
_chem_comp.name
_chem_comp.formula
FNR non-polymer 1-DEOXY-1-(7,8-DIMETHYL-2,4-DIOXO-3,4-DIHYDRO-2H-BENZO[G]PTERIDIN-1-ID-10(5H)-YL)-5-O-PHOSPHONATO-D-RIBITOL 'C17 H23 N4 O9 P'
OXY non-polymer 'OXYGEN MOLECULE' O2
#
# COMPACT_ATOMS: atom_id res chain seq x y z
N LEU A 12 -41.56 -31.20 -34.40
CA LEU A 12 -40.25 -30.57 -34.72
C LEU A 12 -40.37 -29.47 -35.76
N THR A 13 -39.54 -29.56 -36.79
CA THR A 13 -39.47 -28.62 -37.92
C THR A 13 -38.06 -28.66 -38.51
N ALA A 14 -37.98 -28.60 -39.85
CA ALA A 14 -36.68 -28.64 -40.49
C ALA A 14 -35.80 -27.52 -39.96
N ALA A 15 -34.49 -27.73 -40.01
CA ALA A 15 -33.54 -26.74 -39.54
C ALA A 15 -32.11 -27.09 -39.93
N GLY A 16 -31.26 -26.07 -39.96
CA GLY A 16 -29.87 -26.27 -40.32
C GLY A 16 -29.10 -25.02 -39.95
N ALA A 17 -27.91 -24.86 -40.52
CA ALA A 17 -27.06 -23.71 -40.22
C ALA A 17 -27.61 -22.38 -40.75
N PHE A 18 -27.02 -21.29 -40.28
CA PHE A 18 -27.41 -19.96 -40.71
C PHE A 18 -26.63 -19.71 -42.00
N SER A 19 -26.97 -18.66 -42.73
CA SER A 19 -26.25 -18.37 -43.95
C SER A 19 -24.91 -17.75 -43.54
N SER A 20 -24.00 -17.61 -44.49
CA SER A 20 -22.70 -17.02 -44.18
C SER A 20 -22.96 -15.66 -43.52
N ASP A 21 -23.77 -14.83 -44.18
CA ASP A 21 -24.08 -13.50 -43.64
C ASP A 21 -24.60 -13.52 -42.21
N GLU A 22 -25.62 -14.33 -41.96
CA GLU A 22 -26.20 -14.43 -40.64
C GLU A 22 -25.14 -14.89 -39.63
N ARG A 23 -24.47 -15.98 -39.98
CA ARG A 23 -23.44 -16.54 -39.13
C ARG A 23 -22.49 -15.43 -38.69
N ALA A 24 -22.13 -14.57 -39.64
CA ALA A 24 -21.22 -13.46 -39.38
C ALA A 24 -21.80 -12.50 -38.34
N ALA A 25 -23.11 -12.28 -38.41
CA ALA A 25 -23.76 -11.38 -37.48
C ALA A 25 -23.66 -11.92 -36.06
N VAL A 26 -24.04 -13.18 -35.87
CA VAL A 26 -23.97 -13.78 -34.53
C VAL A 26 -22.58 -13.64 -33.94
N TYR A 27 -21.56 -13.99 -34.73
CA TYR A 27 -20.19 -13.90 -34.24
C TYR A 27 -19.76 -12.48 -33.98
N ARG A 28 -20.40 -11.52 -34.63
CA ARG A 28 -19.99 -10.16 -34.40
C ARG A 28 -20.47 -9.71 -33.03
N ALA A 29 -21.65 -10.16 -32.63
CA ALA A 29 -22.15 -9.76 -31.31
C ALA A 29 -21.24 -10.39 -30.26
N ILE A 30 -20.97 -11.67 -30.43
CA ILE A 30 -20.11 -12.39 -29.49
C ILE A 30 -18.71 -11.82 -29.46
N GLU A 31 -18.27 -11.30 -30.60
CA GLU A 31 -16.91 -10.75 -30.74
C GLU A 31 -16.69 -9.27 -30.39
N THR A 32 -17.73 -8.46 -30.31
CA THR A 32 -17.47 -7.07 -30.03
C THR A 32 -18.09 -6.52 -28.76
N ARG A 33 -18.99 -7.27 -28.12
CA ARG A 33 -19.61 -6.78 -26.89
C ARG A 33 -18.51 -6.61 -25.85
N ARG A 34 -18.69 -5.61 -25.00
CA ARG A 34 -17.73 -5.27 -23.95
C ARG A 34 -18.48 -4.95 -22.65
N ASP A 35 -17.80 -5.04 -21.53
CA ASP A 35 -18.43 -4.65 -20.28
C ASP A 35 -18.17 -3.16 -20.38
N VAL A 36 -19.20 -2.37 -20.66
CA VAL A 36 -19.00 -0.94 -20.77
C VAL A 36 -19.15 -0.32 -19.40
N ARG A 37 -18.25 0.59 -19.05
CA ARG A 37 -18.31 1.24 -17.75
C ARG A 37 -18.53 2.72 -17.86
N ASP A 38 -17.57 3.39 -18.48
CA ASP A 38 -17.57 4.83 -18.58
C ASP A 38 -18.08 5.53 -19.85
N GLU A 39 -18.38 4.82 -20.91
CA GLU A 39 -18.83 5.51 -22.13
C GLU A 39 -20.32 5.47 -22.45
N PHE A 40 -21.15 5.25 -21.43
CA PHE A 40 -22.58 5.21 -21.62
C PHE A 40 -23.07 6.60 -22.07
N LEU A 41 -24.06 6.63 -22.97
CA LEU A 41 -24.64 7.89 -23.44
C LEU A 41 -25.92 8.17 -22.61
N PRO A 42 -26.27 9.45 -22.44
CA PRO A 42 -27.42 9.91 -21.68
C PRO A 42 -28.84 9.56 -22.11
N GLU A 43 -29.06 9.46 -23.42
CA GLU A 43 -30.41 9.15 -23.89
C GLU A 43 -30.97 7.89 -23.27
N PRO A 44 -32.24 7.94 -22.86
CA PRO A 44 -32.82 6.73 -22.25
C PRO A 44 -33.37 5.76 -23.31
N LEU A 45 -33.19 4.46 -23.07
CA LEU A 45 -33.68 3.46 -23.99
C LEU A 45 -35.19 3.57 -24.09
N SER A 46 -35.69 3.52 -25.32
CA SER A 46 -37.12 3.60 -25.55
C SER A 46 -37.72 2.35 -25.00
N GLU A 47 -38.99 2.42 -24.62
CA GLU A 47 -39.67 1.26 -24.08
C GLU A 47 -39.68 0.09 -25.08
N GLU A 48 -39.85 0.39 -26.36
CA GLU A 48 -39.87 -0.69 -27.35
C GLU A 48 -38.56 -1.47 -27.32
N LEU A 49 -37.45 -0.77 -27.12
CA LEU A 49 -36.14 -1.40 -27.12
C LEU A 49 -35.99 -2.34 -25.92
N ILE A 50 -36.27 -1.83 -24.73
CA ILE A 50 -36.18 -2.61 -23.52
C ILE A 50 -36.91 -3.94 -23.63
N ALA A 51 -38.15 -3.90 -24.11
CA ALA A 51 -38.94 -5.11 -24.27
C ALA A 51 -38.16 -6.14 -25.11
N ARG A 52 -37.48 -5.68 -26.15
CA ARG A 52 -36.71 -6.59 -26.97
C ARG A 52 -35.61 -7.27 -26.15
N LEU A 53 -34.81 -6.47 -25.43
CA LEU A 53 -33.73 -6.98 -24.61
C LEU A 53 -34.23 -7.97 -23.55
N LEU A 54 -35.33 -7.61 -22.90
CA LEU A 54 -35.92 -8.47 -21.88
C LEU A 54 -36.46 -9.75 -22.56
N GLY A 55 -36.93 -9.60 -23.79
CA GLY A 55 -37.44 -10.75 -24.52
C GLY A 55 -36.30 -11.71 -24.84
N ALA A 56 -35.13 -11.16 -25.11
CA ALA A 56 -33.99 -12.00 -25.42
C ALA A 56 -33.64 -12.79 -24.18
N ALA A 57 -33.56 -12.10 -23.03
CA ALA A 57 -33.18 -12.79 -21.81
C ALA A 57 -34.17 -13.87 -21.46
N HIS A 58 -35.45 -13.59 -21.68
CA HIS A 58 -36.52 -14.53 -21.36
C HIS A 58 -36.48 -15.77 -22.24
N GLN A 59 -35.81 -15.66 -23.37
CA GLN A 59 -35.67 -16.79 -24.28
C GLN A 59 -34.37 -17.54 -24.05
N ALA A 60 -33.84 -17.46 -22.84
CA ALA A 60 -32.61 -18.16 -22.52
C ALA A 60 -33.08 -19.51 -21.99
N PRO A 61 -32.17 -20.49 -21.89
CA PRO A 61 -32.66 -21.76 -21.36
C PRO A 61 -32.83 -21.64 -19.85
N SER A 62 -33.21 -22.73 -19.20
CA SER A 62 -33.37 -22.72 -17.75
C SER A 62 -33.71 -24.13 -17.26
N VAL A 63 -32.90 -24.65 -16.34
CA VAL A 63 -33.13 -26.00 -15.84
C VAL A 63 -34.60 -26.21 -15.44
N GLY A 64 -35.18 -27.31 -15.96
CA GLY A 64 -36.57 -27.63 -15.71
C GLY A 64 -37.49 -26.56 -16.29
N PHE A 65 -36.94 -25.73 -17.18
CA PHE A 65 -37.70 -24.65 -17.78
C PHE A 65 -38.43 -23.98 -16.63
N MET A 66 -37.71 -23.68 -15.56
CA MET A 66 -38.32 -23.04 -14.40
C MET A 66 -38.36 -21.51 -14.56
N GLN A 67 -37.47 -20.97 -15.39
CA GLN A 67 -37.45 -19.54 -15.61
C GLN A 67 -37.47 -18.79 -14.27
N PRO A 68 -36.42 -18.95 -13.46
CA PRO A 68 -36.26 -18.34 -12.12
C PRO A 68 -36.03 -16.81 -12.03
N TRP A 69 -35.90 -16.15 -13.16
CA TRP A 69 -35.63 -14.72 -13.17
C TRP A 69 -36.77 -13.74 -13.01
N ASN A 70 -36.36 -12.54 -12.62
CA ASN A 70 -37.22 -11.37 -12.47
C ASN A 70 -36.27 -10.25 -12.82
N PHE A 71 -36.78 -9.19 -13.42
CA PHE A 71 -35.95 -8.07 -13.80
C PHE A 71 -36.53 -6.86 -13.14
N VAL A 72 -35.68 -6.13 -12.43
CA VAL A 72 -36.12 -4.90 -11.77
C VAL A 72 -35.49 -3.71 -12.49
N LEU A 73 -36.31 -2.98 -13.22
CA LEU A 73 -35.79 -1.82 -13.94
C LEU A 73 -35.56 -0.65 -12.98
N VAL A 74 -34.39 -0.04 -13.05
CA VAL A 74 -34.06 1.08 -12.18
C VAL A 74 -33.70 2.31 -13.01
N ARG A 75 -34.64 3.23 -13.13
CA ARG A 75 -34.43 4.43 -13.93
C ARG A 75 -34.21 5.69 -13.10
N GLN A 76 -34.56 5.68 -11.82
CA GLN A 76 -34.45 6.88 -10.98
C GLN A 76 -33.12 7.25 -10.33
N ASP A 77 -32.87 8.56 -10.23
CA ASP A 77 -31.64 9.05 -9.63
C ASP A 77 -31.44 8.64 -8.16
N GLU A 78 -32.45 8.83 -7.33
CA GLU A 78 -32.30 8.45 -5.93
C GLU A 78 -31.80 7.01 -5.82
N THR A 79 -32.33 6.13 -6.68
CA THR A 79 -31.95 4.73 -6.65
C THR A 79 -30.50 4.51 -7.10
N ARG A 80 -30.15 5.11 -8.23
CA ARG A 80 -28.80 4.93 -8.72
C ARG A 80 -27.80 5.52 -7.73
N GLU A 81 -28.20 6.62 -7.10
CA GLU A 81 -27.35 7.27 -6.11
C GLU A 81 -27.03 6.27 -5.00
N LYS A 82 -28.08 5.79 -4.35
CA LYS A 82 -27.93 4.84 -3.27
C LYS A 82 -27.07 3.64 -3.67
N VAL A 83 -27.36 3.04 -4.82
CA VAL A 83 -26.59 1.89 -5.28
C VAL A 83 -25.13 2.30 -5.51
N TRP A 84 -24.92 3.44 -6.16
CA TRP A 84 -23.55 3.87 -6.40
C TRP A 84 -22.81 3.87 -5.06
N GLN A 85 -23.48 4.38 -4.03
CA GLN A 85 -22.88 4.42 -2.70
C GLN A 85 -22.58 3.03 -2.15
N ALA A 86 -23.51 2.10 -2.33
CA ALA A 86 -23.29 0.75 -1.86
C ALA A 86 -22.03 0.28 -2.55
N PHE A 87 -21.91 0.63 -3.83
CA PHE A 87 -20.76 0.24 -4.62
C PHE A 87 -19.47 0.81 -4.03
N GLN A 88 -19.50 2.10 -3.70
CA GLN A 88 -18.32 2.76 -3.13
C GLN A 88 -17.79 1.97 -1.96
N ARG A 89 -18.62 1.87 -0.94
CA ARG A 89 -18.24 1.15 0.25
C ARG A 89 -17.55 -0.15 -0.09
N ALA A 90 -18.23 -1.01 -0.83
CA ALA A 90 -17.64 -2.29 -1.19
C ALA A 90 -16.38 -2.17 -2.02
N ASN A 91 -16.36 -1.24 -2.97
CA ASN A 91 -15.20 -1.11 -3.84
C ASN A 91 -13.92 -0.71 -3.13
N ASP A 92 -14.01 0.21 -2.18
CA ASP A 92 -12.83 0.62 -1.45
C ASP A 92 -12.36 -0.59 -0.67
N GLU A 93 -13.29 -1.18 0.07
CA GLU A 93 -13.01 -2.37 0.83
C GLU A 93 -12.28 -3.37 -0.07
N ALA A 94 -12.75 -3.47 -1.32
CA ALA A 94 -12.13 -4.37 -2.27
C ALA A 94 -10.72 -3.87 -2.54
N ALA A 95 -10.63 -2.59 -2.89
CA ALA A 95 -9.34 -1.96 -3.19
C ALA A 95 -8.27 -2.34 -2.18
N GLU A 96 -8.63 -2.23 -0.90
CA GLU A 96 -7.71 -2.55 0.19
C GLU A 96 -7.24 -3.99 0.24
N MET A 97 -7.57 -4.78 -0.78
CA MET A 97 -7.11 -6.16 -0.79
C MET A 97 -5.89 -6.28 -1.68
N PHE A 98 -5.49 -5.16 -2.26
CA PHE A 98 -4.33 -5.12 -3.12
C PHE A 98 -3.23 -4.27 -2.50
N SER A 99 -2.06 -4.24 -3.14
CA SER A 99 -0.93 -3.50 -2.63
C SER A 99 0.13 -3.25 -3.71
N GLY A 100 0.73 -2.07 -3.66
CA GLY A 100 1.74 -1.74 -4.65
C GLY A 100 1.12 -1.05 -5.84
N GLU A 101 1.75 -1.17 -7.00
CA GLU A 101 1.22 -0.55 -8.20
C GLU A 101 -0.14 -1.19 -8.46
N ARG A 102 -0.25 -2.47 -8.10
CA ARG A 102 -1.50 -3.20 -8.28
C ARG A 102 -2.68 -2.53 -7.61
N GLN A 103 -2.46 -1.97 -6.42
CA GLN A 103 -3.54 -1.30 -5.72
C GLN A 103 -3.85 0.02 -6.40
N ALA A 104 -2.82 0.84 -6.62
CA ALA A 104 -3.06 2.12 -7.29
C ALA A 104 -3.62 1.83 -8.67
N LYS A 105 -3.27 0.67 -9.21
CA LYS A 105 -3.74 0.26 -10.53
C LYS A 105 -5.25 0.07 -10.45
N TYR A 106 -5.65 -0.80 -9.53
CA TYR A 106 -7.05 -1.10 -9.30
C TYR A 106 -7.76 0.22 -9.15
N ARG A 107 -7.30 1.01 -8.18
CA ARG A 107 -7.87 2.31 -7.89
C ARG A 107 -7.95 3.26 -9.08
N SER A 108 -7.59 2.80 -10.28
CA SER A 108 -7.67 3.65 -11.46
C SER A 108 -8.66 3.07 -12.47
N LEU A 109 -9.13 1.86 -12.20
CA LEU A 109 -10.08 1.21 -13.12
C LEU A 109 -11.50 1.67 -12.87
N LYS A 110 -12.15 2.22 -13.89
CA LYS A 110 -13.54 2.62 -13.72
C LYS A 110 -14.27 1.28 -13.79
N LEU A 111 -14.90 0.88 -12.69
CA LEU A 111 -15.59 -0.41 -12.61
C LEU A 111 -17.10 -0.37 -12.52
N GLU A 112 -17.70 0.71 -13.01
CA GLU A 112 -19.14 0.85 -13.00
C GLU A 112 -19.55 2.18 -13.63
N GLY A 113 -20.81 2.27 -14.02
CA GLY A 113 -21.32 3.49 -14.63
C GLY A 113 -22.72 3.73 -14.08
N ILE A 114 -22.94 3.17 -12.90
CA ILE A 114 -24.23 3.26 -12.23
C ILE A 114 -24.93 4.61 -12.38
N ARG A 115 -24.23 5.69 -12.06
CA ARG A 115 -24.79 7.03 -12.13
C ARG A 115 -24.85 7.61 -13.54
N LYS A 116 -24.11 7.01 -14.47
CA LYS A 116 -24.05 7.49 -15.85
C LYS A 116 -25.04 6.81 -16.79
N ALA A 117 -25.15 5.49 -16.68
CA ALA A 117 -26.07 4.75 -17.53
C ALA A 117 -27.49 5.20 -17.18
N PRO A 118 -28.28 5.54 -18.20
CA PRO A 118 -29.65 6.00 -17.98
C PRO A 118 -30.59 4.94 -17.47
N LEU A 119 -30.21 3.67 -17.60
CA LEU A 119 -31.04 2.55 -17.15
C LEU A 119 -30.21 1.46 -16.47
N SER A 120 -30.78 0.88 -15.41
CA SER A 120 -30.07 -0.18 -14.73
C SER A 120 -31.06 -1.31 -14.63
N ILE A 121 -30.55 -2.53 -14.67
CA ILE A 121 -31.42 -3.70 -14.55
C ILE A 121 -30.86 -4.63 -13.49
N CYS A 122 -31.67 -4.94 -12.50
CA CYS A 122 -31.23 -5.85 -11.46
C CYS A 122 -31.85 -7.19 -11.82
N VAL A 123 -31.00 -8.11 -12.31
CA VAL A 123 -31.46 -9.45 -12.70
C VAL A 123 -31.38 -10.34 -11.47
N THR A 124 -32.52 -10.89 -11.05
CA THR A 124 -32.59 -11.71 -9.85
C THR A 124 -32.92 -13.17 -10.13
N CYS A 125 -32.76 -14.02 -9.12
CA CYS A 125 -33.06 -15.46 -9.23
C CYS A 125 -33.86 -15.98 -8.05
N ASP A 126 -35.13 -16.30 -8.30
CA ASP A 126 -36.02 -16.82 -7.26
C ASP A 126 -35.61 -18.25 -6.94
N ARG A 127 -34.94 -18.44 -5.81
CA ARG A 127 -34.46 -19.76 -5.41
C ARG A 127 -35.54 -20.81 -5.13
N THR A 128 -36.80 -20.41 -5.06
CA THR A 128 -37.83 -21.38 -4.77
C THR A 128 -38.85 -21.60 -5.87
N ARG A 129 -38.80 -20.79 -6.92
CA ARG A 129 -39.72 -20.94 -8.03
C ARG A 129 -39.55 -22.29 -8.70
N GLY A 130 -40.65 -22.86 -9.18
CA GLY A 130 -40.60 -24.16 -9.83
C GLY A 130 -41.09 -25.29 -8.96
N GLY A 131 -41.86 -24.95 -7.92
CA GLY A 131 -42.37 -25.96 -7.02
C GLY A 131 -41.38 -26.39 -5.95
N ALA A 132 -41.70 -27.47 -5.24
CA ALA A 132 -40.84 -27.99 -4.17
C ALA A 132 -39.54 -28.58 -4.71
N VAL A 133 -39.66 -29.42 -5.74
CA VAL A 133 -38.50 -30.05 -6.36
C VAL A 133 -38.54 -29.91 -7.88
N VAL A 134 -37.64 -29.07 -8.42
CA VAL A 134 -37.61 -28.82 -9.86
C VAL A 134 -36.82 -29.85 -10.68
N LEU A 135 -37.08 -29.88 -11.97
CA LEU A 135 -36.44 -30.81 -12.90
C LEU A 135 -35.04 -30.33 -13.23
N GLY A 136 -34.10 -31.28 -13.34
CA GLY A 136 -32.72 -30.93 -13.66
C GLY A 136 -31.91 -30.45 -12.48
N ARG A 137 -32.52 -30.38 -11.30
CA ARG A 137 -31.83 -29.93 -10.09
C ARG A 137 -31.79 -30.99 -8.97
N THR A 138 -30.87 -30.78 -8.04
CA THR A 138 -30.58 -31.64 -6.88
C THR A 138 -29.12 -32.08 -6.96
N HIS A 139 -28.67 -32.34 -8.18
CA HIS A 139 -27.29 -32.76 -8.43
C HIS A 139 -26.51 -31.47 -8.71
N ASN A 140 -27.00 -30.42 -8.06
CA ASN A 140 -26.48 -29.07 -8.11
C ASN A 140 -27.69 -28.16 -7.98
N PRO A 141 -27.79 -27.42 -6.86
CA PRO A 141 -28.91 -26.50 -6.62
C PRO A 141 -28.70 -25.14 -7.27
N GLN A 142 -27.50 -24.90 -7.80
CA GLN A 142 -27.20 -23.62 -8.41
C GLN A 142 -27.47 -23.55 -9.90
N MET A 143 -27.99 -24.63 -10.49
CA MET A 143 -28.29 -24.60 -11.91
C MET A 143 -29.31 -23.48 -12.16
N ASP A 144 -30.17 -23.25 -11.17
CA ASP A 144 -31.16 -22.19 -11.27
C ASP A 144 -30.44 -20.83 -11.49
N LEU A 145 -29.49 -20.50 -10.61
CA LEU A 145 -28.73 -19.25 -10.75
C LEU A 145 -28.09 -19.26 -12.13
N TYR A 146 -27.36 -20.33 -12.44
CA TYR A 146 -26.70 -20.51 -13.73
C TYR A 146 -27.64 -20.14 -14.89
N SER A 147 -28.86 -20.68 -14.83
CA SER A 147 -29.84 -20.38 -15.85
C SER A 147 -29.92 -18.85 -15.98
N THR A 148 -30.22 -18.18 -14.87
CA THR A 148 -30.34 -16.73 -14.86
C THR A 148 -29.17 -16.08 -15.63
N VAL A 149 -27.96 -16.55 -15.39
CA VAL A 149 -26.83 -15.97 -16.11
C VAL A 149 -27.05 -15.98 -17.62
N CYS A 150 -27.45 -17.14 -18.14
CA CYS A 150 -27.72 -17.26 -19.58
C CYS A 150 -28.64 -16.12 -20.01
N ALA A 151 -29.67 -15.86 -19.22
CA ALA A 151 -30.58 -14.77 -19.54
C ALA A 151 -29.72 -13.51 -19.67
N VAL A 152 -28.87 -13.26 -18.69
CA VAL A 152 -28.01 -12.09 -18.73
C VAL A 152 -27.16 -12.04 -20.00
N GLN A 153 -26.44 -13.12 -20.26
CA GLN A 153 -25.59 -13.14 -21.44
C GLN A 153 -26.39 -12.83 -22.71
N ASN A 154 -27.61 -13.36 -22.81
CA ASN A 154 -28.46 -13.11 -23.98
C ASN A 154 -28.78 -11.64 -24.08
N LEU A 155 -29.01 -11.03 -22.94
CA LEU A 155 -29.34 -9.62 -22.87
C LEU A 155 -28.10 -8.83 -23.27
N TRP A 156 -26.95 -9.29 -22.80
CA TRP A 156 -25.68 -8.63 -23.10
C TRP A 156 -25.46 -8.59 -24.60
N LEU A 157 -25.68 -9.73 -25.26
CA LEU A 157 -25.51 -9.87 -26.71
C LEU A 157 -26.53 -9.14 -27.57
N ALA A 158 -27.81 -9.27 -27.24
CA ALA A 158 -28.84 -8.58 -28.01
C ALA A 158 -28.53 -7.09 -27.98
N ALA A 159 -28.32 -6.59 -26.75
CA ALA A 159 -28.00 -5.19 -26.50
C ALA A 159 -26.87 -4.68 -27.40
N ARG A 160 -25.81 -5.47 -27.57
CA ARG A 160 -24.72 -5.01 -28.44
C ARG A 160 -25.31 -4.81 -29.82
N ALA A 161 -26.07 -5.78 -30.31
CA ALA A 161 -26.65 -5.65 -31.63
C ALA A 161 -27.54 -4.41 -31.67
N GLU A 162 -28.15 -4.07 -30.54
CA GLU A 162 -29.00 -2.88 -30.46
C GLU A 162 -28.15 -1.62 -30.28
N GLY A 163 -26.83 -1.79 -30.26
CA GLY A 163 -25.95 -0.66 -30.08
C GLY A 163 -26.11 -0.16 -28.67
N VAL A 164 -26.34 -1.07 -27.75
CA VAL A 164 -26.53 -0.77 -26.35
C VAL A 164 -25.40 -1.36 -25.53
N GLY A 165 -24.61 -0.48 -24.92
CA GLY A 165 -23.52 -0.92 -24.08
C GLY A 165 -24.13 -1.44 -22.79
N VAL A 166 -23.46 -2.42 -22.19
CA VAL A 166 -23.91 -3.04 -20.96
C VAL A 166 -22.69 -3.37 -20.14
N GLY A 167 -22.82 -3.23 -18.83
CA GLY A 167 -21.73 -3.55 -17.93
C GLY A 167 -22.27 -4.29 -16.74
N TRP A 168 -21.52 -5.26 -16.24
CA TRP A 168 -21.95 -6.01 -15.07
C TRP A 168 -21.25 -5.41 -13.84
N VAL A 169 -21.99 -5.15 -12.78
CA VAL A 169 -21.39 -4.59 -11.56
C VAL A 169 -21.73 -5.54 -10.44
N SER A 170 -20.71 -6.21 -9.91
CA SER A 170 -20.89 -7.18 -8.84
C SER A 170 -20.21 -6.75 -7.55
N ILE A 171 -19.54 -5.60 -7.59
CA ILE A 171 -18.81 -5.13 -6.44
C ILE A 171 -19.63 -4.44 -5.37
N PHE A 172 -20.28 -5.26 -4.54
CA PHE A 172 -21.06 -4.79 -3.41
C PHE A 172 -21.64 -5.91 -2.59
N HIS A 173 -22.05 -5.59 -1.37
CA HIS A 173 -22.64 -6.55 -0.47
C HIS A 173 -24.10 -6.65 -0.85
N GLU A 174 -24.48 -7.81 -1.37
CA GLU A 174 -25.84 -8.05 -1.81
C GLU A 174 -26.95 -7.49 -0.91
N SER A 175 -26.89 -7.81 0.38
CA SER A 175 -27.91 -7.34 1.33
C SER A 175 -28.16 -5.85 1.22
N GLU A 176 -27.11 -5.09 0.97
CA GLU A 176 -27.31 -3.67 0.85
C GLU A 176 -28.14 -3.33 -0.38
N ILE A 177 -27.96 -4.09 -1.47
CA ILE A 177 -28.73 -3.83 -2.68
C ILE A 177 -30.15 -4.37 -2.53
N LYS A 178 -30.30 -5.49 -1.83
CA LYS A 178 -31.62 -6.06 -1.63
C LYS A 178 -32.49 -5.10 -0.83
N ALA A 179 -31.89 -4.40 0.11
CA ALA A 179 -32.63 -3.45 0.94
C ALA A 179 -33.19 -2.33 0.09
N ILE A 180 -32.31 -1.73 -0.70
CA ILE A 180 -32.68 -0.63 -1.59
C ILE A 180 -33.95 -0.93 -2.39
N LEU A 181 -33.92 -2.05 -3.12
CA LEU A 181 -35.04 -2.47 -3.97
C LEU A 181 -36.08 -3.34 -3.24
N GLY A 182 -35.83 -3.64 -1.97
CA GLY A 182 -36.77 -4.46 -1.23
C GLY A 182 -36.95 -5.86 -1.78
N ILE A 183 -35.85 -6.49 -2.15
CA ILE A 183 -35.89 -7.84 -2.69
C ILE A 183 -36.06 -8.84 -1.53
N PRO A 184 -37.13 -9.64 -1.55
CA PRO A 184 -37.40 -10.64 -0.51
C PRO A 184 -36.23 -11.59 -0.26
N ASP A 185 -36.45 -12.50 0.67
CA ASP A 185 -35.43 -13.46 1.07
C ASP A 185 -35.23 -14.64 0.11
N HIS A 186 -36.31 -15.23 -0.40
CA HIS A 186 -36.15 -16.35 -1.31
C HIS A 186 -35.47 -15.98 -2.63
N VAL A 187 -35.57 -14.71 -3.03
CA VAL A 187 -34.92 -14.26 -4.25
C VAL A 187 -33.46 -13.82 -3.99
N GLU A 188 -32.59 -14.05 -4.96
CA GLU A 188 -31.19 -13.65 -4.85
C GLU A 188 -30.75 -12.85 -6.06
N ILE A 189 -29.83 -11.91 -5.87
CA ILE A 189 -29.36 -11.10 -6.99
C ILE A 189 -28.24 -11.85 -7.71
N VAL A 190 -28.35 -11.96 -9.03
CA VAL A 190 -27.32 -12.65 -9.81
C VAL A 190 -26.48 -11.58 -10.50
N ALA A 191 -27.12 -10.48 -10.89
CA ALA A 191 -26.39 -9.43 -11.55
C ALA A 191 -27.12 -8.10 -11.58
N TRP A 192 -26.33 -7.04 -11.55
CA TRP A 192 -26.82 -5.68 -11.64
C TRP A 192 -26.18 -5.23 -12.94
N LEU A 193 -27.00 -4.91 -13.93
CA LEU A 193 -26.52 -4.49 -15.23
C LEU A 193 -26.83 -3.03 -15.53
N CYS A 194 -25.79 -2.28 -15.91
CA CYS A 194 -25.95 -0.88 -16.27
C CYS A 194 -26.09 -0.87 -17.79
N LEU A 195 -27.17 -0.28 -18.30
CA LEU A 195 -27.38 -0.21 -19.74
C LEU A 195 -27.43 1.24 -20.23
N GLY A 196 -27.08 1.43 -21.50
CA GLY A 196 -27.10 2.75 -22.09
C GLY A 196 -26.46 2.71 -23.46
N PHE A 197 -26.89 3.59 -24.35
CA PHE A 197 -26.33 3.63 -25.70
C PHE A 197 -24.87 4.02 -25.63
N VAL A 198 -24.04 3.35 -26.42
CA VAL A 198 -22.64 3.74 -26.46
C VAL A 198 -22.40 4.30 -27.84
N ASP A 199 -21.38 5.14 -27.90
CA ASP A 199 -20.97 5.84 -29.09
C ASP A 199 -19.68 5.19 -29.57
N ARG A 200 -19.04 4.48 -28.66
CA ARG A 200 -17.79 3.82 -28.96
C ARG A 200 -17.51 2.65 -28.02
N LEU A 201 -16.67 1.72 -28.50
CA LEU A 201 -16.31 0.55 -27.74
C LEU A 201 -14.79 0.33 -27.81
N TYR A 202 -14.25 -0.42 -26.85
CA TYR A 202 -12.82 -0.75 -26.85
C TYR A 202 -12.72 -1.92 -27.81
N GLN A 203 -11.72 -1.94 -28.67
CA GLN A 203 -11.58 -3.02 -29.65
C GLN A 203 -11.31 -4.38 -29.01
N GLU A 204 -10.84 -4.36 -27.77
CA GLU A 204 -10.53 -5.57 -27.03
C GLU A 204 -10.94 -5.35 -25.58
N PRO A 205 -10.82 -6.38 -24.72
CA PRO A 205 -11.22 -6.13 -23.33
C PRO A 205 -10.47 -4.93 -22.76
N GLU A 206 -11.17 -4.11 -21.99
CA GLU A 206 -10.58 -2.92 -21.42
C GLU A 206 -9.54 -3.19 -20.36
N LEU A 207 -9.73 -4.24 -19.57
CA LEU A 207 -8.75 -4.57 -18.55
C LEU A 207 -7.45 -5.01 -19.21
N ALA A 208 -7.55 -5.50 -20.44
CA ALA A 208 -6.37 -5.94 -21.17
C ALA A 208 -5.70 -4.72 -21.75
N ALA A 209 -6.50 -3.73 -22.12
CA ALA A 209 -5.98 -2.51 -22.69
C ALA A 209 -5.24 -1.75 -21.61
N LYS A 210 -5.76 -1.83 -20.39
CA LYS A 210 -5.17 -1.12 -19.28
C LYS A 210 -4.11 -1.95 -18.55
N GLY A 211 -3.54 -2.91 -19.26
CA GLY A 211 -2.51 -3.75 -18.69
C GLY A 211 -2.80 -4.37 -17.34
N TRP A 212 -4.07 -4.62 -17.04
CA TRP A 212 -4.40 -5.25 -15.78
C TRP A 212 -4.34 -6.77 -15.89
N ARG A 213 -4.68 -7.31 -17.06
CA ARG A 213 -4.66 -8.76 -17.27
C ARG A 213 -4.90 -9.09 -18.73
N GLN A 214 -4.16 -10.05 -19.25
CA GLN A 214 -4.28 -10.40 -20.66
C GLN A 214 -5.19 -11.56 -21.03
N ARG A 215 -5.41 -11.74 -22.33
CA ARG A 215 -6.25 -12.81 -22.84
C ARG A 215 -5.46 -14.10 -22.76
N LEU A 216 -5.98 -15.10 -22.08
CA LEU A 216 -5.24 -16.35 -22.01
C LEU A 216 -5.28 -17.05 -23.38
N PRO A 217 -4.22 -17.82 -23.69
CA PRO A 217 -4.18 -18.51 -24.96
C PRO A 217 -5.13 -19.70 -24.90
N LEU A 218 -6.21 -19.64 -25.67
CA LEU A 218 -7.23 -20.69 -25.70
C LEU A 218 -6.73 -22.12 -25.84
N GLU A 219 -5.64 -22.32 -26.57
CA GLU A 219 -5.09 -23.67 -26.76
C GLU A 219 -4.65 -24.33 -25.45
N ASP A 220 -4.31 -23.52 -24.46
CA ASP A 220 -3.86 -24.04 -23.18
C ASP A 220 -4.99 -24.57 -22.33
N LEU A 221 -6.19 -24.10 -22.64
CA LEU A 221 -7.38 -24.48 -21.88
C LEU A 221 -8.16 -25.69 -22.41
N VAL A 222 -7.89 -26.08 -23.66
CA VAL A 222 -8.61 -27.19 -24.26
C VAL A 222 -7.94 -28.50 -24.00
N PHE A 223 -8.66 -29.42 -23.38
CA PHE A 223 -8.12 -30.75 -23.09
C PHE A 223 -8.83 -31.79 -23.96
N GLU A 224 -8.28 -33.01 -23.98
CA GLU A 224 -8.85 -34.11 -24.76
C GLU A 224 -9.05 -35.36 -23.90
N GLU A 225 -10.31 -35.79 -23.80
CA GLU A 225 -10.72 -36.99 -23.05
C GLU A 225 -10.51 -36.97 -21.53
N GLY A 226 -9.45 -36.31 -21.07
CA GLY A 226 -9.21 -36.28 -19.66
C GLY A 226 -8.50 -35.01 -19.23
N TRP A 227 -8.70 -34.61 -17.99
CA TRP A 227 -8.07 -33.41 -17.47
C TRP A 227 -6.54 -33.45 -17.60
N GLY A 228 -5.95 -32.32 -17.97
CA GLY A 228 -4.51 -32.22 -18.10
C GLY A 228 -3.91 -32.77 -19.38
N VAL A 229 -4.70 -33.53 -20.15
CA VAL A 229 -4.22 -34.10 -21.39
C VAL A 229 -4.50 -33.14 -22.55
N ARG A 230 -3.46 -32.77 -23.29
CA ARG A 230 -3.62 -31.85 -24.41
C ARG A 230 -3.90 -32.62 -25.71
N LEU B 12 -10.53 2.43 -28.38
CA LEU B 12 -11.99 2.62 -28.67
C LEU B 12 -12.25 3.07 -30.11
N THR B 13 -13.52 3.05 -30.52
CA THR B 13 -13.90 3.44 -31.88
C THR B 13 -15.26 2.91 -32.28
N ALA B 14 -15.94 3.61 -33.18
CA ALA B 14 -17.21 3.13 -33.70
C ALA B 14 -18.39 3.10 -32.76
N ALA B 15 -19.47 3.81 -33.09
CA ALA B 15 -20.68 3.79 -32.27
C ALA B 15 -21.08 2.35 -32.46
N GLY B 16 -22.33 2.06 -32.79
CA GLY B 16 -22.58 0.65 -32.99
C GLY B 16 -23.89 -0.08 -33.00
N ALA B 17 -24.96 0.47 -33.52
CA ALA B 17 -26.15 -0.37 -33.58
C ALA B 17 -25.86 -1.22 -34.81
N PHE B 18 -26.23 -2.50 -34.80
CA PHE B 18 -26.02 -3.36 -35.96
C PHE B 18 -27.07 -2.98 -36.98
N SER B 19 -26.93 -3.52 -38.19
CA SER B 19 -27.87 -3.27 -39.27
C SER B 19 -29.14 -4.06 -38.98
N SER B 20 -30.18 -3.86 -39.78
CA SER B 20 -31.40 -4.62 -39.57
C SER B 20 -31.14 -6.11 -39.78
N ASP B 21 -30.38 -6.45 -40.82
CA ASP B 21 -30.08 -7.85 -41.11
C ASP B 21 -29.24 -8.50 -40.03
N GLU B 22 -28.18 -7.81 -39.62
CA GLU B 22 -27.33 -8.37 -38.56
C GLU B 22 -28.15 -8.53 -37.29
N ARG B 23 -28.92 -7.50 -36.95
CA ARG B 23 -29.75 -7.57 -35.76
C ARG B 23 -30.67 -8.77 -35.81
N ALA B 24 -31.30 -8.98 -36.95
CA ALA B 24 -32.23 -10.10 -37.10
C ALA B 24 -31.55 -11.44 -36.85
N ALA B 25 -30.34 -11.61 -37.38
CA ALA B 25 -29.63 -12.87 -37.20
C ALA B 25 -29.33 -13.15 -35.74
N VAL B 26 -28.82 -12.15 -35.02
CA VAL B 26 -28.50 -12.35 -33.61
C VAL B 26 -29.76 -12.80 -32.92
N TYR B 27 -30.82 -12.01 -33.08
CA TYR B 27 -32.09 -12.38 -32.46
C TYR B 27 -32.53 -13.78 -32.86
N ARG B 28 -32.28 -14.15 -34.10
CA ARG B 28 -32.69 -15.45 -34.60
C ARG B 28 -31.98 -16.57 -33.87
N ALA B 29 -30.69 -16.42 -33.63
CA ALA B 29 -29.96 -17.46 -32.93
C ALA B 29 -30.55 -17.55 -31.52
N ILE B 30 -30.79 -16.39 -30.91
CA ILE B 30 -31.35 -16.32 -29.57
C ILE B 30 -32.73 -16.94 -29.47
N GLU B 31 -33.62 -16.58 -30.39
CA GLU B 31 -34.99 -17.09 -30.40
C GLU B 31 -35.18 -18.51 -30.92
N THR B 32 -34.12 -19.15 -31.43
CA THR B 32 -34.30 -20.50 -31.96
C THR B 32 -33.48 -21.62 -31.35
N ARG B 33 -32.44 -21.32 -30.57
CA ARG B 33 -31.69 -22.44 -29.99
C ARG B 33 -32.57 -23.17 -29.01
N ARG B 34 -32.23 -24.44 -28.81
CA ARG B 34 -32.99 -25.31 -27.93
C ARG B 34 -32.01 -26.24 -27.23
N ASP B 35 -32.47 -26.92 -26.18
CA ASP B 35 -31.57 -27.88 -25.56
C ASP B 35 -31.91 -29.08 -26.40
N VAL B 36 -30.92 -29.74 -26.95
CA VAL B 36 -31.19 -30.88 -27.79
C VAL B 36 -30.79 -32.14 -27.08
N ARG B 37 -31.74 -33.06 -27.00
CA ARG B 37 -31.51 -34.34 -26.35
C ARG B 37 -31.49 -35.50 -27.34
N ASP B 38 -32.57 -35.65 -28.11
CA ASP B 38 -32.71 -36.78 -29.02
C ASP B 38 -32.50 -36.62 -30.54
N GLU B 39 -32.32 -35.40 -31.06
CA GLU B 39 -32.16 -35.23 -32.51
C GLU B 39 -30.73 -35.07 -33.03
N PHE B 40 -29.72 -35.54 -32.28
CA PHE B 40 -28.33 -35.44 -32.72
C PHE B 40 -27.97 -36.34 -33.91
N LEU B 41 -27.11 -35.84 -34.80
CA LEU B 41 -26.67 -36.60 -35.97
C LEU B 41 -25.31 -37.23 -35.71
N PRO B 42 -25.05 -38.42 -36.24
CA PRO B 42 -23.78 -39.12 -36.05
C PRO B 42 -22.55 -38.44 -36.65
N GLU B 43 -22.74 -37.70 -37.74
CA GLU B 43 -21.59 -37.05 -38.37
C GLU B 43 -20.78 -36.25 -37.38
N PRO B 44 -19.45 -36.48 -37.35
CA PRO B 44 -18.55 -35.77 -36.44
C PRO B 44 -18.35 -34.32 -36.87
N LEU B 45 -17.89 -33.49 -35.93
CA LEU B 45 -17.66 -32.09 -36.24
C LEU B 45 -16.19 -31.93 -36.59
N SER B 46 -15.89 -31.07 -37.56
CA SER B 46 -14.50 -30.88 -37.93
C SER B 46 -13.76 -30.15 -36.82
N GLU B 47 -12.44 -30.28 -36.86
CA GLU B 47 -11.59 -29.64 -35.88
C GLU B 47 -11.76 -28.12 -36.01
N GLU B 48 -11.95 -27.67 -37.25
CA GLU B 48 -12.12 -26.25 -37.54
C GLU B 48 -13.44 -25.72 -36.94
N LEU B 49 -14.48 -26.53 -36.98
CA LEU B 49 -15.78 -26.13 -36.45
C LEU B 49 -15.70 -26.01 -34.93
N ILE B 50 -15.19 -27.06 -34.29
CA ILE B 50 -15.07 -27.08 -32.84
C ILE B 50 -14.28 -25.86 -32.37
N ALA B 51 -13.20 -25.55 -33.07
CA ALA B 51 -12.39 -24.41 -32.69
C ALA B 51 -13.22 -23.14 -32.72
N ARG B 52 -14.03 -22.95 -33.76
CA ARG B 52 -14.85 -21.75 -33.81
C ARG B 52 -15.85 -21.72 -32.65
N LEU B 53 -16.37 -22.88 -32.25
CA LEU B 53 -17.34 -22.94 -31.15
C LEU B 53 -16.69 -22.64 -29.80
N LEU B 54 -15.47 -23.13 -29.61
CA LEU B 54 -14.74 -22.89 -28.37
C LEU B 54 -14.23 -21.46 -28.40
N GLY B 55 -13.93 -20.99 -29.61
CA GLY B 55 -13.43 -19.66 -29.79
C GLY B 55 -14.50 -18.68 -29.37
N ALA B 56 -15.75 -19.04 -29.61
CA ALA B 56 -16.80 -18.16 -29.21
C ALA B 56 -16.76 -18.15 -27.69
N ALA B 57 -16.94 -19.33 -27.11
CA ALA B 57 -16.97 -19.50 -25.66
C ALA B 57 -15.89 -18.66 -24.99
N HIS B 58 -14.68 -18.76 -25.51
CA HIS B 58 -13.54 -18.05 -24.94
C HIS B 58 -13.66 -16.52 -24.97
N GLN B 59 -14.60 -16.03 -25.77
CA GLN B 59 -14.79 -14.59 -25.85
C GLN B 59 -15.93 -14.09 -24.96
N ALA B 60 -16.21 -14.82 -23.89
CA ALA B 60 -17.26 -14.42 -22.97
C ALA B 60 -16.65 -13.50 -21.91
N PRO B 61 -17.50 -12.75 -21.21
CA PRO B 61 -16.89 -11.88 -20.20
C PRO B 61 -16.57 -12.77 -18.99
N SER B 62 -15.61 -12.34 -18.17
CA SER B 62 -15.25 -13.11 -16.99
C SER B 62 -14.73 -12.13 -15.96
N VAL B 63 -15.18 -12.35 -14.72
CA VAL B 63 -14.83 -11.50 -13.57
C VAL B 63 -13.32 -11.32 -13.44
N GLY B 64 -12.89 -10.05 -13.38
CA GLY B 64 -11.47 -9.72 -13.30
C GLY B 64 -10.72 -10.11 -14.56
N PHE B 65 -11.43 -10.75 -15.47
CA PHE B 65 -10.88 -11.26 -16.73
C PHE B 65 -9.96 -12.40 -16.37
N MET B 66 -10.34 -13.13 -15.33
CA MET B 66 -9.55 -14.25 -14.87
C MET B 66 -9.67 -15.40 -15.87
N GLN B 67 -10.73 -15.39 -16.68
CA GLN B 67 -10.96 -16.43 -17.68
C GLN B 67 -10.68 -17.78 -17.02
N PRO B 68 -11.47 -18.12 -16.01
CA PRO B 68 -11.38 -19.36 -15.22
C PRO B 68 -11.74 -20.66 -15.88
N TRP B 69 -12.08 -20.64 -17.16
CA TRP B 69 -12.53 -21.87 -17.78
C TRP B 69 -11.59 -22.82 -18.49
N ASN B 70 -12.06 -24.06 -18.54
CA ASN B 70 -11.40 -25.17 -19.20
C ASN B 70 -12.48 -26.00 -19.88
N PHE B 71 -12.10 -26.58 -21.01
CA PHE B 71 -13.02 -27.41 -21.77
C PHE B 71 -12.33 -28.74 -21.97
N VAL B 72 -12.94 -29.80 -21.47
CA VAL B 72 -12.38 -31.12 -21.66
C VAL B 72 -13.26 -31.73 -22.75
N LEU B 73 -12.69 -32.01 -23.91
CA LEU B 73 -13.48 -32.61 -24.98
C LEU B 73 -13.57 -34.13 -24.82
N VAL B 74 -14.78 -34.66 -25.00
CA VAL B 74 -15.00 -36.08 -24.88
C VAL B 74 -15.51 -36.65 -26.20
N ARG B 75 -14.78 -37.60 -26.75
CA ARG B 75 -15.16 -38.18 -28.03
C ARG B 75 -15.25 -39.69 -28.08
N GLN B 76 -14.75 -40.38 -27.06
CA GLN B 76 -14.76 -41.84 -27.10
C GLN B 76 -15.87 -42.60 -26.38
N ASP B 77 -16.22 -43.76 -26.93
CA ASP B 77 -17.28 -44.61 -26.40
C ASP B 77 -17.12 -45.09 -24.96
N GLU B 78 -15.94 -45.51 -24.56
CA GLU B 78 -15.80 -45.96 -23.19
C GLU B 78 -16.27 -44.85 -22.23
N THR B 79 -15.68 -43.68 -22.38
CA THR B 79 -16.01 -42.54 -21.53
C THR B 79 -17.47 -42.13 -21.58
N ARG B 80 -18.03 -42.02 -22.78
CA ARG B 80 -19.42 -41.64 -22.90
C ARG B 80 -20.37 -42.69 -22.33
N GLU B 81 -19.84 -43.88 -22.06
CA GLU B 81 -20.64 -44.96 -21.49
C GLU B 81 -20.68 -44.82 -19.98
N LYS B 82 -19.52 -44.53 -19.37
CA LYS B 82 -19.39 -44.35 -17.93
C LYS B 82 -20.21 -43.15 -17.48
N VAL B 83 -20.11 -42.07 -18.25
CA VAL B 83 -20.83 -40.86 -17.93
C VAL B 83 -22.33 -41.12 -18.05
N TRP B 84 -22.72 -41.80 -19.13
CA TRP B 84 -24.13 -42.10 -19.31
C TRP B 84 -24.61 -42.90 -18.10
N GLN B 85 -23.84 -43.90 -17.70
CA GLN B 85 -24.18 -44.71 -16.54
C GLN B 85 -24.34 -43.78 -15.33
N ALA B 86 -23.46 -42.78 -15.25
CA ALA B 86 -23.53 -41.80 -14.17
C ALA B 86 -24.83 -41.00 -14.24
N PHE B 87 -25.31 -40.75 -15.45
CA PHE B 87 -26.57 -40.02 -15.64
C PHE B 87 -27.64 -40.86 -14.99
N GLN B 88 -27.91 -42.03 -15.55
CA GLN B 88 -28.90 -42.93 -14.95
C GLN B 88 -28.30 -43.05 -13.55
N ARG B 89 -29.12 -43.38 -12.56
CA ARG B 89 -28.69 -43.46 -11.14
C ARG B 89 -29.13 -42.12 -10.63
N ALA B 90 -28.52 -41.08 -11.20
CA ALA B 90 -28.86 -39.72 -10.84
C ALA B 90 -30.30 -39.47 -11.27
N ASN B 91 -30.62 -39.89 -12.49
CA ASN B 91 -31.96 -39.68 -13.02
C ASN B 91 -32.98 -40.53 -12.28
N ASP B 92 -32.59 -41.72 -11.82
CA ASP B 92 -33.50 -42.57 -11.08
C ASP B 92 -33.88 -41.85 -9.79
N GLU B 93 -32.88 -41.27 -9.14
CA GLU B 93 -33.11 -40.54 -7.92
C GLU B 93 -34.03 -39.38 -8.25
N ALA B 94 -33.70 -38.64 -9.29
CA ALA B 94 -34.53 -37.51 -9.65
C ALA B 94 -35.98 -37.97 -9.73
N ALA B 95 -36.24 -38.91 -10.63
CA ALA B 95 -37.59 -39.43 -10.83
C ALA B 95 -38.32 -39.68 -9.51
N GLU B 96 -37.63 -40.32 -8.58
CA GLU B 96 -38.23 -40.61 -7.29
C GLU B 96 -38.67 -39.37 -6.52
N MET B 97 -38.41 -38.18 -7.06
CA MET B 97 -38.80 -36.96 -6.36
C MET B 97 -40.19 -36.52 -6.76
N PHE B 98 -40.72 -37.16 -7.79
CA PHE B 98 -42.06 -36.88 -8.29
C PHE B 98 -42.94 -38.07 -8.00
N SER B 99 -44.23 -37.84 -7.82
CA SER B 99 -45.17 -38.91 -7.55
C SER B 99 -46.23 -38.99 -8.65
N GLY B 100 -47.21 -39.86 -8.42
CA GLY B 100 -48.32 -40.05 -9.34
C GLY B 100 -48.12 -39.79 -10.83
N GLU B 101 -48.79 -38.77 -11.32
CA GLU B 101 -48.74 -38.38 -12.73
C GLU B 101 -47.41 -37.82 -13.19
N ARG B 102 -46.97 -36.74 -12.56
CA ARG B 102 -45.70 -36.13 -12.93
C ARG B 102 -44.63 -37.19 -13.15
N GLN B 103 -44.32 -37.96 -12.10
CA GLN B 103 -43.29 -38.99 -12.22
C GLN B 103 -43.35 -39.66 -13.58
N ALA B 104 -44.53 -40.10 -13.97
CA ALA B 104 -44.70 -40.76 -15.25
C ALA B 104 -44.09 -39.87 -16.34
N LYS B 105 -44.54 -38.62 -16.36
CA LYS B 105 -44.06 -37.63 -17.32
C LYS B 105 -42.53 -37.49 -17.26
N TYR B 106 -42.01 -37.23 -16.06
CA TYR B 106 -40.58 -37.09 -15.89
C TYR B 106 -39.87 -38.28 -16.51
N ARG B 107 -40.19 -39.47 -16.00
CA ARG B 107 -39.61 -40.72 -16.45
C ARG B 107 -39.77 -41.00 -17.94
N SER B 108 -40.56 -40.17 -18.61
CA SER B 108 -40.83 -40.33 -20.05
C SER B 108 -40.16 -39.28 -20.92
N LEU B 109 -39.55 -38.28 -20.29
CA LEU B 109 -38.87 -37.22 -21.01
C LEU B 109 -37.49 -37.70 -21.37
N LYS B 110 -36.90 -37.07 -22.39
CA LYS B 110 -35.55 -37.40 -22.82
C LYS B 110 -34.73 -36.24 -22.26
N LEU B 111 -33.80 -36.53 -21.37
CA LEU B 111 -33.01 -35.48 -20.75
C LEU B 111 -31.52 -35.50 -21.03
N GLU B 112 -31.13 -36.08 -22.15
CA GLU B 112 -29.73 -36.16 -22.54
C GLU B 112 -29.58 -37.06 -23.75
N GLY B 113 -28.47 -36.89 -24.45
CA GLY B 113 -28.16 -37.69 -25.62
C GLY B 113 -26.66 -37.95 -25.56
N ILE B 114 -26.19 -38.24 -24.35
CA ILE B 114 -24.78 -38.48 -24.09
C ILE B 114 -24.17 -39.42 -25.11
N ARG B 115 -24.82 -40.57 -25.29
CA ARG B 115 -24.38 -41.58 -26.24
C ARG B 115 -24.57 -41.18 -27.70
N LYS B 116 -25.78 -40.73 -28.02
CA LYS B 116 -26.14 -40.31 -29.37
C LYS B 116 -25.22 -39.22 -29.96
N ALA B 117 -25.01 -38.13 -29.23
CA ALA B 117 -24.16 -37.04 -29.71
C ALA B 117 -22.67 -37.40 -29.83
N PRO B 118 -22.08 -37.14 -31.01
CA PRO B 118 -20.67 -37.41 -31.31
C PRO B 118 -19.67 -36.74 -30.38
N LEU B 119 -19.86 -35.46 -30.10
CA LEU B 119 -18.96 -34.77 -29.19
C LEU B 119 -19.69 -34.20 -27.96
N SER B 120 -19.02 -34.31 -26.81
CA SER B 120 -19.52 -33.82 -25.55
C SER B 120 -18.43 -32.90 -24.99
N ILE B 121 -18.81 -31.78 -24.38
CA ILE B 121 -17.83 -30.89 -23.78
C ILE B 121 -18.10 -30.67 -22.29
N CYS B 122 -17.06 -30.82 -21.48
CA CYS B 122 -17.21 -30.61 -20.05
C CYS B 122 -16.54 -29.28 -19.77
N VAL B 123 -17.37 -28.28 -19.47
CA VAL B 123 -16.88 -26.94 -19.19
C VAL B 123 -16.74 -26.82 -17.71
N THR B 124 -15.53 -26.51 -17.27
CA THR B 124 -15.24 -26.40 -15.85
C THR B 124 -14.74 -25.02 -15.48
N CYS B 125 -14.72 -24.76 -14.17
CA CYS B 125 -14.27 -23.48 -13.64
C CYS B 125 -13.16 -23.69 -12.61
N ASP B 126 -12.03 -23.01 -12.81
CA ASP B 126 -10.92 -23.12 -11.88
C ASP B 126 -11.11 -22.08 -10.78
N ARG B 127 -11.55 -22.52 -9.61
CA ARG B 127 -11.79 -21.61 -8.51
C ARG B 127 -10.57 -20.87 -7.98
N THR B 128 -9.38 -21.17 -8.50
CA THR B 128 -8.19 -20.49 -8.02
C THR B 128 -7.33 -19.92 -9.14
N ARG B 129 -7.93 -19.73 -10.31
CA ARG B 129 -7.17 -19.17 -11.41
C ARG B 129 -6.76 -17.76 -11.03
N GLY B 130 -5.68 -17.30 -11.65
CA GLY B 130 -5.17 -15.96 -11.36
C GLY B 130 -4.42 -15.90 -10.04
N GLY B 131 -4.59 -14.77 -9.34
CA GLY B 131 -3.93 -14.57 -8.06
C GLY B 131 -4.81 -14.80 -6.84
N ALA B 132 -4.35 -14.28 -5.70
CA ALA B 132 -5.06 -14.41 -4.42
C ALA B 132 -6.30 -13.54 -4.32
N VAL B 133 -6.23 -12.36 -4.93
CA VAL B 133 -7.36 -11.42 -4.93
C VAL B 133 -7.92 -11.35 -6.35
N VAL B 134 -8.84 -10.41 -6.60
CA VAL B 134 -9.44 -10.25 -7.92
C VAL B 134 -10.68 -9.36 -7.85
N LEU B 135 -11.06 -8.80 -9.00
CA LEU B 135 -12.23 -7.93 -9.12
C LEU B 135 -13.46 -8.82 -9.01
N GLY B 136 -14.63 -8.21 -8.87
CA GLY B 136 -15.87 -8.97 -8.77
C GLY B 136 -15.85 -10.01 -7.67
N ARG B 137 -15.02 -11.04 -7.86
CA ARG B 137 -14.84 -12.14 -6.91
C ARG B 137 -14.09 -11.58 -5.69
N THR B 138 -14.77 -10.70 -4.95
CA THR B 138 -14.22 -10.05 -3.77
C THR B 138 -14.97 -10.48 -2.51
N HIS B 139 -16.29 -10.37 -2.57
CA HIS B 139 -17.17 -10.75 -1.45
C HIS B 139 -18.28 -11.61 -2.07
N ASN B 140 -18.22 -11.75 -3.40
CA ASN B 140 -19.18 -12.53 -4.17
C ASN B 140 -18.41 -13.57 -4.99
N PRO B 141 -18.12 -14.73 -4.36
CA PRO B 141 -17.38 -15.85 -4.94
C PRO B 141 -17.98 -16.41 -6.23
N GLN B 142 -19.30 -16.48 -6.27
CA GLN B 142 -20.04 -17.02 -7.41
C GLN B 142 -19.58 -16.48 -8.76
N MET B 143 -19.19 -15.22 -8.80
CA MET B 143 -18.81 -14.58 -10.06
C MET B 143 -17.90 -15.35 -11.01
N ASP B 144 -16.94 -16.10 -10.50
CA ASP B 144 -16.09 -16.84 -11.41
C ASP B 144 -16.93 -17.92 -12.12
N LEU B 145 -17.83 -18.54 -11.36
CA LEU B 145 -18.72 -19.55 -11.93
C LEU B 145 -19.64 -18.84 -12.94
N TYR B 146 -20.27 -17.74 -12.53
CA TYR B 146 -21.15 -17.01 -13.43
C TYR B 146 -20.43 -16.70 -14.74
N SER B 147 -19.17 -16.32 -14.64
CA SER B 147 -18.39 -16.00 -15.83
C SER B 147 -18.39 -17.22 -16.73
N THR B 148 -18.17 -18.37 -16.12
CA THR B 148 -18.12 -19.63 -16.84
C THR B 148 -19.42 -19.97 -17.59
N VAL B 149 -20.57 -19.69 -16.98
CA VAL B 149 -21.84 -19.96 -17.63
C VAL B 149 -21.99 -19.08 -18.86
N CYS B 150 -21.48 -17.86 -18.80
CA CYS B 150 -21.55 -16.97 -19.96
C CYS B 150 -20.84 -17.66 -21.13
N ALA B 151 -19.68 -18.22 -20.83
CA ALA B 151 -18.93 -18.95 -21.83
C ALA B 151 -19.87 -19.94 -22.55
N VAL B 152 -20.63 -20.69 -21.75
CA VAL B 152 -21.56 -21.68 -22.28
C VAL B 152 -22.66 -21.09 -23.14
N GLN B 153 -23.28 -20.03 -22.67
CA GLN B 153 -24.36 -19.42 -23.43
C GLN B 153 -23.82 -19.01 -24.81
N ASN B 154 -22.61 -18.44 -24.84
CA ASN B 154 -21.99 -18.03 -26.10
C ASN B 154 -21.81 -19.23 -27.04
N LEU B 155 -21.27 -20.32 -26.51
CA LEU B 155 -21.09 -21.53 -27.29
C LEU B 155 -22.42 -21.95 -27.90
N TRP B 156 -23.43 -22.08 -27.06
CA TRP B 156 -24.77 -22.47 -27.46
C TRP B 156 -25.26 -21.69 -28.69
N LEU B 157 -25.14 -20.36 -28.65
CA LEU B 157 -25.60 -19.53 -29.75
C LEU B 157 -24.76 -19.72 -31.00
N ALA B 158 -23.45 -19.63 -30.86
CA ALA B 158 -22.60 -19.83 -32.01
C ALA B 158 -22.96 -21.20 -32.60
N ALA B 159 -23.27 -22.16 -31.73
CA ALA B 159 -23.61 -23.49 -32.20
C ALA B 159 -24.88 -23.45 -33.06
N ARG B 160 -25.94 -22.84 -32.53
CA ARG B 160 -27.18 -22.76 -33.30
C ARG B 160 -26.83 -22.22 -34.66
N ALA B 161 -26.03 -21.15 -34.66
CA ALA B 161 -25.63 -20.53 -35.91
C ALA B 161 -24.98 -21.55 -36.83
N GLU B 162 -24.03 -22.31 -36.29
CA GLU B 162 -23.32 -23.32 -37.06
C GLU B 162 -24.19 -24.53 -37.41
N GLY B 163 -25.46 -24.49 -37.02
CA GLY B 163 -26.33 -25.62 -37.32
C GLY B 163 -25.99 -26.78 -36.39
N VAL B 164 -25.31 -26.49 -35.29
CA VAL B 164 -24.94 -27.54 -34.35
C VAL B 164 -25.90 -27.51 -33.19
N GLY B 165 -26.28 -28.69 -32.72
CA GLY B 165 -27.17 -28.80 -31.59
C GLY B 165 -26.37 -28.87 -30.31
N VAL B 166 -26.94 -28.39 -29.22
CA VAL B 166 -26.24 -28.40 -27.94
C VAL B 166 -27.22 -28.77 -26.85
N GLY B 167 -26.76 -29.55 -25.88
CA GLY B 167 -27.62 -29.95 -24.80
C GLY B 167 -26.86 -29.93 -23.50
N TRP B 168 -27.40 -29.22 -22.50
CA TRP B 168 -26.79 -29.13 -21.18
C TRP B 168 -27.33 -30.29 -20.33
N VAL B 169 -26.44 -31.11 -19.80
CA VAL B 169 -26.90 -32.20 -18.96
C VAL B 169 -26.37 -31.87 -17.57
N SER B 170 -27.24 -31.91 -16.58
CA SER B 170 -26.81 -31.58 -15.22
C SER B 170 -27.29 -32.62 -14.20
N ILE B 171 -27.91 -33.68 -14.70
CA ILE B 171 -28.40 -34.69 -13.81
C ILE B 171 -27.38 -35.77 -13.50
N PHE B 172 -26.57 -35.51 -12.48
CA PHE B 172 -25.55 -36.44 -12.01
C PHE B 172 -24.67 -35.89 -10.90
N HIS B 173 -24.22 -36.78 -10.04
CA HIS B 173 -23.35 -36.43 -8.94
C HIS B 173 -22.01 -35.95 -9.49
N GLU B 174 -21.68 -34.70 -9.22
CA GLU B 174 -20.43 -34.12 -9.71
C GLU B 174 -19.19 -34.96 -9.43
N SER B 175 -19.10 -35.53 -8.23
CA SER B 175 -17.95 -36.36 -7.85
C SER B 175 -17.65 -37.46 -8.85
N GLU B 176 -18.68 -38.20 -9.25
CA GLU B 176 -18.55 -39.27 -10.24
C GLU B 176 -17.94 -38.72 -11.53
N ILE B 177 -18.59 -37.70 -12.09
CA ILE B 177 -18.10 -37.10 -13.32
C ILE B 177 -16.68 -36.60 -13.18
N LYS B 178 -16.38 -35.99 -12.03
CA LYS B 178 -15.03 -35.48 -11.77
C LYS B 178 -14.04 -36.64 -11.77
N ALA B 179 -14.42 -37.73 -11.11
CA ALA B 179 -13.57 -38.90 -11.05
C ALA B 179 -13.39 -39.48 -12.45
N ILE B 180 -14.50 -39.63 -13.19
CA ILE B 180 -14.40 -40.20 -14.53
C ILE B 180 -13.53 -39.35 -15.46
N LEU B 181 -13.41 -38.06 -15.17
CA LEU B 181 -12.59 -37.18 -15.99
C LEU B 181 -11.24 -36.81 -15.36
N GLY B 182 -11.06 -37.20 -14.09
CA GLY B 182 -9.81 -36.92 -13.40
C GLY B 182 -9.59 -35.43 -13.19
N ILE B 183 -10.64 -34.75 -12.75
CA ILE B 183 -10.56 -33.34 -12.52
C ILE B 183 -10.19 -33.05 -11.07
N PRO B 184 -9.23 -32.12 -10.88
CA PRO B 184 -8.77 -31.74 -9.54
C PRO B 184 -9.98 -31.32 -8.74
N ASP B 185 -9.86 -31.36 -7.42
CA ASP B 185 -10.99 -30.93 -6.60
C ASP B 185 -10.98 -29.42 -6.45
N HIS B 186 -9.88 -28.79 -6.83
CA HIS B 186 -9.83 -27.33 -6.74
C HIS B 186 -10.54 -26.76 -7.97
N VAL B 187 -10.87 -27.65 -8.90
CA VAL B 187 -11.57 -27.31 -10.14
C VAL B 187 -13.01 -27.79 -10.07
N GLU B 188 -13.94 -26.99 -10.60
CA GLU B 188 -15.36 -27.33 -10.55
C GLU B 188 -16.08 -27.42 -11.88
N ILE B 189 -17.01 -28.38 -11.98
CA ILE B 189 -17.77 -28.57 -13.20
C ILE B 189 -18.98 -27.64 -13.20
N VAL B 190 -19.07 -26.82 -14.24
CA VAL B 190 -20.17 -25.91 -14.40
C VAL B 190 -21.19 -26.60 -15.30
N ALA B 191 -20.71 -27.18 -16.39
CA ALA B 191 -21.61 -27.84 -17.33
C ALA B 191 -21.04 -28.96 -18.17
N TRP B 192 -21.91 -29.91 -18.50
CA TRP B 192 -21.58 -31.03 -19.37
C TRP B 192 -22.42 -30.73 -20.59
N LEU B 193 -21.80 -30.64 -21.75
CA LEU B 193 -22.55 -30.33 -22.94
C LEU B 193 -22.46 -31.39 -24.02
N CYS B 194 -23.63 -31.83 -24.52
CA CYS B 194 -23.67 -32.79 -25.61
C CYS B 194 -23.78 -31.97 -26.89
N LEU B 195 -22.99 -32.33 -27.89
CA LEU B 195 -23.01 -31.62 -29.17
C LEU B 195 -23.11 -32.54 -30.39
N GLY B 196 -23.74 -32.01 -31.43
CA GLY B 196 -23.93 -32.74 -32.66
C GLY B 196 -24.82 -31.97 -33.63
N PHE B 197 -24.54 -32.06 -34.92
CA PHE B 197 -25.35 -31.38 -35.91
C PHE B 197 -26.79 -31.81 -35.69
N VAL B 198 -27.75 -31.00 -36.13
CA VAL B 198 -29.15 -31.38 -36.03
C VAL B 198 -29.84 -30.70 -37.19
N ASP B 199 -30.78 -31.42 -37.81
CA ASP B 199 -31.51 -30.91 -38.96
C ASP B 199 -32.95 -30.62 -38.58
N ARG B 200 -33.33 -31.01 -37.37
CA ARG B 200 -34.68 -30.76 -36.91
C ARG B 200 -34.60 -30.08 -35.55
N LEU B 201 -35.45 -29.09 -35.33
CA LEU B 201 -35.48 -28.38 -34.06
C LEU B 201 -36.89 -28.05 -33.66
N TYR B 202 -37.18 -28.13 -32.37
CA TYR B 202 -38.50 -27.79 -31.88
C TYR B 202 -38.64 -26.28 -32.10
N GLN B 203 -39.87 -25.81 -32.30
CA GLN B 203 -40.13 -24.39 -32.54
C GLN B 203 -40.36 -23.65 -31.22
N GLU B 204 -40.39 -24.41 -30.15
CA GLU B 204 -40.55 -23.87 -28.82
C GLU B 204 -39.88 -24.87 -27.89
N PRO B 205 -39.69 -24.51 -26.61
CA PRO B 205 -39.04 -25.45 -25.71
C PRO B 205 -39.77 -26.77 -25.68
N GLU B 206 -39.01 -27.83 -25.94
CA GLU B 206 -39.52 -29.20 -25.98
C GLU B 206 -40.24 -29.48 -24.67
N LEU B 207 -39.62 -29.10 -23.57
CA LEU B 207 -40.20 -29.32 -22.27
C LEU B 207 -41.60 -28.71 -22.16
N ALA B 208 -41.90 -27.74 -23.03
CA ALA B 208 -43.23 -27.10 -23.03
C ALA B 208 -44.15 -27.95 -23.90
N ALA B 209 -43.64 -28.28 -25.08
CA ALA B 209 -44.38 -29.09 -26.03
C ALA B 209 -44.88 -30.37 -25.34
N LYS B 210 -43.97 -31.12 -24.72
CA LYS B 210 -44.35 -32.35 -24.03
C LYS B 210 -45.18 -32.07 -22.76
N GLY B 211 -45.71 -30.86 -22.67
CA GLY B 211 -46.52 -30.50 -21.53
C GLY B 211 -45.94 -30.68 -20.13
N TRP B 212 -44.67 -30.31 -19.93
CA TRP B 212 -44.05 -30.42 -18.62
C TRP B 212 -44.14 -29.10 -17.87
N ARG B 213 -44.08 -28.00 -18.62
CA ARG B 213 -44.15 -26.67 -18.03
C ARG B 213 -44.25 -25.67 -19.18
N GLN B 214 -45.07 -24.64 -19.00
CA GLN B 214 -45.26 -23.64 -20.04
C GLN B 214 -44.34 -22.43 -19.91
N ARG B 215 -44.31 -21.61 -20.94
CA ARG B 215 -43.51 -20.41 -20.94
C ARG B 215 -44.25 -19.37 -20.12
N LEU B 216 -43.56 -18.79 -19.15
CA LEU B 216 -44.15 -17.76 -18.28
C LEU B 216 -44.33 -16.43 -18.98
N PRO B 217 -45.38 -15.70 -18.62
CA PRO B 217 -45.65 -14.39 -19.22
C PRO B 217 -44.63 -13.40 -18.69
N LEU B 218 -43.76 -12.91 -19.57
CA LEU B 218 -42.71 -11.96 -19.19
C LEU B 218 -43.26 -10.72 -18.48
N GLU B 219 -44.40 -10.23 -18.97
CA GLU B 219 -45.05 -9.05 -18.45
C GLU B 219 -45.17 -8.94 -16.94
N ASP B 220 -45.30 -10.07 -16.25
CA ASP B 220 -45.42 -10.00 -14.81
C ASP B 220 -44.20 -10.57 -14.11
N LEU B 221 -43.06 -10.39 -14.77
CA LEU B 221 -41.77 -10.84 -14.27
C LEU B 221 -40.90 -9.61 -14.19
N VAL B 222 -41.40 -8.52 -14.76
CA VAL B 222 -40.71 -7.24 -14.87
C VAL B 222 -41.24 -6.23 -13.87
N PHE B 223 -40.37 -5.73 -13.00
CA PHE B 223 -40.77 -4.75 -11.99
C PHE B 223 -40.18 -3.36 -12.24
N GLU B 224 -40.87 -2.34 -11.74
CA GLU B 224 -40.43 -0.97 -11.90
C GLU B 224 -39.87 -0.31 -10.63
N GLU B 225 -38.57 -0.04 -10.63
CA GLU B 225 -37.90 0.64 -9.51
C GLU B 225 -37.87 -0.04 -8.17
N GLY B 226 -38.66 -1.09 -7.99
CA GLY B 226 -38.66 -1.76 -6.71
C GLY B 226 -39.30 -3.11 -6.86
N TRP B 227 -38.80 -4.07 -6.10
CA TRP B 227 -39.36 -5.42 -6.19
C TRP B 227 -40.87 -5.47 -6.12
N GLY B 228 -41.44 -6.40 -6.86
CA GLY B 228 -42.89 -6.56 -6.86
C GLY B 228 -43.75 -5.38 -7.28
N VAL B 229 -43.15 -4.33 -7.84
CA VAL B 229 -43.92 -3.16 -8.28
C VAL B 229 -44.07 -3.22 -9.81
N ARG B 230 -45.30 -3.29 -10.31
CA ARG B 230 -45.48 -3.33 -11.76
C ARG B 230 -45.47 -1.92 -12.36
N LEU C 12 -7.19 38.23 8.06
CA LEU C 12 -8.56 38.77 8.31
C LEU C 12 -9.21 39.22 7.01
N THR C 13 -10.29 38.55 6.61
CA THR C 13 -10.97 38.89 5.36
C THR C 13 -12.50 38.97 5.41
N ALA C 14 -13.08 39.40 4.29
CA ALA C 14 -14.53 39.55 4.17
C ALA C 14 -15.24 38.23 4.40
N ALA C 15 -16.46 38.34 4.93
CA ALA C 15 -17.27 37.18 5.22
C ALA C 15 -18.72 37.60 5.41
N GLY C 16 -19.63 36.71 5.02
CA GLY C 16 -21.04 36.98 5.15
C GLY C 16 -21.72 35.65 5.31
N ALA C 17 -23.04 35.61 5.14
CA ALA C 17 -23.76 34.35 5.27
C ALA C 17 -23.44 33.38 4.13
N PHE C 18 -23.87 32.14 4.32
CA PHE C 18 -23.71 31.10 3.31
C PHE C 18 -24.89 31.33 2.38
N SER C 19 -24.84 30.79 1.18
CA SER C 19 -25.96 30.97 0.26
C SER C 19 -27.12 30.18 0.85
N SER C 20 -28.29 30.33 0.26
CA SER C 20 -29.47 29.63 0.75
C SER C 20 -29.17 28.12 0.76
N ASP C 21 -28.70 27.62 -0.38
CA ASP C 21 -28.39 26.21 -0.51
C ASP C 21 -27.43 25.71 0.54
N GLU C 22 -26.35 26.44 0.75
CA GLU C 22 -25.36 26.06 1.75
C GLU C 22 -26.01 26.08 3.12
N ARG C 23 -26.62 27.20 3.46
CA ARG C 23 -27.25 27.34 4.75
C ARG C 23 -28.15 26.15 5.02
N ALA C 24 -28.66 25.55 3.95
CA ALA C 24 -29.55 24.40 4.08
C ALA C 24 -28.79 23.10 4.31
N ALA C 25 -27.60 22.99 3.73
CA ALA C 25 -26.82 21.78 3.93
C ALA C 25 -26.40 21.69 5.39
N VAL C 26 -25.84 22.78 5.91
CA VAL C 26 -25.38 22.85 7.29
C VAL C 26 -26.50 22.43 8.22
N TYR C 27 -27.68 23.00 8.01
CA TYR C 27 -28.82 22.66 8.84
C TYR C 27 -29.27 21.22 8.69
N ARG C 28 -28.98 20.63 7.55
CA ARG C 28 -29.40 19.27 7.34
C ARG C 28 -28.53 18.36 8.17
N ALA C 29 -27.25 18.68 8.30
CA ALA C 29 -26.37 17.83 9.10
C ALA C 29 -26.84 17.85 10.56
N ILE C 30 -27.07 19.06 11.07
CA ILE C 30 -27.51 19.25 12.45
C ILE C 30 -28.87 18.61 12.70
N GLU C 31 -29.73 18.66 11.69
CA GLU C 31 -31.09 18.13 11.81
C GLU C 31 -31.29 16.63 11.61
N THR C 32 -30.38 15.97 10.92
CA THR C 32 -30.58 14.55 10.68
C THR C 32 -29.63 13.59 11.38
N ARG C 33 -28.47 14.06 11.84
CA ARG C 33 -27.57 13.14 12.50
C ARG C 33 -28.20 12.56 13.75
N ARG C 34 -27.95 11.26 13.96
CA ARG C 34 -28.48 10.54 15.11
C ARG C 34 -27.34 9.81 15.78
N ASP C 35 -27.58 9.31 17.00
CA ASP C 35 -26.56 8.53 17.68
C ASP C 35 -26.92 7.16 17.12
N VAL C 36 -26.09 6.62 16.24
CA VAL C 36 -26.41 5.31 15.69
C VAL C 36 -25.86 4.23 16.60
N ARG C 37 -26.66 3.17 16.78
CA ARG C 37 -26.25 2.05 17.61
C ARG C 37 -26.19 0.75 16.86
N ASP C 38 -27.36 0.30 16.41
CA ASP C 38 -27.49 -0.98 15.73
C ASP C 38 -27.45 -1.06 14.20
N GLU C 39 -27.42 0.05 13.47
CA GLU C 39 -27.43 -0.01 12.02
C GLU C 39 -26.11 0.18 11.27
N PHE C 40 -25.00 0.05 11.97
CA PHE C 40 -23.70 0.22 11.33
C PHE C 40 -23.46 -0.82 10.24
N LEU C 41 -22.88 -0.40 9.11
CA LEU C 41 -22.55 -1.29 8.01
C LEU C 41 -21.09 -1.73 8.17
N PRO C 42 -20.80 -2.99 7.82
CA PRO C 42 -19.48 -3.65 7.91
C PRO C 42 -18.31 -3.05 7.16
N GLU C 43 -18.58 -2.42 6.02
CA GLU C 43 -17.49 -1.85 5.24
C GLU C 43 -16.66 -0.89 6.10
N PRO C 44 -15.34 -1.05 6.08
CA PRO C 44 -14.49 -0.16 6.87
C PRO C 44 -14.24 1.17 6.19
N LEU C 45 -14.18 2.25 6.96
CA LEU C 45 -13.92 3.57 6.40
C LEU C 45 -12.53 3.64 5.75
N SER C 46 -12.46 4.28 4.60
CA SER C 46 -11.20 4.43 3.89
C SER C 46 -10.40 5.48 4.59
N GLU C 47 -9.09 5.29 4.61
CA GLU C 47 -8.20 6.25 5.25
C GLU C 47 -8.48 7.68 4.80
N GLU C 48 -8.69 7.87 3.50
CA GLU C 48 -8.96 9.22 2.98
C GLU C 48 -10.14 9.86 3.68
N LEU C 49 -11.13 9.03 4.04
CA LEU C 49 -12.32 9.52 4.70
C LEU C 49 -12.07 9.84 6.18
N ILE C 50 -11.40 8.93 6.87
CA ILE C 50 -11.11 9.11 8.28
C ILE C 50 -10.34 10.41 8.51
N ALA C 51 -9.36 10.67 7.65
CA ALA C 51 -8.57 11.88 7.78
C ALA C 51 -9.48 13.10 7.69
N ARG C 52 -10.47 13.05 6.80
CA ARG C 52 -11.38 14.17 6.66
C ARG C 52 -12.11 14.42 7.97
N LEU C 53 -12.64 13.34 8.56
CA LEU C 53 -13.37 13.42 9.82
C LEU C 53 -12.49 13.98 10.94
N LEU C 54 -11.31 13.38 11.13
CA LEU C 54 -10.38 13.84 12.16
C LEU C 54 -10.00 15.30 11.85
N GLY C 55 -10.02 15.65 10.57
CA GLY C 55 -9.70 17.00 10.17
C GLY C 55 -10.76 17.96 10.69
N ALA C 56 -12.01 17.54 10.59
CA ALA C 56 -13.10 18.36 11.06
C ALA C 56 -12.95 18.59 12.56
N ALA C 57 -12.75 17.50 13.31
CA ALA C 57 -12.62 17.57 14.77
C ALA C 57 -11.52 18.52 15.21
N HIS C 58 -10.41 18.51 14.49
CA HIS C 58 -9.26 19.33 14.81
C HIS C 58 -9.49 20.80 14.52
N GLN C 59 -10.55 21.09 13.78
CA GLN C 59 -10.93 22.45 13.41
C GLN C 59 -11.96 22.95 14.41
N ALA C 60 -11.98 22.36 15.60
CA ALA C 60 -12.93 22.78 16.59
C ALA C 60 -12.29 23.84 17.47
N PRO C 61 -13.11 24.66 18.17
CA PRO C 61 -12.44 25.66 19.00
C PRO C 61 -11.79 24.93 20.16
N SER C 62 -11.06 25.65 21.00
CA SER C 62 -10.41 25.05 22.17
C SER C 62 -9.86 26.18 23.04
N VAL C 63 -10.20 26.17 24.32
CA VAL C 63 -9.73 27.24 25.21
C VAL C 63 -8.21 27.41 25.10
N GLY C 64 -7.77 28.65 24.98
CA GLY C 64 -6.35 28.94 24.84
C GLY C 64 -5.75 28.30 23.60
N PHE C 65 -6.63 27.80 22.73
CA PHE C 65 -6.21 27.13 21.51
C PHE C 65 -5.25 26.07 21.98
N MET C 66 -5.62 25.46 23.09
CA MET C 66 -4.86 24.39 23.74
C MET C 66 -4.85 23.14 22.85
N GLN C 67 -5.99 22.86 22.21
CA GLN C 67 -6.10 21.68 21.35
C GLN C 67 -5.69 20.45 22.18
N PRO C 68 -6.39 20.22 23.31
CA PRO C 68 -6.13 19.11 24.23
C PRO C 68 -6.52 17.69 23.80
N TRP C 69 -6.88 17.50 22.54
CA TRP C 69 -7.30 16.17 22.11
C TRP C 69 -6.28 15.23 21.53
N ASN C 70 -6.67 13.97 21.51
CA ASN C 70 -5.91 12.86 20.95
C ASN C 70 -7.00 11.90 20.51
N PHE C 71 -6.75 11.24 19.39
CA PHE C 71 -7.69 10.31 18.83
C PHE C 71 -7.01 8.97 18.74
N VAL C 72 -7.63 7.95 19.34
CA VAL C 72 -7.08 6.61 19.27
C VAL C 72 -7.99 5.82 18.33
N LEU C 73 -7.48 5.40 17.19
CA LEU C 73 -8.30 4.63 16.27
C LEU C 73 -8.28 3.16 16.70
N VAL C 74 -9.45 2.53 16.75
CA VAL C 74 -9.55 1.13 17.15
C VAL C 74 -10.28 0.30 16.10
N ARG C 75 -9.56 -0.63 15.47
CA ARG C 75 -10.16 -1.45 14.45
C ARG C 75 -10.01 -2.96 14.62
N GLN C 76 -9.43 -3.42 15.74
CA GLN C 76 -9.23 -4.86 15.94
C GLN C 76 -10.39 -5.54 16.67
N ASP C 77 -10.71 -6.78 16.29
CA ASP C 77 -11.79 -7.51 16.95
C ASP C 77 -11.45 -7.70 18.42
N GLU C 78 -10.18 -8.01 18.69
CA GLU C 78 -9.71 -8.21 20.05
C GLU C 78 -9.99 -6.99 20.92
N THR C 79 -9.71 -5.80 20.39
CA THR C 79 -9.91 -4.57 21.15
C THR C 79 -11.39 -4.22 21.33
N ARG C 80 -12.18 -4.43 20.30
CA ARG C 80 -13.60 -4.12 20.42
C ARG C 80 -14.25 -5.07 21.43
N GLU C 81 -13.85 -6.33 21.38
CA GLU C 81 -14.38 -7.32 22.30
C GLU C 81 -14.19 -6.84 23.75
N LYS C 82 -12.93 -6.59 24.12
CA LYS C 82 -12.58 -6.15 25.48
C LYS C 82 -13.45 -4.99 25.92
N VAL C 83 -13.59 -3.99 25.04
CA VAL C 83 -14.40 -2.82 25.35
C VAL C 83 -15.85 -3.26 25.48
N TRP C 84 -16.30 -4.07 24.54
CA TRP C 84 -17.68 -4.53 24.60
C TRP C 84 -17.93 -5.03 26.01
N GLN C 85 -17.03 -5.87 26.50
CA GLN C 85 -17.16 -6.44 27.84
C GLN C 85 -17.24 -5.37 28.93
N ALA C 86 -16.40 -4.35 28.79
CA ALA C 86 -16.38 -3.25 29.75
C ALA C 86 -17.79 -2.69 29.78
N PHE C 87 -18.37 -2.54 28.59
CA PHE C 87 -19.72 -2.02 28.47
C PHE C 87 -20.74 -2.90 29.17
N GLN C 88 -20.65 -4.21 28.92
CA GLN C 88 -21.56 -5.17 29.53
C GLN C 88 -21.59 -4.97 31.02
N ARG C 89 -20.44 -5.16 31.64
CA ARG C 89 -20.31 -4.99 33.08
C ARG C 89 -20.98 -3.69 33.53
N ALA C 90 -20.71 -2.61 32.81
CA ALA C 90 -21.27 -1.32 33.18
C ALA C 90 -22.75 -1.18 32.92
N ASN C 91 -23.21 -1.69 31.78
CA ASN C 91 -24.62 -1.55 31.43
C ASN C 91 -25.54 -2.29 32.37
N ASP C 92 -25.18 -3.51 32.74
CA ASP C 92 -26.00 -4.27 33.67
C ASP C 92 -26.01 -3.57 35.01
N GLU C 93 -24.87 -3.00 35.38
CA GLU C 93 -24.77 -2.27 36.63
C GLU C 93 -25.82 -1.15 36.57
N ALA C 94 -25.78 -0.37 35.51
CA ALA C 94 -26.73 0.71 35.34
C ALA C 94 -28.12 0.14 35.28
N ALA C 95 -28.26 -0.98 34.59
CA ALA C 95 -29.56 -1.63 34.43
C ALA C 95 -30.33 -1.65 35.75
N GLU C 96 -29.67 -2.16 36.78
CA GLU C 96 -30.25 -2.25 38.11
C GLU C 96 -30.57 -0.90 38.73
N MET C 97 -30.11 0.17 38.12
CA MET C 97 -30.40 1.49 38.66
C MET C 97 -31.89 1.77 38.46
N PHE C 98 -32.56 0.85 37.77
CA PHE C 98 -33.99 0.97 37.49
C PHE C 98 -34.80 -0.18 38.06
N SER C 99 -36.07 -0.25 37.66
CA SER C 99 -36.96 -1.29 38.13
C SER C 99 -38.35 -1.17 37.50
N GLY C 100 -39.06 -2.29 37.44
CA GLY C 100 -40.39 -2.29 36.88
C GLY C 100 -40.46 -2.27 35.37
N GLU C 101 -41.30 -1.40 34.84
CA GLU C 101 -41.44 -1.32 33.39
C GLU C 101 -40.26 -0.57 32.80
N ARG C 102 -39.86 0.53 33.45
CA ARG C 102 -38.74 1.32 32.94
C ARG C 102 -37.39 0.61 33.01
N GLN C 103 -37.32 -0.52 33.71
CA GLN C 103 -36.07 -1.26 33.77
C GLN C 103 -36.07 -2.23 32.60
N ALA C 104 -37.25 -2.70 32.22
CA ALA C 104 -37.32 -3.62 31.10
C ALA C 104 -37.05 -2.84 29.82
N LYS C 105 -37.64 -1.65 29.73
CA LYS C 105 -37.45 -0.80 28.56
C LYS C 105 -35.97 -0.59 28.41
N TYR C 106 -35.33 -0.13 29.48
CA TYR C 106 -33.89 0.10 29.44
C TYR C 106 -33.28 -1.16 28.87
N ARG C 107 -33.38 -2.25 29.61
CA ARG C 107 -32.83 -3.52 29.17
C ARG C 107 -33.16 -3.88 27.72
N SER C 108 -34.08 -3.17 27.09
CA SER C 108 -34.40 -3.46 25.68
C SER C 108 -33.71 -2.50 24.72
N LEU C 109 -33.27 -1.36 25.23
CA LEU C 109 -32.58 -0.36 24.42
C LEU C 109 -31.25 -0.89 23.92
N LYS C 110 -30.86 -0.48 22.72
CA LYS C 110 -29.58 -0.89 22.16
C LYS C 110 -28.73 0.37 22.32
N LEU C 111 -27.85 0.35 23.32
CA LEU C 111 -27.01 1.49 23.64
C LEU C 111 -25.56 1.43 23.17
N GLU C 112 -25.30 0.69 22.09
CA GLU C 112 -23.95 0.59 21.56
C GLU C 112 -23.88 -0.29 20.31
N GLY C 113 -22.75 -0.26 19.63
CA GLY C 113 -22.56 -1.04 18.43
C GLY C 113 -21.06 -1.25 18.34
N ILE C 114 -20.45 -1.39 19.50
CA ILE C 114 -19.01 -1.55 19.62
C ILE C 114 -18.34 -2.59 18.74
N ARG C 115 -19.02 -3.70 18.47
CA ARG C 115 -18.41 -4.75 17.66
C ARG C 115 -19.07 -4.94 16.31
N LYS C 116 -20.08 -4.10 16.04
CA LYS C 116 -20.79 -4.15 14.77
C LYS C 116 -20.10 -3.11 13.90
N ALA C 117 -19.82 -1.96 14.49
CA ALA C 117 -19.15 -0.85 13.82
C ALA C 117 -17.74 -1.28 13.39
N PRO C 118 -17.34 -0.93 12.17
CA PRO C 118 -16.02 -1.29 11.67
C PRO C 118 -14.87 -0.50 12.26
N LEU C 119 -15.19 0.71 12.72
CA LEU C 119 -14.19 1.60 13.32
C LEU C 119 -14.66 2.27 14.60
N SER C 120 -13.72 2.46 15.52
CA SER C 120 -14.05 3.08 16.78
C SER C 120 -13.03 4.14 17.01
N ILE C 121 -13.44 5.20 17.71
CA ILE C 121 -12.55 6.31 17.99
C ILE C 121 -12.69 6.73 19.44
N CYS C 122 -11.59 6.61 20.18
CA CYS C 122 -11.57 7.01 21.59
C CYS C 122 -11.04 8.42 21.61
N VAL C 123 -11.92 9.41 21.80
CA VAL C 123 -11.48 10.81 21.82
C VAL C 123 -11.09 11.18 23.24
N THR C 124 -9.79 11.45 23.44
CA THR C 124 -9.26 11.79 24.76
C THR C 124 -8.92 13.26 24.95
N CYS C 125 -8.71 13.65 26.21
CA CYS C 125 -8.37 15.03 26.56
C CYS C 125 -7.22 15.12 27.56
N ASP C 126 -6.06 15.53 27.09
CA ASP C 126 -4.86 15.68 27.92
C ASP C 126 -5.04 16.81 28.89
N ARG C 127 -5.19 16.50 30.18
CA ARG C 127 -5.40 17.52 31.20
C ARG C 127 -4.25 18.48 31.45
N THR C 128 -3.05 18.16 30.97
CA THR C 128 -1.92 19.04 31.24
C THR C 128 -1.32 19.74 30.04
N ARG C 129 -1.82 19.47 28.85
CA ARG C 129 -1.31 20.11 27.64
C ARG C 129 -1.57 21.61 27.68
N GLY C 130 -0.79 22.36 26.92
CA GLY C 130 -0.94 23.81 26.90
C GLY C 130 -0.12 24.46 28.00
N GLY C 131 0.66 23.64 28.73
CA GLY C 131 1.48 24.16 29.79
C GLY C 131 0.76 24.20 31.13
N ALA C 132 1.40 24.82 32.12
CA ALA C 132 0.88 24.93 33.49
C ALA C 132 -0.31 25.86 33.65
N VAL C 133 -0.39 26.89 32.80
CA VAL C 133 -1.49 27.84 32.86
C VAL C 133 -1.95 28.26 31.46
N VAL C 134 -3.17 27.88 31.11
CA VAL C 134 -3.73 28.18 29.79
C VAL C 134 -4.91 29.16 29.81
N LEU C 135 -5.25 29.69 28.63
CA LEU C 135 -6.35 30.64 28.48
C LEU C 135 -7.70 30.04 28.86
N GLY C 136 -8.64 30.89 29.28
CA GLY C 136 -9.96 30.44 29.67
C GLY C 136 -10.02 29.45 30.83
N ARG C 137 -9.05 28.54 30.88
CA ARG C 137 -8.98 27.52 31.94
C ARG C 137 -8.08 27.98 33.09
N THR C 138 -8.39 29.16 33.61
CA THR C 138 -7.63 29.74 34.71
C THR C 138 -8.55 29.94 35.93
N HIS C 139 -9.85 29.81 35.68
CA HIS C 139 -10.87 29.94 36.71
C HIS C 139 -11.78 28.71 36.67
N ASN C 140 -12.08 28.27 35.44
CA ASN C 140 -12.91 27.09 35.25
C ASN C 140 -12.06 26.07 34.47
N PRO C 141 -11.65 24.97 35.14
CA PRO C 141 -10.81 23.91 34.56
C PRO C 141 -11.52 22.95 33.59
N GLN C 142 -12.85 22.95 33.62
CA GLN C 142 -13.63 22.07 32.75
C GLN C 142 -13.40 22.37 31.27
N MET C 143 -13.16 23.63 30.95
CA MET C 143 -12.96 24.09 29.58
C MET C 143 -12.10 23.19 28.67
N ASP C 144 -11.01 22.64 29.18
CA ASP C 144 -10.21 21.77 28.34
C ASP C 144 -11.09 20.62 27.83
N LEU C 145 -11.82 19.95 28.72
CA LEU C 145 -12.71 18.85 28.31
C LEU C 145 -13.69 19.38 27.28
N TYR C 146 -14.46 20.39 27.65
CA TYR C 146 -15.46 21.00 26.77
C TYR C 146 -14.95 21.20 25.34
N SER C 147 -13.73 21.75 25.23
CA SER C 147 -13.13 21.95 23.93
C SER C 147 -13.17 20.62 23.17
N THR C 148 -12.66 19.58 23.82
CA THR C 148 -12.64 18.26 23.20
C THR C 148 -14.03 17.92 22.68
N VAL C 149 -15.05 18.12 23.52
CA VAL C 149 -16.42 17.83 23.09
C VAL C 149 -16.78 18.57 21.80
N CYS C 150 -16.39 19.84 21.71
CA CYS C 150 -16.67 20.60 20.50
C CYS C 150 -16.11 19.82 19.32
N ALA C 151 -14.96 19.19 19.52
CA ALA C 151 -14.36 18.41 18.44
C ALA C 151 -15.28 17.24 18.12
N VAL C 152 -15.78 16.54 19.13
CA VAL C 152 -16.67 15.40 18.89
C VAL C 152 -17.85 15.83 18.02
N GLN C 153 -18.56 16.89 18.43
CA GLN C 153 -19.68 17.35 17.65
C GLN C 153 -19.29 17.51 16.18
N ASN C 154 -18.23 18.25 15.90
CA ASN C 154 -17.80 18.46 14.52
C ASN C 154 -17.65 17.14 13.78
N LEU C 155 -16.94 16.21 14.41
CA LEU C 155 -16.73 14.90 13.82
C LEU C 155 -18.11 14.27 13.62
N TRP C 156 -18.92 14.35 14.67
CA TRP C 156 -20.28 13.80 14.63
C TRP C 156 -21.05 14.31 13.42
N LEU C 157 -20.89 15.61 13.14
CA LEU C 157 -21.60 16.25 12.04
C LEU C 157 -21.03 16.02 10.64
N ALA C 158 -19.72 16.07 10.51
CA ALA C 158 -19.12 15.83 9.22
C ALA C 158 -19.51 14.42 8.81
N ALA C 159 -19.42 13.51 9.77
CA ALA C 159 -19.74 12.10 9.56
C ALA C 159 -21.13 11.93 8.96
N ARG C 160 -22.12 12.66 9.48
CA ARG C 160 -23.45 12.54 8.90
C ARG C 160 -23.36 12.89 7.44
N ALA C 161 -22.74 14.02 7.12
CA ALA C 161 -22.60 14.44 5.72
C ALA C 161 -21.90 13.36 4.90
N GLU C 162 -20.88 12.75 5.49
CA GLU C 162 -20.14 11.68 4.82
C GLU C 162 -20.98 10.41 4.78
N GLY C 163 -22.21 10.48 5.31
CA GLY C 163 -23.06 9.31 5.31
C GLY C 163 -22.58 8.28 6.33
N VAL C 164 -21.77 8.73 7.28
CA VAL C 164 -21.23 7.88 8.33
C VAL C 164 -22.00 8.06 9.63
N GLY C 165 -22.55 6.97 10.14
CA GLY C 165 -23.29 7.03 11.39
C GLY C 165 -22.31 6.97 12.52
N VAL C 166 -22.58 7.72 13.58
CA VAL C 166 -21.72 7.76 14.75
C VAL C 166 -22.55 7.60 16.02
N GLY C 167 -21.99 6.86 16.98
CA GLY C 167 -22.66 6.65 18.24
C GLY C 167 -21.69 6.92 19.37
N TRP C 168 -22.15 7.60 20.42
CA TRP C 168 -21.32 7.90 21.57
C TRP C 168 -21.70 6.90 22.65
N VAL C 169 -20.72 6.16 23.15
CA VAL C 169 -20.98 5.16 24.19
C VAL C 169 -20.20 5.63 25.39
N SER C 170 -20.91 5.96 26.46
CA SER C 170 -20.28 6.47 27.68
C SER C 170 -20.62 5.59 28.86
N ILE C 171 -21.06 4.38 28.58
CA ILE C 171 -21.43 3.49 29.65
C ILE C 171 -20.33 2.52 30.02
N PHE C 172 -19.28 3.05 30.67
CA PHE C 172 -18.16 2.25 31.17
C PHE C 172 -17.55 2.92 32.36
N HIS C 173 -16.70 2.16 33.05
CA HIS C 173 -15.94 2.67 34.16
C HIS C 173 -14.65 3.03 33.45
N GLU C 174 -14.40 4.33 33.36
CA GLU C 174 -13.22 4.83 32.66
C GLU C 174 -11.92 4.06 32.86
N SER C 175 -11.55 3.77 34.10
CA SER C 175 -10.30 3.07 34.33
C SER C 175 -10.20 1.79 33.49
N GLU C 176 -11.32 1.12 33.25
CA GLU C 176 -11.25 -0.09 32.47
C GLU C 176 -10.87 0.21 31.03
N ILE C 177 -11.43 1.28 30.46
CA ILE C 177 -11.11 1.60 29.08
C ILE C 177 -9.69 2.16 28.98
N LYS C 178 -9.29 2.99 29.93
CA LYS C 178 -7.94 3.55 29.91
C LYS C 178 -6.95 2.41 29.92
N ALA C 179 -7.25 1.38 30.70
CA ALA C 179 -6.35 0.21 30.78
C ALA C 179 -6.28 -0.54 29.48
N ILE C 180 -7.42 -0.76 28.84
CA ILE C 180 -7.41 -1.49 27.57
C ILE C 180 -6.46 -0.82 26.57
N LEU C 181 -6.55 0.50 26.45
CA LEU C 181 -5.71 1.24 25.49
C LEU C 181 -4.44 1.86 26.07
N GLY C 182 -4.14 1.57 27.32
CA GLY C 182 -2.94 2.13 27.93
C GLY C 182 -2.87 3.65 27.98
N ILE C 183 -3.97 4.29 28.35
CA ILE C 183 -4.00 5.75 28.46
C ILE C 183 -3.44 6.15 29.81
N PRO C 184 -2.58 7.18 29.85
CA PRO C 184 -1.94 7.70 31.07
C PRO C 184 -2.93 8.31 32.08
N ASP C 185 -2.39 8.77 33.20
CA ASP C 185 -3.19 9.40 34.25
C ASP C 185 -3.54 10.85 33.87
N HIS C 186 -2.61 11.55 33.24
CA HIS C 186 -2.87 12.93 32.87
C HIS C 186 -3.88 13.13 31.75
N VAL C 187 -4.06 12.11 30.90
CA VAL C 187 -5.06 12.21 29.84
C VAL C 187 -6.35 11.57 30.35
N GLU C 188 -7.48 12.14 29.96
CA GLU C 188 -8.78 11.63 30.36
C GLU C 188 -9.64 11.36 29.11
N ILE C 189 -10.46 10.31 29.16
CA ILE C 189 -11.31 9.98 28.03
C ILE C 189 -12.58 10.82 28.12
N VAL C 190 -13.02 11.42 27.01
CA VAL C 190 -14.25 12.19 27.07
C VAL C 190 -15.31 11.49 26.26
N ALA C 191 -14.92 10.75 25.23
CA ALA C 191 -15.91 10.04 24.44
C ALA C 191 -15.39 8.89 23.65
N TRP C 192 -16.09 7.76 23.75
CA TRP C 192 -15.75 6.60 22.95
C TRP C 192 -16.78 6.69 21.84
N LEU C 193 -16.33 6.87 20.59
CA LEU C 193 -17.27 6.97 19.48
C LEU C 193 -17.20 5.76 18.55
N CYS C 194 -18.37 5.22 18.20
CA CYS C 194 -18.47 4.07 17.28
C CYS C 194 -18.81 4.64 15.90
N LEU C 195 -18.03 4.26 14.88
CA LEU C 195 -18.31 4.76 13.53
C LEU C 195 -18.65 3.66 12.54
N GLY C 196 -19.25 4.05 11.41
CA GLY C 196 -19.61 3.08 10.40
C GLY C 196 -20.65 3.65 9.45
N PHE C 197 -20.63 3.18 8.19
CA PHE C 197 -21.60 3.64 7.20
C PHE C 197 -22.98 3.15 7.57
N VAL C 198 -23.98 3.97 7.32
CA VAL C 198 -25.35 3.56 7.60
C VAL C 198 -26.16 3.56 6.33
N ASP C 199 -27.16 2.68 6.30
CA ASP C 199 -28.07 2.51 5.17
C ASP C 199 -29.27 3.34 5.49
N ARG C 200 -29.53 3.51 6.77
CA ARG C 200 -30.71 4.21 7.20
C ARG C 200 -30.52 4.85 8.57
N LEU C 201 -31.38 5.83 8.86
CA LEU C 201 -31.34 6.53 10.12
C LEU C 201 -32.77 6.72 10.60
N TYR C 202 -32.98 6.83 11.90
CA TYR C 202 -34.33 7.06 12.40
C TYR C 202 -34.61 8.51 11.97
N GLN C 203 -35.87 8.85 11.74
CA GLN C 203 -36.23 10.19 11.30
C GLN C 203 -36.21 11.18 12.45
N GLU C 204 -36.15 10.64 13.67
CA GLU C 204 -36.12 11.45 14.87
C GLU C 204 -35.33 10.68 15.92
N PRO C 205 -35.08 11.28 17.10
CA PRO C 205 -34.31 10.54 18.11
C PRO C 205 -34.88 9.15 18.38
N GLU C 206 -34.01 8.15 18.40
CA GLU C 206 -34.44 6.79 18.64
C GLU C 206 -35.10 6.60 20.01
N LEU C 207 -34.56 7.25 21.03
CA LEU C 207 -35.14 7.10 22.35
C LEU C 207 -36.54 7.71 22.45
N ALA C 208 -36.89 8.58 21.52
CA ALA C 208 -38.20 9.21 21.54
C ALA C 208 -39.18 8.26 20.84
N ALA C 209 -38.67 7.56 19.84
CA ALA C 209 -39.47 6.62 19.07
C ALA C 209 -39.76 5.38 19.89
N LYS C 210 -38.79 4.99 20.73
CA LYS C 210 -38.95 3.81 21.54
C LYS C 210 -39.64 4.07 22.88
N GLY C 211 -40.28 5.23 22.97
CA GLY C 211 -41.00 5.59 24.16
C GLY C 211 -40.18 5.69 25.41
N TRP C 212 -38.92 6.08 25.28
CA TRP C 212 -38.10 6.23 26.46
C TRP C 212 -38.24 7.65 27.02
N ARG C 213 -38.12 8.65 26.15
CA ARG C 213 -38.23 10.04 26.55
C ARG C 213 -38.42 10.93 25.33
N GLN C 214 -39.32 11.91 25.42
CA GLN C 214 -39.59 12.79 24.30
C GLN C 214 -38.75 14.04 24.20
N ARG C 215 -38.96 14.80 23.12
CA ARG C 215 -38.26 16.05 22.87
C ARG C 215 -38.86 17.10 23.78
N LEU C 216 -38.08 18.01 24.31
CA LEU C 216 -38.70 19.03 25.15
C LEU C 216 -39.11 20.23 24.30
N PRO C 217 -40.18 20.93 24.71
CA PRO C 217 -40.60 22.09 23.92
C PRO C 217 -39.55 23.16 24.16
N LEU C 218 -38.85 23.58 23.11
CA LEU C 218 -37.80 24.59 23.25
C LEU C 218 -38.27 25.88 23.90
N GLU C 219 -39.49 26.31 23.59
CA GLU C 219 -40.02 27.55 24.16
C GLU C 219 -39.86 27.59 25.69
N ASP C 220 -40.04 26.44 26.32
CA ASP C 220 -39.95 26.31 27.77
C ASP C 220 -38.55 26.51 28.32
N LEU C 221 -37.54 26.38 27.46
CA LEU C 221 -36.15 26.51 27.89
C LEU C 221 -35.45 27.84 27.66
N VAL C 222 -36.07 28.73 26.88
CA VAL C 222 -35.45 30.02 26.58
C VAL C 222 -35.90 31.07 27.57
N PHE C 223 -34.96 31.80 28.16
CA PHE C 223 -35.32 32.86 29.10
C PHE C 223 -34.92 34.24 28.57
N GLU C 224 -35.33 35.28 29.28
CA GLU C 224 -35.01 36.65 28.88
C GLU C 224 -34.42 37.49 30.00
N GLU C 225 -33.16 37.90 29.81
CA GLU C 225 -32.42 38.72 30.76
C GLU C 225 -32.10 38.08 32.09
N GLY C 226 -32.99 37.24 32.59
CA GLY C 226 -32.72 36.62 33.88
C GLY C 226 -33.36 35.26 34.02
N TRP C 227 -32.77 34.42 34.86
CA TRP C 227 -33.29 33.07 35.05
C TRP C 227 -34.79 33.02 35.37
N GLY C 228 -35.46 32.07 34.73
CA GLY C 228 -36.89 31.87 34.95
C GLY C 228 -37.84 32.92 34.41
N VAL C 229 -37.31 33.94 33.75
CA VAL C 229 -38.13 35.00 33.20
C VAL C 229 -38.40 34.73 31.72
N ARG C 230 -39.59 34.25 31.38
CA ARG C 230 -39.92 33.96 29.99
C ARG C 230 -40.05 35.22 29.15
N LEU D 12 -37.81 5.24 11.03
CA LEU D 12 -36.49 4.81 10.47
C LEU D 12 -36.58 4.92 8.94
N THR D 13 -35.51 5.29 8.27
CA THR D 13 -35.61 5.45 6.82
C THR D 13 -34.32 5.63 5.98
N ALA D 14 -34.51 5.42 4.68
CA ALA D 14 -33.48 5.49 3.65
C ALA D 14 -32.18 6.25 3.87
N ALA D 15 -31.14 5.56 3.40
CA ALA D 15 -29.71 5.90 3.37
C ALA D 15 -29.17 7.19 3.92
N GLY D 16 -28.06 7.64 3.33
CA GLY D 16 -27.41 8.87 3.72
C GLY D 16 -26.12 9.14 2.97
N ALA D 17 -25.56 10.32 3.16
CA ALA D 17 -24.33 10.81 2.52
C ALA D 17 -24.80 11.94 1.63
N PHE D 18 -24.48 13.16 2.02
CA PHE D 18 -24.91 14.32 1.24
C PHE D 18 -24.23 14.34 -0.10
N SER D 19 -24.73 15.20 -0.98
CA SER D 19 -24.17 15.37 -2.31
C SER D 19 -22.80 16.01 -2.15
N SER D 20 -22.11 16.20 -3.26
CA SER D 20 -20.80 16.83 -3.22
C SER D 20 -20.92 18.28 -2.72
N ASP D 21 -21.99 18.95 -3.13
CA ASP D 21 -22.23 20.33 -2.75
C ASP D 21 -22.59 20.50 -1.28
N GLU D 22 -23.58 19.75 -0.82
CA GLU D 22 -23.98 19.84 0.58
C GLU D 22 -22.78 19.54 1.46
N ARG D 23 -22.04 18.50 1.13
CA ARG D 23 -20.87 18.15 1.93
C ARG D 23 -19.92 19.32 2.04
N ALA D 24 -19.68 19.98 0.92
CA ALA D 24 -18.78 21.12 0.89
C ALA D 24 -19.15 22.20 1.89
N ALA D 25 -20.44 22.55 1.94
CA ALA D 25 -20.94 23.59 2.84
C ALA D 25 -20.73 23.21 4.30
N VAL D 26 -21.03 21.96 4.65
CA VAL D 26 -20.86 21.53 6.03
C VAL D 26 -19.42 21.81 6.41
N TYR D 27 -18.50 21.26 5.64
CA TYR D 27 -17.10 21.50 5.93
C TYR D 27 -16.78 22.98 5.90
N ARG D 28 -17.48 23.74 5.05
CA ARG D 28 -17.19 25.15 4.98
C ARG D 28 -17.49 25.80 6.30
N ALA D 29 -18.62 25.45 6.89
CA ALA D 29 -19.01 26.00 8.19
C ALA D 29 -17.94 25.59 9.18
N ILE D 30 -17.69 24.28 9.24
CA ILE D 30 -16.70 23.74 10.14
C ILE D 30 -15.32 24.39 10.00
N GLU D 31 -14.83 24.50 8.76
CA GLU D 31 -13.52 25.09 8.50
C GLU D 31 -13.39 26.62 8.53
N THR D 32 -14.48 27.34 8.69
CA THR D 32 -14.38 28.79 8.67
C THR D 32 -14.89 29.54 9.88
N ARG D 33 -15.67 28.88 10.74
CA ARG D 33 -16.16 29.59 11.92
C ARG D 33 -14.98 29.90 12.83
N ARG D 34 -15.13 30.96 13.63
CA ARG D 34 -14.08 31.40 14.54
C ARG D 34 -14.65 31.97 15.83
N ASP D 35 -13.82 32.11 16.85
CA ASP D 35 -14.32 32.73 18.07
C ASP D 35 -14.17 34.18 17.68
N VAL D 36 -15.19 34.99 17.90
CA VAL D 36 -15.12 36.37 17.48
C VAL D 36 -15.22 37.26 18.68
N ARG D 37 -14.21 38.10 18.85
CA ARG D 37 -14.17 39.03 19.98
C ARG D 37 -14.37 40.48 19.56
N ASP D 38 -13.61 40.93 18.57
CA ASP D 38 -13.66 42.32 18.20
C ASP D 38 -14.35 42.80 16.92
N GLU D 39 -14.98 41.92 16.14
CA GLU D 39 -15.59 42.42 14.91
C GLU D 39 -17.10 42.37 14.82
N PHE D 40 -17.77 42.24 15.96
CA PHE D 40 -19.23 42.21 16.01
C PHE D 40 -19.82 43.52 15.48
N LEU D 41 -20.93 43.43 14.75
CA LEU D 41 -21.61 44.61 14.21
C LEU D 41 -22.79 44.93 15.12
N PRO D 42 -23.11 46.23 15.25
CA PRO D 42 -24.22 46.71 16.09
C PRO D 42 -25.60 46.23 15.71
N GLU D 43 -25.89 46.11 14.42
CA GLU D 43 -27.22 45.68 14.01
C GLU D 43 -27.76 44.56 14.88
N PRO D 44 -28.98 44.72 15.42
CA PRO D 44 -29.57 43.68 16.28
C PRO D 44 -29.99 42.45 15.49
N LEU D 45 -30.09 41.32 16.17
CA LEU D 45 -30.47 40.08 15.51
C LEU D 45 -31.98 39.87 15.51
N SER D 46 -32.47 39.36 14.39
CA SER D 46 -33.89 39.07 14.22
C SER D 46 -34.35 38.01 15.22
N GLU D 47 -35.58 38.12 15.69
CA GLU D 47 -36.11 37.13 16.63
C GLU D 47 -36.24 35.81 15.89
N GLU D 48 -36.60 35.89 14.61
CA GLU D 48 -36.75 34.71 13.77
C GLU D 48 -35.38 34.03 13.60
N LEU D 49 -34.32 34.85 13.52
CA LEU D 49 -32.96 34.35 13.36
C LEU D 49 -32.47 33.68 14.64
N ILE D 50 -32.67 34.35 15.76
CA ILE D 50 -32.25 33.82 17.04
C ILE D 50 -32.89 32.47 17.29
N ALA D 51 -34.11 32.31 16.76
CA ALA D 51 -34.82 31.05 16.93
C ALA D 51 -34.16 29.97 16.12
N ARG D 52 -33.80 30.27 14.88
CA ARG D 52 -33.13 29.26 14.06
C ARG D 52 -31.83 28.81 14.73
N LEU D 53 -31.16 29.73 15.42
CA LEU D 53 -29.91 29.42 16.09
C LEU D 53 -30.13 28.62 17.37
N LEU D 54 -31.19 28.94 18.11
CA LEU D 54 -31.49 28.20 19.32
C LEU D 54 -32.08 26.85 18.93
N GLY D 55 -32.72 26.83 17.78
CA GLY D 55 -33.34 25.62 17.28
C GLY D 55 -32.29 24.63 16.87
N ALA D 56 -31.19 25.14 16.35
CA ALA D 56 -30.12 24.23 15.97
C ALA D 56 -29.60 23.68 17.29
N ALA D 57 -29.12 24.60 18.13
CA ALA D 57 -28.57 24.22 19.43
C ALA D 57 -29.38 23.11 20.07
N HIS D 58 -30.71 23.27 20.01
CA HIS D 58 -31.64 22.34 20.62
C HIS D 58 -31.70 20.94 19.98
N GLN D 59 -31.09 20.78 18.83
CA GLN D 59 -31.10 19.47 18.17
C GLN D 59 -29.77 18.76 18.33
N ALA D 60 -29.17 18.90 19.50
CA ALA D 60 -27.90 18.25 19.76
C ALA D 60 -28.15 16.95 20.50
N PRO D 61 -27.18 16.04 20.47
CA PRO D 61 -27.41 14.81 21.19
C PRO D 61 -27.31 15.18 22.67
N SER D 62 -27.96 14.40 23.54
CA SER D 62 -27.91 14.66 24.95
C SER D 62 -28.10 13.33 25.65
N VAL D 63 -27.21 13.06 26.61
CA VAL D 63 -27.20 11.83 27.39
C VAL D 63 -28.60 11.49 27.92
N GLY D 64 -29.09 10.30 27.57
CA GLY D 64 -30.42 9.87 27.97
C GLY D 64 -31.52 10.70 27.35
N PHE D 65 -31.14 11.67 26.52
CA PHE D 65 -32.06 12.59 25.89
C PHE D 65 -32.68 13.43 27.00
N MET D 66 -31.87 13.65 28.03
CA MET D 66 -32.23 14.44 29.19
C MET D 66 -32.43 15.91 28.81
N GLN D 67 -31.89 16.29 27.65
CA GLN D 67 -31.99 17.67 27.14
C GLN D 67 -31.96 18.67 28.31
N PRO D 68 -30.84 18.67 29.05
CA PRO D 68 -30.54 19.52 30.22
C PRO D 68 -30.31 21.01 30.03
N TRP D 69 -30.25 21.48 28.80
CA TRP D 69 -29.94 22.87 28.58
C TRP D 69 -31.03 23.92 28.71
N ASN D 70 -30.58 25.12 29.01
CA ASN D 70 -31.42 26.29 29.13
C ASN D 70 -30.60 27.44 28.56
N PHE D 71 -31.28 28.40 27.94
CA PHE D 71 -30.61 29.53 27.35
C PHE D 71 -31.15 30.83 27.91
N VAL D 72 -30.29 31.58 28.58
CA VAL D 72 -30.74 32.87 29.10
C VAL D 72 -30.18 33.87 28.12
N LEU D 73 -31.05 34.57 27.40
CA LEU D 73 -30.60 35.56 26.44
C LEU D 73 -30.38 36.89 27.15
N VAL D 74 -29.29 37.56 26.80
CA VAL D 74 -28.96 38.84 27.40
C VAL D 74 -28.84 39.94 26.37
N ARG D 75 -29.69 40.95 26.48
CA ARG D 75 -29.65 42.05 25.53
C ARG D 75 -29.61 43.48 26.07
N GLN D 76 -29.56 43.65 27.39
CA GLN D 76 -29.56 45.01 27.93
C GLN D 76 -28.24 45.55 28.49
N ASP D 77 -28.05 46.86 28.32
CA ASP D 77 -26.85 47.55 28.76
C ASP D 77 -26.45 47.32 30.21
N GLU D 78 -27.40 47.44 31.13
CA GLU D 78 -27.04 47.23 32.52
C GLU D 78 -26.39 45.86 32.72
N THR D 79 -27.03 44.82 32.16
CA THR D 79 -26.53 43.46 32.30
C THR D 79 -25.15 43.24 31.70
N ARG D 80 -24.97 43.70 30.47
CA ARG D 80 -23.69 43.50 29.81
C ARG D 80 -22.57 44.32 30.46
N GLU D 81 -22.93 45.26 31.33
CA GLU D 81 -21.93 46.08 32.03
C GLU D 81 -21.44 45.27 33.22
N LYS D 82 -22.37 44.78 34.03
CA LYS D 82 -22.04 43.97 35.20
C LYS D 82 -21.26 42.75 34.73
N VAL D 83 -21.79 42.04 33.74
CA VAL D 83 -21.12 40.85 33.23
C VAL D 83 -19.71 41.22 32.77
N TRP D 84 -19.60 42.31 32.01
CA TRP D 84 -18.29 42.73 31.56
C TRP D 84 -17.37 43.00 32.75
N GLN D 85 -17.91 43.67 33.78
CA GLN D 85 -17.13 43.96 34.97
C GLN D 85 -16.59 42.64 35.51
N ALA D 86 -17.48 41.67 35.68
CA ALA D 86 -17.11 40.35 36.19
C ALA D 86 -15.91 39.80 35.42
N PHE D 87 -15.90 40.05 34.12
CA PHE D 87 -14.83 39.59 33.26
C PHE D 87 -13.51 40.24 33.66
N GLN D 88 -13.44 41.55 33.45
CA GLN D 88 -12.24 42.32 33.76
C GLN D 88 -11.54 41.88 35.06
N ARG D 89 -12.30 41.69 36.14
CA ARG D 89 -11.71 41.24 37.40
C ARG D 89 -10.88 39.99 37.12
N ALA D 90 -11.58 38.94 36.71
CA ALA D 90 -10.97 37.66 36.40
C ALA D 90 -9.80 37.80 35.43
N ASN D 91 -9.99 38.60 34.40
CA ASN D 91 -8.95 38.77 33.42
C ASN D 91 -7.69 39.36 34.04
N ASP D 92 -7.85 40.26 35.01
CA ASP D 92 -6.68 40.84 35.67
C ASP D 92 -5.95 39.67 36.34
N GLU D 93 -6.72 38.81 37.00
CA GLU D 93 -6.15 37.66 37.68
C GLU D 93 -5.45 36.79 36.65
N ALA D 94 -6.15 36.42 35.60
CA ALA D 94 -5.55 35.58 34.58
C ALA D 94 -4.18 36.13 34.17
N ALA D 95 -4.16 37.37 33.70
CA ALA D 95 -2.93 38.02 33.26
C ALA D 95 -1.75 37.85 34.22
N GLU D 96 -2.05 37.62 35.47
CA GLU D 96 -1.01 37.46 36.48
C GLU D 96 -0.42 36.06 36.52
N MET D 97 -0.98 35.13 35.76
CA MET D 97 -0.46 33.77 35.75
C MET D 97 0.72 33.72 34.81
N PHE D 98 0.93 34.81 34.08
CA PHE D 98 2.01 34.92 33.11
C PHE D 98 3.09 35.89 33.56
N SER D 99 4.29 35.70 33.01
CA SER D 99 5.44 36.54 33.34
C SER D 99 5.97 37.25 32.10
N GLY D 100 7.29 37.47 32.08
CA GLY D 100 7.98 38.13 30.99
C GLY D 100 7.18 38.83 29.90
N GLU D 101 7.55 38.54 28.65
CA GLU D 101 6.90 39.13 27.48
C GLU D 101 5.56 38.43 27.23
N ARG D 102 5.48 37.18 27.66
CA ARG D 102 4.23 36.43 27.48
C ARG D 102 3.08 37.25 28.07
N GLN D 103 3.17 37.58 29.36
CA GLN D 103 2.13 38.37 30.01
C GLN D 103 1.72 39.57 29.17
N ALA D 104 2.71 40.24 28.59
CA ALA D 104 2.44 41.41 27.77
C ALA D 104 1.47 41.03 26.67
N LYS D 105 1.82 39.96 25.94
CA LYS D 105 1.00 39.48 24.85
C LYS D 105 -0.39 39.08 25.35
N TYR D 106 -0.47 38.58 26.58
CA TYR D 106 -1.77 38.19 27.11
C TYR D 106 -2.69 39.39 27.08
N ARG D 107 -2.41 40.39 27.90
CA ARG D 107 -3.27 41.58 27.99
C ARG D 107 -3.25 42.50 26.77
N SER D 108 -2.85 41.93 25.63
CA SER D 108 -2.80 42.64 24.35
C SER D 108 -3.85 41.96 23.49
N LEU D 109 -4.28 40.79 23.95
CA LEU D 109 -5.28 40.01 23.27
C LEU D 109 -6.65 40.56 23.57
N LYS D 110 -7.58 40.31 22.65
CA LYS D 110 -8.95 40.74 22.82
C LYS D 110 -9.63 39.41 23.15
N LEU D 111 -10.07 39.25 24.39
CA LEU D 111 -10.68 37.99 24.81
C LEU D 111 -12.21 37.99 25.02
N GLU D 112 -12.91 38.89 24.34
CA GLU D 112 -14.36 38.98 24.44
C GLU D 112 -14.88 40.29 23.86
N GLY D 113 -16.17 40.30 23.52
CA GLY D 113 -16.82 41.47 22.98
C GLY D 113 -18.17 41.58 23.69
N ILE D 114 -18.15 41.39 25.01
CA ILE D 114 -19.37 41.45 25.81
C ILE D 114 -20.24 42.68 25.59
N ARG D 115 -19.61 43.84 25.56
CA ARG D 115 -20.34 45.09 25.37
C ARG D 115 -20.62 45.40 23.90
N LYS D 116 -19.72 44.96 23.02
CA LYS D 116 -19.86 45.19 21.59
C LYS D 116 -21.01 44.37 21.00
N ALA D 117 -20.94 43.05 21.10
CA ALA D 117 -21.97 42.16 20.58
C ALA D 117 -23.35 42.45 21.18
N PRO D 118 -24.34 42.75 20.32
CA PRO D 118 -25.74 43.08 20.64
C PRO D 118 -26.57 41.99 21.32
N LEU D 119 -26.00 40.80 21.44
CA LEU D 119 -26.73 39.70 22.06
C LEU D 119 -25.81 38.66 22.69
N SER D 120 -26.16 38.24 23.90
CA SER D 120 -25.40 37.22 24.60
C SER D 120 -26.34 36.09 24.97
N ILE D 121 -25.81 34.87 25.07
CA ILE D 121 -26.62 33.73 25.45
C ILE D 121 -25.85 32.96 26.51
N CYS D 122 -26.46 32.79 27.67
CA CYS D 122 -25.81 32.06 28.74
C CYS D 122 -26.43 30.68 28.69
N VAL D 123 -25.66 29.73 28.18
CA VAL D 123 -26.11 28.35 28.05
C VAL D 123 -25.79 27.66 29.35
N THR D 124 -26.79 27.08 29.98
CA THR D 124 -26.57 26.43 31.26
C THR D 124 -27.02 24.98 31.23
N CYS D 125 -26.63 24.24 32.27
CA CYS D 125 -26.97 22.83 32.39
C CYS D 125 -27.60 22.51 33.76
N ASP D 126 -28.82 21.99 33.74
CA ASP D 126 -29.52 21.64 34.97
C ASP D 126 -29.06 20.26 35.44
N ARG D 127 -28.03 20.24 36.28
CA ARG D 127 -27.48 18.98 36.78
C ARG D 127 -28.48 18.04 37.42
N THR D 128 -29.74 18.45 37.55
CA THR D 128 -30.76 17.57 38.15
C THR D 128 -32.04 17.52 37.34
N ARG D 129 -31.92 17.20 36.05
CA ARG D 129 -33.09 17.10 35.21
C ARG D 129 -33.28 15.67 34.78
N GLY D 130 -34.49 15.38 34.30
CA GLY D 130 -34.82 14.04 33.83
C GLY D 130 -35.44 13.20 34.93
N GLY D 131 -34.62 12.85 35.93
CA GLY D 131 -35.09 12.05 37.04
C GLY D 131 -33.94 11.70 37.96
N ALA D 132 -34.15 10.74 38.85
CA ALA D 132 -33.13 10.31 39.80
C ALA D 132 -31.97 9.66 39.04
N VAL D 133 -32.30 8.92 37.99
CA VAL D 133 -31.30 8.24 37.18
C VAL D 133 -31.60 8.36 35.68
N VAL D 134 -30.59 8.78 34.91
CA VAL D 134 -30.73 8.91 33.46
C VAL D 134 -29.68 8.02 32.81
N LEU D 135 -29.70 7.93 31.48
CA LEU D 135 -28.74 7.11 30.75
C LEU D 135 -27.39 7.81 30.68
N GLY D 136 -26.40 7.12 30.12
CA GLY D 136 -25.06 7.66 29.94
C GLY D 136 -24.39 8.25 31.17
N ARG D 137 -25.21 8.76 32.10
CA ARG D 137 -24.72 9.37 33.33
C ARG D 137 -25.16 8.60 34.57
N THR D 138 -24.29 7.71 35.03
CA THR D 138 -24.53 6.89 36.21
C THR D 138 -23.19 6.58 36.89
N HIS D 139 -22.14 6.48 36.10
CA HIS D 139 -20.78 6.22 36.60
C HIS D 139 -19.95 7.42 36.14
N ASN D 140 -20.37 8.00 35.02
CA ASN D 140 -19.72 9.15 34.40
C ASN D 140 -20.72 10.31 34.40
N PRO D 141 -20.74 11.07 35.50
CA PRO D 141 -21.60 12.23 35.79
C PRO D 141 -21.49 13.44 34.88
N GLN D 142 -20.39 13.56 34.15
CA GLN D 142 -20.16 14.71 33.28
C GLN D 142 -20.84 14.71 31.93
N MET D 143 -21.45 13.59 31.54
CA MET D 143 -22.07 13.53 30.23
C MET D 143 -23.15 14.60 30.01
N ASP D 144 -23.84 14.99 31.06
CA ASP D 144 -24.87 16.01 30.94
C ASP D 144 -24.28 17.34 30.50
N LEU D 145 -23.16 17.73 31.11
CA LEU D 145 -22.50 18.97 30.74
C LEU D 145 -22.05 18.80 29.28
N TYR D 146 -21.40 17.66 29.01
CA TYR D 146 -20.91 17.37 27.66
C TYR D 146 -22.04 17.54 26.65
N SER D 147 -23.21 17.01 26.95
CA SER D 147 -24.34 17.14 26.06
C SER D 147 -24.58 18.61 25.78
N THR D 148 -24.52 19.40 26.84
CA THR D 148 -24.73 20.84 26.74
C THR D 148 -23.73 21.51 25.79
N VAL D 149 -22.45 21.17 25.88
CA VAL D 149 -21.44 21.75 25.01
C VAL D 149 -21.76 21.42 23.55
N CYS D 150 -22.30 20.22 23.32
CA CYS D 150 -22.70 19.82 21.96
C CYS D 150 -23.72 20.80 21.42
N ALA D 151 -24.60 21.25 22.30
CA ALA D 151 -25.62 22.20 21.90
C ALA D 151 -24.93 23.50 21.42
N VAL D 152 -23.86 23.87 22.11
CA VAL D 152 -23.12 25.09 21.77
C VAL D 152 -22.40 24.99 20.45
N GLN D 153 -21.85 23.81 20.14
CA GLN D 153 -21.13 23.67 18.89
C GLN D 153 -22.09 23.80 17.70
N ASN D 154 -23.29 23.24 17.83
CA ASN D 154 -24.32 23.33 16.78
C ASN D 154 -24.67 24.78 16.53
N LEU D 155 -24.89 25.52 17.62
CA LEU D 155 -25.23 26.93 17.51
C LEU D 155 -24.14 27.66 16.73
N TRP D 156 -22.92 27.52 17.22
CA TRP D 156 -21.75 28.13 16.60
C TRP D 156 -21.71 27.89 15.08
N LEU D 157 -21.88 26.63 14.66
CA LEU D 157 -21.85 26.31 13.24
C LEU D 157 -23.01 26.94 12.47
N ALA D 158 -24.22 26.73 12.96
CA ALA D 158 -25.37 27.32 12.30
C ALA D 158 -25.13 28.84 12.22
N ALA D 159 -24.49 29.39 13.24
CA ALA D 159 -24.23 30.82 13.26
C ALA D 159 -23.34 31.22 12.09
N ARG D 160 -22.22 30.53 11.89
CA ARG D 160 -21.34 30.87 10.77
C ARG D 160 -22.21 30.86 9.54
N ALA D 161 -23.06 29.85 9.46
CA ALA D 161 -23.98 29.71 8.35
C ALA D 161 -24.82 30.98 8.14
N GLU D 162 -25.51 31.41 9.18
CA GLU D 162 -26.33 32.60 9.08
C GLU D 162 -25.48 33.88 9.02
N GLY D 163 -24.16 33.73 8.92
CA GLY D 163 -23.29 34.89 8.86
C GLY D 163 -23.30 35.63 10.19
N VAL D 164 -23.43 34.86 11.28
CA VAL D 164 -23.46 35.45 12.61
C VAL D 164 -22.22 35.04 13.33
N GLY D 165 -21.57 36.00 13.98
CA GLY D 165 -20.35 35.72 14.71
C GLY D 165 -20.69 35.25 16.11
N VAL D 166 -19.78 34.50 16.72
CA VAL D 166 -20.01 34.00 18.07
C VAL D 166 -18.67 33.86 18.75
N GLY D 167 -18.65 34.22 20.03
CA GLY D 167 -17.44 34.11 20.83
C GLY D 167 -17.83 33.50 22.17
N TRP D 168 -17.04 32.54 22.64
CA TRP D 168 -17.27 31.88 23.92
C TRP D 168 -16.43 32.61 24.95
N VAL D 169 -17.03 33.12 26.02
CA VAL D 169 -16.23 33.78 27.03
C VAL D 169 -16.27 32.88 28.26
N SER D 170 -15.09 32.57 28.78
CA SER D 170 -15.02 31.69 29.94
C SER D 170 -14.23 32.29 31.09
N ILE D 171 -13.75 33.51 30.89
CA ILE D 171 -12.97 34.16 31.92
C ILE D 171 -13.83 34.93 32.91
N PHE D 172 -14.35 34.19 33.88
CA PHE D 172 -15.19 34.75 34.94
C PHE D 172 -15.07 33.84 36.14
N HIS D 173 -15.87 34.15 37.12
CA HIS D 173 -16.01 33.39 38.36
C HIS D 173 -17.47 33.04 38.18
N GLU D 174 -17.77 31.76 37.96
CA GLU D 174 -19.14 31.37 37.75
C GLU D 174 -20.13 32.01 38.74
N SER D 175 -19.84 31.90 40.03
CA SER D 175 -20.68 32.43 41.11
C SER D 175 -21.25 33.81 40.79
N GLU D 176 -20.37 34.75 40.43
CA GLU D 176 -20.79 36.10 40.09
C GLU D 176 -21.83 36.07 38.99
N ILE D 177 -21.48 35.43 37.88
CA ILE D 177 -22.38 35.35 36.75
C ILE D 177 -23.74 34.79 37.15
N LYS D 178 -23.75 33.77 38.01
CA LYS D 178 -25.01 33.19 38.48
C LYS D 178 -25.78 34.23 39.29
N ALA D 179 -25.05 35.01 40.08
CA ALA D 179 -25.67 36.05 40.89
C ALA D 179 -26.32 37.09 39.97
N ILE D 180 -25.58 37.52 38.95
CA ILE D 180 -26.09 38.52 38.01
C ILE D 180 -27.31 38.02 37.23
N LEU D 181 -27.35 36.74 36.91
CA LEU D 181 -28.49 36.20 36.18
C LEU D 181 -29.49 35.51 37.10
N GLY D 182 -29.13 35.41 38.38
CA GLY D 182 -30.01 34.77 39.35
C GLY D 182 -30.24 33.30 39.05
N ILE D 183 -29.16 32.59 38.77
CA ILE D 183 -29.23 31.18 38.46
C ILE D 183 -29.12 30.38 39.76
N PRO D 184 -29.98 29.36 39.92
CA PRO D 184 -30.07 28.46 41.09
C PRO D 184 -28.74 27.79 41.44
N ASP D 185 -28.82 26.69 42.20
CA ASP D 185 -27.62 25.96 42.58
C ASP D 185 -27.49 24.69 41.77
N HIS D 186 -28.63 24.03 41.54
CA HIS D 186 -28.63 22.79 40.78
C HIS D 186 -28.43 23.03 39.29
N VAL D 187 -28.23 24.29 38.91
CA VAL D 187 -28.02 24.67 37.52
C VAL D 187 -26.72 25.42 37.36
N GLU D 188 -25.89 25.01 36.41
CA GLU D 188 -24.64 25.72 36.19
C GLU D 188 -24.35 26.11 34.77
N ILE D 189 -23.48 27.11 34.66
CA ILE D 189 -23.08 27.69 33.40
C ILE D 189 -22.04 26.87 32.66
N VAL D 190 -22.41 26.49 31.45
CA VAL D 190 -21.51 25.76 30.59
C VAL D 190 -20.82 26.79 29.72
N ALA D 191 -21.57 27.78 29.26
CA ALA D 191 -21.01 28.79 28.38
C ALA D 191 -21.70 30.13 28.34
N TRP D 192 -20.92 31.17 28.09
CA TRP D 192 -21.42 32.52 27.93
C TRP D 192 -20.97 32.80 26.53
N LEU D 193 -21.90 33.13 25.65
CA LEU D 193 -21.58 33.37 24.27
C LEU D 193 -22.00 34.76 23.81
N CYS D 194 -21.10 35.45 23.11
CA CYS D 194 -21.46 36.76 22.58
C CYS D 194 -21.89 36.49 21.16
N LEU D 195 -22.98 37.12 20.74
CA LEU D 195 -23.52 36.95 19.40
C LEU D 195 -23.60 38.27 18.66
N GLY D 196 -23.39 38.21 17.35
CA GLY D 196 -23.47 39.40 16.54
C GLY D 196 -23.07 39.17 15.10
N PHE D 197 -23.71 39.90 14.18
CA PHE D 197 -23.36 39.77 12.78
C PHE D 197 -21.92 40.22 12.63
N VAL D 198 -21.19 39.61 11.69
CA VAL D 198 -19.82 40.03 11.44
C VAL D 198 -19.62 39.91 9.95
N ASP D 199 -18.94 40.91 9.38
CA ASP D 199 -18.66 40.96 7.95
C ASP D 199 -17.22 40.59 7.62
N ARG D 200 -16.45 40.21 8.63
CA ARG D 200 -15.06 39.84 8.42
C ARG D 200 -14.63 38.77 9.42
N LEU D 201 -13.83 37.83 8.95
CA LEU D 201 -13.36 36.75 9.82
C LEU D 201 -11.90 36.47 9.54
N TYR D 202 -11.16 36.05 10.55
CA TYR D 202 -9.77 35.70 10.34
C TYR D 202 -9.84 34.40 9.55
N GLN D 203 -8.80 34.12 8.75
CA GLN D 203 -8.75 32.91 7.93
C GLN D 203 -8.13 31.73 8.66
N GLU D 204 -7.71 31.99 9.89
CA GLU D 204 -7.10 30.98 10.74
C GLU D 204 -7.37 31.46 12.16
N PRO D 205 -7.14 30.61 13.16
CA PRO D 205 -7.39 31.05 14.53
C PRO D 205 -6.62 32.32 14.80
N GLU D 206 -7.35 33.33 15.25
CA GLU D 206 -6.80 34.64 15.58
C GLU D 206 -5.65 34.49 16.56
N LEU D 207 -5.88 33.65 17.57
CA LEU D 207 -4.90 33.39 18.61
C LEU D 207 -3.62 32.81 18.03
N ALA D 208 -3.62 32.52 16.74
CA ALA D 208 -2.43 31.97 16.09
C ALA D 208 -1.80 33.13 15.30
N ALA D 209 -2.67 33.86 14.60
CA ALA D 209 -2.26 35.01 13.81
C ALA D 209 -1.60 36.06 14.69
N LYS D 210 -1.93 36.09 15.97
CA LYS D 210 -1.33 37.04 16.88
C LYS D 210 -0.22 36.37 17.69
N GLY D 211 0.38 35.34 17.11
CA GLY D 211 1.47 34.64 17.77
C GLY D 211 1.25 34.02 19.13
N TRP D 212 0.01 33.90 19.61
CA TRP D 212 -0.18 33.30 20.92
C TRP D 212 0.05 31.79 20.92
N ARG D 213 -0.37 31.13 19.84
CA ARG D 213 -0.18 29.68 19.76
C ARG D 213 -0.58 29.19 18.38
N GLN D 214 0.31 28.44 17.75
CA GLN D 214 0.10 27.90 16.42
C GLN D 214 -0.76 26.65 16.47
N ARG D 215 -1.17 26.17 15.30
CA ARG D 215 -1.98 24.96 15.26
C ARG D 215 -1.07 23.73 15.28
N LEU D 216 -1.53 22.67 15.92
CA LEU D 216 -0.72 21.45 16.03
C LEU D 216 -0.88 20.46 14.86
N PRO D 217 0.17 19.68 14.60
CA PRO D 217 0.13 18.70 13.52
C PRO D 217 -0.76 17.55 13.94
N LEU D 218 -1.90 17.39 13.26
CA LEU D 218 -2.87 16.34 13.55
C LEU D 218 -2.24 14.95 13.61
N GLU D 219 -1.23 14.76 12.77
CA GLU D 219 -0.51 13.50 12.70
C GLU D 219 0.08 13.13 14.05
N ASP D 220 0.57 14.11 14.80
CA ASP D 220 1.16 13.78 16.09
C ASP D 220 0.08 13.35 17.08
N LEU D 221 -1.18 13.66 16.76
CA LEU D 221 -2.32 13.40 17.64
C LEU D 221 -3.11 12.12 17.43
N VAL D 222 -2.91 11.45 16.29
CA VAL D 222 -3.68 10.25 15.98
C VAL D 222 -2.92 8.97 16.29
N PHE D 223 -3.48 8.12 17.15
CA PHE D 223 -2.83 6.86 17.50
C PHE D 223 -3.53 5.61 16.98
N GLU D 224 -2.76 4.54 16.87
CA GLU D 224 -3.27 3.29 16.35
C GLU D 224 -3.45 2.12 17.34
N GLU D 225 -4.69 1.88 17.74
CA GLU D 225 -5.03 0.76 18.62
C GLU D 225 -4.57 0.82 20.06
N GLY D 226 -3.71 1.77 20.37
CA GLY D 226 -3.22 1.89 21.73
C GLY D 226 -2.59 3.23 21.87
N TRP D 227 -2.70 3.82 23.06
CA TRP D 227 -2.14 5.13 23.30
C TRP D 227 -0.69 5.25 22.85
N GLY D 228 -0.36 6.41 22.30
CA GLY D 228 1.00 6.66 21.86
C GLY D 228 1.59 5.84 20.74
N VAL D 229 0.81 4.93 20.15
CA VAL D 229 1.31 4.10 19.02
C VAL D 229 0.99 4.79 17.68
N ARG D 230 2.02 5.18 16.92
CA ARG D 230 1.76 5.83 15.63
C ARG D 230 1.41 4.84 14.52
N LEU E 12 11.05 35.97 2.19
CA LEU E 12 12.41 35.88 2.78
C LEU E 12 13.21 37.15 2.49
N THR E 13 13.50 37.93 3.52
CA THR E 13 14.26 39.16 3.31
C THR E 13 15.73 38.86 3.05
N ALA E 14 16.57 39.88 3.15
CA ALA E 14 18.01 39.75 2.94
C ALA E 14 18.76 39.53 4.24
N ALA E 15 19.97 39.01 4.13
CA ALA E 15 20.83 38.74 5.28
C ALA E 15 22.24 38.47 4.79
N GLY E 16 23.22 38.77 5.62
CA GLY E 16 24.60 38.55 5.23
C GLY E 16 25.44 38.16 6.43
N ALA E 17 26.72 38.53 6.42
CA ALA E 17 27.60 38.19 7.54
C ALA E 17 27.35 39.17 8.67
N PHE E 18 27.49 38.68 9.89
CA PHE E 18 27.29 39.52 11.05
C PHE E 18 28.36 40.60 11.02
N SER E 19 28.22 41.58 11.90
CA SER E 19 29.19 42.67 11.97
C SER E 19 30.52 42.06 12.42
N SER E 20 31.24 42.74 13.29
CA SER E 20 32.50 42.21 13.77
C SER E 20 32.24 41.60 15.13
N ASP E 21 31.97 42.46 16.10
CA ASP E 21 31.70 42.02 17.47
C ASP E 21 30.74 40.84 17.48
N GLU E 22 29.67 40.95 16.71
CA GLU E 22 28.70 39.87 16.66
C GLU E 22 29.41 38.56 16.34
N ARG E 23 29.96 38.47 15.14
CA ARG E 23 30.67 37.29 14.69
C ARG E 23 31.71 36.87 15.71
N ALA E 24 32.30 37.86 16.36
CA ALA E 24 33.32 37.61 17.38
C ALA E 24 32.65 36.90 18.55
N ALA E 25 31.49 37.41 18.94
CA ALA E 25 30.71 36.87 20.04
C ALA E 25 30.44 35.38 19.79
N VAL E 26 29.90 35.07 18.60
CA VAL E 26 29.59 33.68 18.26
C VAL E 26 30.79 32.79 18.55
N TYR E 27 31.95 33.15 17.98
CA TYR E 27 33.16 32.36 18.18
C TYR E 27 33.60 32.34 19.64
N ARG E 28 33.34 33.43 20.35
CA ARG E 28 33.73 33.47 21.75
C ARG E 28 32.92 32.42 22.49
N ALA E 29 31.68 32.22 22.05
CA ALA E 29 30.80 31.23 22.67
C ALA E 29 31.29 29.83 22.35
N ILE E 30 31.51 29.59 21.06
CA ILE E 30 31.98 28.31 20.59
C ILE E 30 33.34 27.99 21.20
N GLU E 31 34.28 28.91 21.06
CA GLU E 31 35.65 28.73 21.54
C GLU E 31 35.85 28.60 23.05
N THR E 32 35.23 29.49 23.82
CA THR E 32 35.39 29.49 25.28
C THR E 32 34.55 28.51 26.08
N ARG E 33 33.40 28.07 25.52
CA ARG E 33 32.52 27.14 26.23
C ARG E 33 33.12 25.76 26.49
N ARG E 34 32.95 25.31 27.74
CA ARG E 34 33.47 24.03 28.23
C ARG E 34 32.34 23.17 28.81
N ASP E 35 32.65 21.91 29.08
CA ASP E 35 31.72 20.96 29.69
C ASP E 35 31.99 20.89 31.19
N VAL E 36 31.29 21.73 31.95
CA VAL E 36 31.43 21.83 33.41
C VAL E 36 30.98 20.60 34.21
N ARG E 37 31.84 20.14 35.11
CA ARG E 37 31.53 18.96 35.92
C ARG E 37 31.59 19.22 37.42
N ASP E 38 32.39 20.19 37.86
CA ASP E 38 32.52 20.47 39.28
C ASP E 38 32.53 21.95 39.66
N GLU E 39 32.52 22.83 38.67
CA GLU E 39 32.55 24.26 38.93
C GLU E 39 31.17 24.83 39.21
N PHE E 40 30.14 24.01 39.04
CA PHE E 40 28.76 24.43 39.27
C PHE E 40 28.59 25.08 40.64
N LEU E 41 27.75 26.10 40.69
CA LEU E 41 27.45 26.79 41.94
C LEU E 41 26.03 26.31 42.28
N PRO E 42 25.91 25.16 42.99
CA PRO E 42 24.61 24.57 43.38
C PRO E 42 23.53 25.52 43.95
N GLU E 43 23.05 26.42 43.08
CA GLU E 43 22.00 27.39 43.41
C GLU E 43 20.92 27.35 42.32
N PRO E 44 19.77 27.99 42.57
CA PRO E 44 18.69 28.00 41.57
C PRO E 44 18.77 29.09 40.51
N LEU E 45 18.33 28.76 39.30
CA LEU E 45 18.32 29.72 38.19
C LEU E 45 16.90 30.19 37.92
N SER E 46 16.76 31.45 37.50
CA SER E 46 15.47 32.04 37.22
C SER E 46 14.71 31.27 36.14
N GLU E 47 13.39 31.32 36.21
CA GLU E 47 12.55 30.66 35.21
C GLU E 47 12.67 31.48 33.94
N GLU E 48 12.94 32.77 34.11
CA GLU E 48 13.10 33.68 32.99
C GLU E 48 14.29 33.23 32.15
N LEU E 49 15.31 32.68 32.84
CA LEU E 49 16.54 32.20 32.20
C LEU E 49 16.37 30.84 31.54
N ILE E 50 15.87 29.87 32.28
CA ILE E 50 15.65 28.53 31.74
C ILE E 50 14.76 28.72 30.50
N ALA E 51 13.96 29.77 30.54
CA ALA E 51 13.07 30.08 29.42
C ALA E 51 13.92 30.24 28.18
N ARG E 52 14.94 31.09 28.28
CA ARG E 52 15.83 31.37 27.15
C ARG E 52 16.67 30.16 26.74
N LEU E 53 17.31 29.52 27.72
CA LEU E 53 18.10 28.36 27.35
C LEU E 53 17.22 27.35 26.64
N LEU E 54 16.02 27.12 27.18
CA LEU E 54 15.11 26.17 26.56
C LEU E 54 14.67 26.62 25.16
N GLY E 55 14.35 27.91 25.04
CA GLY E 55 13.93 28.43 23.75
C GLY E 55 15.06 28.29 22.76
N ALA E 56 16.26 28.55 23.26
CA ALA E 56 17.45 28.45 22.43
C ALA E 56 17.44 27.10 21.74
N ALA E 57 17.23 26.03 22.51
CA ALA E 57 17.21 24.69 21.96
C ALA E 57 16.13 24.48 20.90
N HIS E 58 15.01 25.16 21.09
CA HIS E 58 13.88 25.02 20.18
C HIS E 58 14.15 25.56 18.78
N GLN E 59 15.10 26.48 18.67
CA GLN E 59 15.46 27.08 17.40
C GLN E 59 16.49 26.21 16.70
N ALA E 60 16.46 24.92 17.01
CA ALA E 60 17.40 24.01 16.40
C ALA E 60 16.71 23.34 15.21
N PRO E 61 17.50 22.89 14.22
CA PRO E 61 16.97 22.23 13.02
C PRO E 61 16.42 20.84 13.35
N SER E 62 15.79 20.20 12.38
CA SER E 62 15.25 18.87 12.59
C SER E 62 14.66 18.28 11.32
N VAL E 63 14.90 16.99 11.09
CA VAL E 63 14.35 16.34 9.88
C VAL E 63 12.84 16.56 9.78
N GLY E 64 12.44 17.18 8.69
CA GLY E 64 11.03 17.45 8.49
C GLY E 64 10.48 18.32 9.60
N PHE E 65 11.28 19.26 10.08
CA PHE E 65 10.84 20.15 11.13
C PHE E 65 10.07 19.32 12.16
N MET E 66 10.55 18.09 12.35
CA MET E 66 9.93 17.14 13.27
C MET E 66 9.99 17.53 14.75
N GLN E 67 10.94 18.41 15.12
CA GLN E 67 11.07 18.85 16.51
C GLN E 67 10.74 17.73 17.49
N PRO E 68 11.37 16.56 17.32
CA PRO E 68 11.12 15.40 18.18
C PRO E 68 11.59 15.47 19.61
N TRP E 69 12.25 16.56 19.99
CA TRP E 69 12.78 16.65 21.33
C TRP E 69 11.75 16.80 22.42
N ASN E 70 12.24 16.73 23.66
CA ASN E 70 11.42 16.87 24.85
C ASN E 70 12.35 17.05 26.05
N PHE E 71 12.14 18.14 26.79
CA PHE E 71 12.97 18.45 27.94
C PHE E 71 12.27 18.14 29.26
N VAL E 72 13.03 17.60 30.22
CA VAL E 72 12.48 17.26 31.53
C VAL E 72 13.29 17.94 32.62
N LEU E 73 12.77 19.05 33.16
CA LEU E 73 13.48 19.76 34.21
C LEU E 73 13.50 18.98 35.53
N VAL E 74 14.70 18.58 35.95
CA VAL E 74 14.85 17.82 37.20
C VAL E 74 15.53 18.66 38.27
N ARG E 75 14.78 19.03 39.30
CA ARG E 75 15.30 19.85 40.39
C ARG E 75 15.02 19.33 41.80
N GLN E 76 14.76 18.03 41.92
CA GLN E 76 14.49 17.42 43.22
C GLN E 76 15.54 16.38 43.60
N ASP E 77 15.99 16.45 44.84
CA ASP E 77 17.02 15.57 45.37
C ASP E 77 16.91 14.09 45.00
N GLU E 78 16.06 13.35 45.70
CA GLU E 78 15.93 11.92 45.41
C GLU E 78 15.67 11.70 43.93
N THR E 79 15.11 12.73 43.28
CA THR E 79 14.79 12.69 41.85
C THR E 79 16.07 12.72 41.02
N ARG E 80 17.15 13.23 41.61
CA ARG E 80 18.44 13.33 40.94
C ARG E 80 19.37 12.30 41.58
N GLU E 81 19.05 11.94 42.81
CA GLU E 81 19.81 10.99 43.58
C GLU E 81 19.76 9.61 42.94
N LYS E 82 18.55 9.16 42.60
CA LYS E 82 18.44 7.85 41.97
C LYS E 82 19.14 7.89 40.62
N VAL E 83 19.37 9.10 40.12
CA VAL E 83 20.07 9.27 38.85
C VAL E 83 21.56 9.06 39.06
N TRP E 84 22.10 9.62 40.13
CA TRP E 84 23.51 9.44 40.45
C TRP E 84 23.74 7.96 40.68
N GLN E 85 22.77 7.32 41.32
CA GLN E 85 22.81 5.90 41.63
C GLN E 85 23.10 5.03 40.41
N ALA E 86 22.27 5.21 39.37
CA ALA E 86 22.43 4.43 38.14
C ALA E 86 23.80 4.67 37.52
N PHE E 87 24.18 5.93 37.39
CA PHE E 87 25.47 6.31 36.82
C PHE E 87 26.63 5.41 37.27
N GLN E 88 26.65 5.10 38.57
CA GLN E 88 27.70 4.29 39.16
C GLN E 88 27.94 2.92 38.52
N ARG E 89 26.91 2.07 38.50
CA ARG E 89 27.05 0.74 37.92
C ARG E 89 27.81 0.69 36.59
N ALA E 90 27.35 1.46 35.60
CA ALA E 90 27.99 1.50 34.29
C ALA E 90 29.34 2.21 34.38
N ASN E 91 29.49 3.06 35.40
CA ASN E 91 30.71 3.80 35.65
C ASN E 91 31.76 2.77 36.09
N ASP E 92 31.28 1.68 36.66
CA ASP E 92 32.15 0.61 37.13
C ASP E 92 32.35 -0.44 36.03
N GLU E 93 31.28 -0.84 35.36
CA GLU E 93 31.41 -1.84 34.30
C GLU E 93 32.45 -1.33 33.29
N ALA E 94 32.72 -0.03 33.35
CA ALA E 94 33.68 0.62 32.46
C ALA E 94 35.04 0.71 33.15
N ALA E 95 35.04 1.20 34.39
CA ALA E 95 36.27 1.33 35.16
C ALA E 95 36.80 -0.07 35.49
N GLU E 96 36.46 -1.02 34.63
CA GLU E 96 36.88 -2.41 34.75
C GLU E 96 37.50 -2.74 33.40
N MET E 97 37.38 -1.80 32.47
CA MET E 97 37.94 -1.95 31.13
C MET E 97 39.22 -1.14 31.00
N PHE E 98 39.68 -0.59 32.13
CA PHE E 98 40.91 0.20 32.18
C PHE E 98 41.89 -0.53 33.10
N SER E 99 43.00 -0.99 32.51
CA SER E 99 44.02 -1.74 33.25
C SER E 99 44.92 -0.97 34.20
N GLY E 100 45.04 -1.51 35.42
CA GLY E 100 45.88 -0.94 36.45
C GLY E 100 45.99 0.57 36.53
N GLU E 101 47.20 1.07 36.31
CA GLU E 101 47.50 2.50 36.36
C GLU E 101 46.69 3.38 35.39
N ARG E 102 45.79 2.75 34.64
CA ARG E 102 44.95 3.46 33.69
C ARG E 102 43.65 3.89 34.37
N GLN E 103 42.89 2.92 34.85
CA GLN E 103 41.63 3.20 35.53
C GLN E 103 41.89 4.08 36.73
N ALA E 104 43.16 4.11 37.15
CA ALA E 104 43.57 4.91 38.28
C ALA E 104 43.16 6.36 38.05
N LYS E 105 43.49 6.89 36.87
CA LYS E 105 43.15 8.26 36.54
C LYS E 105 41.66 8.40 36.23
N TYR E 106 41.10 7.42 35.53
CA TYR E 106 39.69 7.44 35.18
C TYR E 106 38.81 7.62 36.40
N ARG E 107 39.33 7.20 37.55
CA ARG E 107 38.59 7.32 38.80
C ARG E 107 39.00 8.60 39.53
N SER E 108 40.02 9.27 39.00
CA SER E 108 40.52 10.50 39.60
C SER E 108 39.93 11.75 38.96
N LEU E 109 39.15 11.54 37.90
CA LEU E 109 38.51 12.64 37.18
C LEU E 109 36.99 12.58 37.33
N LYS E 110 36.41 13.65 37.87
CA LYS E 110 34.98 13.68 38.05
C LYS E 110 34.34 13.76 36.66
N LEU E 111 33.42 12.85 36.40
CA LEU E 111 32.75 12.79 35.11
C LEU E 111 31.35 13.40 35.12
N GLU E 112 30.91 13.86 36.29
CA GLU E 112 29.59 14.46 36.38
C GLU E 112 29.40 15.26 37.66
N GLY E 113 28.29 15.98 37.74
CA GLY E 113 28.00 16.77 38.92
C GLY E 113 26.52 16.72 39.23
N ILE E 114 25.91 15.57 38.97
CA ILE E 114 24.48 15.39 39.20
C ILE E 114 24.03 16.04 40.51
N ARG E 115 24.27 15.35 41.63
CA ARG E 115 23.90 15.86 42.95
C ARG E 115 24.40 17.28 43.14
N LYS E 116 25.63 17.53 42.67
CA LYS E 116 26.27 18.83 42.81
C LYS E 116 25.58 19.95 42.03
N ALA E 117 25.16 19.65 40.81
CA ALA E 117 24.51 20.62 39.93
C ALA E 117 23.07 20.93 40.34
N PRO E 118 22.75 22.23 40.52
CA PRO E 118 21.41 22.69 40.91
C PRO E 118 20.28 22.20 40.01
N LEU E 119 20.42 22.41 38.70
CA LEU E 119 19.42 21.98 37.74
C LEU E 119 20.01 21.02 36.71
N SER E 120 19.20 20.06 36.28
CA SER E 120 19.61 19.10 35.27
C SER E 120 18.43 18.91 34.29
N ILE E 121 18.76 18.74 33.01
CA ILE E 121 17.74 18.58 31.98
C ILE E 121 17.92 17.28 31.22
N CYS E 122 16.88 16.46 31.16
CA CYS E 122 16.99 15.21 30.44
C CYS E 122 16.36 15.31 29.07
N VAL E 123 17.16 15.70 28.08
CA VAL E 123 16.68 15.86 26.73
C VAL E 123 16.37 14.50 26.11
N THR E 124 15.09 14.29 25.78
CA THR E 124 14.61 13.03 25.20
C THR E 124 14.23 13.24 23.74
N CYS E 125 14.10 12.14 23.01
CA CYS E 125 13.74 12.23 21.60
C CYS E 125 12.62 11.29 21.20
N ASP E 126 11.39 11.79 21.20
CA ASP E 126 10.24 10.99 20.80
C ASP E 126 10.53 10.39 19.43
N ARG E 127 10.80 9.09 19.40
CA ARG E 127 11.14 8.40 18.16
C ARG E 127 10.00 8.19 17.16
N THR E 128 8.79 8.66 17.49
CA THR E 128 7.66 8.48 16.59
C THR E 128 6.93 9.78 16.29
N ARG E 129 7.48 10.90 16.73
CA ARG E 129 6.84 12.18 16.47
C ARG E 129 6.72 12.40 14.96
N GLY E 130 5.91 13.39 14.59
CA GLY E 130 5.71 13.68 13.18
C GLY E 130 4.92 12.55 12.56
N GLY E 131 4.14 11.85 13.38
CA GLY E 131 3.34 10.74 12.89
C GLY E 131 4.22 9.55 12.53
N ALA E 132 3.72 8.67 11.66
CA ALA E 132 4.46 7.48 11.26
C ALA E 132 5.53 7.81 10.19
N VAL E 133 5.34 8.94 9.51
CA VAL E 133 6.29 9.36 8.48
C VAL E 133 6.48 10.89 8.48
N VAL E 134 7.73 11.34 8.44
CA VAL E 134 8.06 12.76 8.43
C VAL E 134 9.50 13.03 7.94
N LEU E 135 9.59 13.72 6.79
CA LEU E 135 10.85 14.08 6.13
C LEU E 135 12.20 13.72 6.78
N GLY E 136 12.84 12.66 6.31
CA GLY E 136 14.14 12.29 6.85
C GLY E 136 14.33 11.00 7.63
N ARG E 137 13.27 10.24 7.84
CA ARG E 137 13.37 8.99 8.60
C ARG E 137 13.22 7.74 7.73
N THR E 138 13.18 7.95 6.43
CA THR E 138 13.02 6.89 5.44
C THR E 138 14.26 6.00 5.24
N HIS E 139 15.43 6.61 5.15
CA HIS E 139 16.67 5.87 4.93
C HIS E 139 17.59 5.78 6.16
N ASN E 140 17.72 6.88 6.91
CA ASN E 140 18.55 6.85 8.11
C ASN E 140 17.66 7.17 9.30
N PRO E 141 17.35 6.16 10.13
CA PRO E 141 16.50 6.30 11.32
C PRO E 141 17.12 7.06 12.49
N GLN E 142 18.35 7.53 12.32
CA GLN E 142 19.05 8.26 13.38
C GLN E 142 18.80 9.77 13.32
N MET E 143 18.45 10.26 12.14
CA MET E 143 18.19 11.67 11.89
C MET E 143 17.40 12.44 12.94
N ASP E 144 16.59 11.77 13.73
CA ASP E 144 15.81 12.47 14.73
C ASP E 144 16.60 12.62 16.03
N LEU E 145 17.45 11.65 16.33
CA LEU E 145 18.27 11.74 17.53
C LEU E 145 19.34 12.81 17.24
N TYR E 146 19.88 12.79 16.03
CA TYR E 146 20.88 13.78 15.62
C TYR E 146 20.26 15.14 15.69
N SER E 147 18.96 15.22 15.43
CA SER E 147 18.26 16.51 15.51
C SER E 147 18.33 16.97 16.95
N THR E 148 17.82 16.13 17.85
CA THR E 148 17.80 16.44 19.27
C THR E 148 19.16 16.80 19.83
N VAL E 149 20.22 16.44 19.11
CA VAL E 149 21.56 16.76 19.56
C VAL E 149 21.81 18.24 19.25
N CYS E 150 21.31 18.71 18.10
CA CYS E 150 21.48 20.10 17.70
C CYS E 150 20.89 21.07 18.71
N ALA E 151 19.75 20.70 19.29
CA ALA E 151 19.10 21.53 20.29
C ALA E 151 20.01 21.59 21.52
N VAL E 152 20.66 20.47 21.84
CA VAL E 152 21.57 20.43 22.98
C VAL E 152 22.74 21.40 22.82
N GLN E 153 23.34 21.41 21.63
CA GLN E 153 24.45 22.31 21.37
C GLN E 153 23.99 23.78 21.43
N ASN E 154 22.82 24.08 20.87
CA ASN E 154 22.32 25.44 20.91
C ASN E 154 22.21 25.85 22.37
N LEU E 155 21.68 24.93 23.17
CA LEU E 155 21.55 25.18 24.58
C LEU E 155 22.92 25.51 25.15
N TRP E 156 23.79 24.50 25.15
CA TRP E 156 25.16 24.61 25.63
C TRP E 156 25.81 25.95 25.32
N LEU E 157 25.73 26.38 24.06
CA LEU E 157 26.31 27.64 23.64
C LEU E 157 25.75 28.81 24.44
N ALA E 158 24.45 29.06 24.29
CA ALA E 158 23.78 30.15 25.00
C ALA E 158 24.11 30.07 26.48
N ALA E 159 23.95 28.90 27.06
CA ALA E 159 24.26 28.72 28.47
C ALA E 159 25.58 29.45 28.73
N ARG E 160 26.57 29.17 27.91
CA ARG E 160 27.87 29.83 28.05
C ARG E 160 27.70 31.35 28.04
N ALA E 161 26.97 31.87 27.05
CA ALA E 161 26.74 33.30 26.95
C ALA E 161 25.99 33.83 28.17
N GLU E 162 25.26 32.92 28.82
CA GLU E 162 24.49 33.25 30.01
C GLU E 162 25.34 32.97 31.24
N GLY E 163 26.64 32.77 31.02
CA GLY E 163 27.52 32.48 32.13
C GLY E 163 27.08 31.24 32.88
N VAL E 164 26.43 30.33 32.17
CA VAL E 164 25.94 29.09 32.77
C VAL E 164 26.66 27.86 32.25
N GLY E 165 27.28 27.14 33.18
CA GLY E 165 27.98 25.94 32.81
C GLY E 165 27.00 24.83 32.57
N VAL E 166 27.39 23.88 31.72
CA VAL E 166 26.56 22.74 31.38
C VAL E 166 27.48 21.53 31.21
N GLY E 167 27.04 20.41 31.75
CA GLY E 167 27.83 19.19 31.66
C GLY E 167 27.01 18.00 31.21
N TRP E 168 27.43 17.37 30.13
CA TRP E 168 26.71 16.22 29.64
C TRP E 168 27.11 15.06 30.54
N VAL E 169 26.29 14.02 30.57
CA VAL E 169 26.58 12.81 31.34
C VAL E 169 25.97 11.70 30.51
N SER E 170 26.71 10.60 30.35
CA SER E 170 26.22 9.50 29.54
C SER E 170 26.82 8.16 29.93
N ILE E 171 26.95 7.92 31.21
CA ILE E 171 27.50 6.65 31.67
C ILE E 171 26.44 5.89 32.46
N PHE E 172 25.72 5.01 31.75
CA PHE E 172 24.67 4.16 32.30
C PHE E 172 23.74 3.63 31.23
N HIS E 173 23.08 2.52 31.53
CA HIS E 173 22.10 1.91 30.64
C HIS E 173 20.93 2.90 30.71
N GLU E 174 20.44 3.34 29.55
CA GLU E 174 19.36 4.31 29.56
C GLU E 174 18.24 3.91 30.53
N SER E 175 17.88 2.62 30.48
CA SER E 175 16.83 2.03 31.31
C SER E 175 16.67 2.61 32.72
N GLU E 176 17.63 2.34 33.60
CA GLU E 176 17.53 2.86 34.97
C GLU E 176 17.06 4.32 34.98
N ILE E 177 17.61 5.12 34.06
CA ILE E 177 17.25 6.53 34.00
C ILE E 177 15.82 6.75 33.55
N LYS E 178 15.41 6.07 32.49
CA LYS E 178 14.05 6.20 31.98
C LYS E 178 13.06 5.90 33.11
N ALA E 179 13.15 4.68 33.63
CA ALA E 179 12.28 4.24 34.72
C ALA E 179 12.16 5.27 35.84
N ILE E 180 13.27 5.93 36.16
CA ILE E 180 13.25 6.95 37.20
C ILE E 180 12.34 8.11 36.81
N LEU E 181 12.29 8.39 35.51
CA LEU E 181 11.47 9.47 34.96
C LEU E 181 10.26 8.96 34.20
N GLY E 182 10.21 7.65 33.97
CA GLY E 182 9.09 7.06 33.26
C GLY E 182 9.04 7.52 31.81
N ILE E 183 9.81 6.86 30.96
CA ILE E 183 9.84 7.23 29.56
C ILE E 183 9.45 6.07 28.65
N PRO E 184 8.35 6.25 27.90
CA PRO E 184 7.78 5.28 26.97
C PRO E 184 8.71 4.53 26.04
N ASP E 185 8.16 3.48 25.46
CA ASP E 185 8.83 2.59 24.52
C ASP E 185 9.40 3.28 23.27
N HIS E 186 8.72 4.32 22.81
CA HIS E 186 9.17 5.02 21.61
C HIS E 186 9.91 6.32 21.87
N VAL E 187 10.44 6.49 23.07
CA VAL E 187 11.18 7.71 23.39
C VAL E 187 12.52 7.46 24.05
N GLU E 188 13.59 7.55 23.26
CA GLU E 188 14.95 7.33 23.75
C GLU E 188 15.52 8.61 24.37
N ILE E 189 16.45 8.44 25.33
CA ILE E 189 17.10 9.57 26.01
C ILE E 189 18.33 9.97 25.22
N VAL E 190 18.49 11.26 24.98
CA VAL E 190 19.64 11.71 24.22
C VAL E 190 20.72 12.29 25.10
N ALA E 191 20.35 13.00 26.16
CA ALA E 191 21.38 13.59 26.99
C ALA E 191 20.97 14.11 28.34
N TRP E 192 21.65 13.65 29.40
CA TRP E 192 21.38 14.18 30.72
C TRP E 192 22.35 15.36 30.82
N LEU E 193 21.86 16.53 31.22
CA LEU E 193 22.73 17.69 31.32
C LEU E 193 22.67 18.31 32.71
N CYS E 194 23.80 18.81 33.19
CA CYS E 194 23.81 19.45 34.50
C CYS E 194 24.08 20.94 34.29
N LEU E 195 23.15 21.77 34.71
CA LEU E 195 23.32 23.21 34.54
C LEU E 195 23.59 23.93 35.83
N GLY E 196 24.13 25.14 35.72
CA GLY E 196 24.44 25.92 36.90
C GLY E 196 25.43 27.02 36.59
N PHE E 197 25.26 28.16 37.26
CA PHE E 197 26.14 29.31 37.11
C PHE E 197 27.56 28.90 37.49
N VAL E 198 28.55 29.61 36.94
CA VAL E 198 29.93 29.28 37.24
C VAL E 198 30.80 30.52 37.14
N ASP E 199 31.75 30.63 38.09
CA ASP E 199 32.66 31.75 38.14
C ASP E 199 33.98 31.37 37.50
N ARG E 200 34.26 30.07 37.47
CA ARG E 200 35.50 29.56 36.90
C ARG E 200 35.33 28.52 35.78
N LEU E 201 36.04 28.75 34.67
CA LEU E 201 36.02 27.86 33.51
C LEU E 201 37.44 27.53 33.04
N TYR E 202 37.69 26.27 32.68
CA TYR E 202 38.99 25.87 32.18
C TYR E 202 39.17 26.63 30.86
N GLN E 203 40.40 26.68 30.36
CA GLN E 203 40.68 27.39 29.12
C GLN E 203 40.88 26.41 27.98
N GLU E 204 40.81 25.13 28.32
CA GLU E 204 40.97 24.06 27.36
C GLU E 204 40.34 22.82 27.99
N PRO E 205 40.00 21.82 27.17
CA PRO E 205 39.40 20.62 27.73
C PRO E 205 40.03 20.17 29.03
N GLU E 206 39.18 19.71 29.95
CA GLU E 206 39.59 19.25 31.27
C GLU E 206 40.37 17.94 31.18
N LEU E 207 39.98 17.10 30.23
CA LEU E 207 40.62 15.81 30.03
C LEU E 207 41.94 15.95 29.32
N ALA E 208 42.30 17.19 28.98
CA ALA E 208 43.56 17.46 28.30
C ALA E 208 44.55 17.89 29.39
N ALA E 209 44.09 18.76 30.28
CA ALA E 209 44.90 19.24 31.38
C ALA E 209 45.17 18.10 32.37
N LYS E 210 44.35 17.06 32.30
CA LYS E 210 44.49 15.91 33.17
C LYS E 210 45.25 14.80 32.46
N GLY E 211 45.76 15.11 31.28
CA GLY E 211 46.52 14.13 30.51
C GLY E 211 45.78 12.91 30.01
N TRP E 212 44.46 13.00 29.83
CA TRP E 212 43.70 11.85 29.33
C TRP E 212 43.84 11.75 27.81
N ARG E 213 43.56 12.87 27.12
CA ARG E 213 43.68 12.96 25.65
C ARG E 213 43.99 14.40 25.32
N GLN E 214 44.76 14.64 24.27
CA GLN E 214 45.08 16.00 23.87
C GLN E 214 44.30 16.41 22.62
N ARG E 215 44.15 17.70 22.41
CA ARG E 215 43.43 18.19 21.24
C ARG E 215 44.10 17.63 19.99
N LEU E 216 43.33 17.00 19.13
CA LEU E 216 43.89 16.42 17.91
C LEU E 216 44.17 17.50 16.88
N PRO E 217 45.17 17.26 16.02
CA PRO E 217 45.58 18.19 14.96
C PRO E 217 44.55 18.21 13.84
N LEU E 218 43.82 19.32 13.72
CA LEU E 218 42.80 19.44 12.70
C LEU E 218 43.38 19.21 11.31
N GLU E 219 44.59 19.72 11.10
CA GLU E 219 45.25 19.55 9.81
C GLU E 219 45.19 18.08 9.39
N ASP E 220 45.34 17.19 10.36
CA ASP E 220 45.32 15.75 10.11
C ASP E 220 43.95 15.12 9.92
N LEU E 221 42.89 15.90 10.05
CA LEU E 221 41.54 15.36 9.93
C LEU E 221 40.84 15.77 8.65
N VAL E 222 41.14 16.97 8.14
CA VAL E 222 40.51 17.45 6.92
C VAL E 222 41.02 16.66 5.70
N PHE E 223 40.11 16.29 4.81
CA PHE E 223 40.45 15.54 3.59
C PHE E 223 40.01 16.29 2.34
N GLU E 224 40.54 15.88 1.19
CA GLU E 224 40.19 16.48 -0.09
C GLU E 224 39.65 15.45 -1.10
N GLU E 225 38.37 15.61 -1.44
CA GLU E 225 37.66 14.77 -2.38
C GLU E 225 37.45 13.32 -2.00
N GLY E 226 38.38 12.74 -1.24
CA GLY E 226 38.21 11.35 -0.86
C GLY E 226 38.65 11.04 0.55
N TRP E 227 38.38 9.82 0.99
CA TRP E 227 38.77 9.43 2.33
C TRP E 227 40.24 9.08 2.37
N GLY E 228 41.03 9.93 3.01
CA GLY E 228 42.46 9.66 3.09
C GLY E 228 43.35 10.59 2.29
N VAL E 229 42.78 11.43 1.45
CA VAL E 229 43.59 12.36 0.66
C VAL E 229 43.79 13.66 1.40
N ARG E 230 45.01 13.90 1.86
CA ARG E 230 45.31 15.13 2.56
C ARG E 230 45.34 16.26 1.52
N LEU F 12 42.07 26.82 33.36
CA LEU F 12 41.72 26.62 34.80
C LEU F 12 41.27 27.89 35.52
N THR F 13 41.63 29.05 34.97
CA THR F 13 41.30 30.35 35.58
C THR F 13 40.00 31.04 35.18
N ALA F 14 39.13 31.17 36.18
CA ALA F 14 37.80 31.78 36.12
C ALA F 14 37.46 32.89 35.13
N ALA F 15 36.15 33.08 34.95
CA ALA F 15 35.55 34.08 34.06
C ALA F 15 34.04 34.14 34.35
N GLY F 16 33.26 34.64 33.39
CA GLY F 16 31.82 34.73 33.60
C GLY F 16 31.00 35.17 32.39
N ALA F 17 29.69 35.31 32.60
CA ALA F 17 28.71 35.71 31.59
C ALA F 17 29.18 36.75 30.57
N PHE F 18 28.50 36.79 29.42
CA PHE F 18 28.81 37.73 28.35
C PHE F 18 28.08 39.05 28.55
N SER F 19 28.23 39.95 27.58
CA SER F 19 27.57 41.25 27.64
C SER F 19 26.21 41.19 26.94
N SER F 20 25.24 41.93 27.46
CA SER F 20 23.90 41.95 26.88
C SER F 20 23.98 41.93 25.37
N ASP F 21 24.91 42.71 24.82
CA ASP F 21 25.09 42.78 23.38
C ASP F 21 25.72 41.53 22.79
N GLU F 22 26.78 41.04 23.43
CA GLU F 22 27.44 39.84 22.96
C GLU F 22 26.44 38.70 22.82
N ARG F 23 25.98 38.16 23.94
CA ARG F 23 25.05 37.04 23.86
C ARG F 23 23.95 37.28 22.82
N ALA F 24 23.48 38.52 22.70
CA ALA F 24 22.45 38.80 21.71
C ALA F 24 22.90 38.20 20.39
N ALA F 25 24.17 38.41 20.06
CA ALA F 25 24.74 37.86 18.83
C ALA F 25 24.64 36.34 18.84
N VAL F 26 24.98 35.70 19.96
CA VAL F 26 24.89 34.26 20.04
C VAL F 26 23.46 33.89 19.67
N TYR F 27 22.52 34.42 20.44
CA TYR F 27 21.12 34.13 20.18
C TYR F 27 20.74 34.42 18.73
N ARG F 28 21.17 35.55 18.19
CA ARG F 28 20.81 35.86 16.81
C ARG F 28 21.22 34.71 15.87
N ALA F 29 22.49 34.35 15.88
CA ALA F 29 22.98 33.26 15.06
C ALA F 29 22.13 32.01 15.26
N ILE F 30 21.84 31.68 16.51
CA ILE F 30 21.03 30.52 16.82
C ILE F 30 19.63 30.65 16.21
N GLU F 31 19.05 31.84 16.35
CA GLU F 31 17.70 32.10 15.88
C GLU F 31 17.48 32.45 14.40
N THR F 32 18.53 32.85 13.68
CA THR F 32 18.32 33.17 12.26
C THR F 32 18.91 32.16 11.27
N ARG F 33 19.67 31.17 11.75
CA ARG F 33 20.22 30.23 10.78
C ARG F 33 19.16 29.27 10.25
N ARG F 34 19.12 29.15 8.92
CA ARG F 34 18.15 28.30 8.24
C ARG F 34 18.89 27.18 7.52
N ASP F 35 18.17 26.13 7.15
CA ASP F 35 18.77 25.00 6.43
C ASP F 35 18.75 25.30 4.93
N VAL F 36 19.46 26.34 4.51
CA VAL F 36 19.50 26.74 3.11
C VAL F 36 19.58 25.57 2.13
N ARG F 37 18.59 25.46 1.25
CA ARG F 37 18.55 24.39 0.25
C ARG F 37 18.80 24.91 -1.16
N ASP F 38 18.14 26.01 -1.51
CA ASP F 38 18.29 26.59 -2.85
C ASP F 38 18.46 28.10 -2.90
N GLU F 39 19.56 28.60 -2.36
CA GLU F 39 19.84 30.04 -2.37
C GLU F 39 21.34 30.33 -2.23
N PHE F 40 22.17 29.32 -2.45
CA PHE F 40 23.62 29.49 -2.34
C PHE F 40 24.10 30.48 -3.40
N LEU F 41 25.41 30.61 -3.57
CA LEU F 41 25.94 31.53 -4.56
C LEU F 41 27.16 30.98 -5.28
N PRO F 42 27.73 31.76 -6.22
CA PRO F 42 28.91 31.29 -6.95
C PRO F 42 30.17 31.44 -6.10
N GLU F 43 30.62 32.69 -5.94
CA GLU F 43 31.80 33.05 -5.18
C GLU F 43 32.23 31.97 -4.18
N PRO F 44 33.09 31.02 -4.62
CA PRO F 44 33.54 29.97 -3.72
C PRO F 44 34.12 30.57 -2.44
N LEU F 45 34.07 29.80 -1.36
CA LEU F 45 34.56 30.27 -0.08
C LEU F 45 36.08 30.31 0.05
N SER F 46 36.57 31.43 0.59
CA SER F 46 38.01 31.60 0.78
C SER F 46 38.55 30.46 1.62
N GLU F 47 39.75 30.00 1.30
CA GLU F 47 40.33 28.90 2.04
C GLU F 47 40.42 29.16 3.54
N GLU F 48 40.53 30.44 3.95
CA GLU F 48 40.60 30.75 5.38
C GLU F 48 39.23 30.65 6.02
N LEU F 49 38.19 30.83 5.22
CA LEU F 49 36.83 30.75 5.74
C LEU F 49 36.58 29.32 6.16
N ILE F 50 36.81 28.39 5.24
CA ILE F 50 36.62 26.98 5.53
C ILE F 50 37.41 26.60 6.77
N ALA F 51 38.51 27.31 7.01
CA ALA F 51 39.36 27.06 8.16
C ALA F 51 38.62 27.42 9.45
N ARG F 52 38.17 28.66 9.55
CA ARG F 52 37.44 29.10 10.73
C ARG F 52 36.20 28.24 10.92
N LEU F 53 35.51 27.94 9.82
CA LEU F 53 34.30 27.12 9.86
C LEU F 53 34.62 25.73 10.36
N LEU F 54 35.59 25.08 9.74
CA LEU F 54 36.00 23.75 10.15
C LEU F 54 36.57 23.83 11.55
N GLY F 55 37.22 24.94 11.85
CA GLY F 55 37.81 25.13 13.16
C GLY F 55 36.76 25.14 14.27
N ALA F 56 35.67 25.84 14.01
CA ALA F 56 34.58 25.92 14.96
C ALA F 56 34.21 24.51 15.35
N ALA F 57 33.86 23.71 14.34
CA ALA F 57 33.46 22.33 14.53
C ALA F 57 34.44 21.56 15.40
N HIS F 58 35.72 21.72 15.12
CA HIS F 58 36.75 21.01 15.87
C HIS F 58 36.75 21.38 17.36
N GLN F 59 36.15 22.52 17.70
CA GLN F 59 36.10 22.94 19.08
C GLN F 59 34.80 22.51 19.74
N ALA F 60 34.21 21.44 19.22
CA ALA F 60 32.97 20.91 19.75
C ALA F 60 33.31 19.91 20.87
N PRO F 61 32.33 19.59 21.73
CA PRO F 61 32.59 18.64 22.81
C PRO F 61 32.64 17.21 22.29
N SER F 62 33.26 16.32 23.06
CA SER F 62 33.37 14.92 22.64
C SER F 62 33.41 13.99 23.84
N VAL F 63 32.69 12.88 23.77
CA VAL F 63 32.74 11.95 24.88
C VAL F 63 34.19 11.47 24.98
N GLY F 64 34.76 11.55 26.18
CA GLY F 64 36.14 11.16 26.36
C GLY F 64 37.10 11.90 25.42
N PHE F 65 36.79 13.16 25.16
CA PHE F 65 37.58 14.01 24.28
C PHE F 65 37.99 13.30 23.00
N MET F 66 37.22 12.27 22.65
CA MET F 66 37.47 11.47 21.46
C MET F 66 37.75 12.26 20.18
N GLN F 67 36.80 13.11 19.77
CA GLN F 67 36.96 13.89 18.55
C GLN F 67 37.11 12.87 17.45
N PRO F 68 36.03 12.13 17.13
CA PRO F 68 36.09 11.11 16.07
C PRO F 68 35.68 11.56 14.68
N TRP F 69 35.60 12.86 14.48
CA TRP F 69 35.17 13.39 13.19
C TRP F 69 36.26 13.60 12.14
N ASN F 70 35.87 13.45 10.89
CA ASN F 70 36.75 13.67 9.74
C ASN F 70 35.94 14.52 8.79
N PHE F 71 36.60 15.48 8.15
CA PHE F 71 35.92 16.37 7.23
C PHE F 71 36.40 16.17 5.79
N VAL F 72 35.54 15.62 4.94
CA VAL F 72 35.92 15.42 3.56
C VAL F 72 35.40 16.56 2.70
N LEU F 73 36.27 17.51 2.36
CA LEU F 73 35.84 18.64 1.54
C LEU F 73 35.60 18.16 0.11
N VAL F 74 34.46 18.52 -0.45
CA VAL F 74 34.10 18.12 -1.80
C VAL F 74 33.77 19.33 -2.65
N ARG F 75 34.54 19.54 -3.71
CA ARG F 75 34.34 20.68 -4.60
C ARG F 75 34.55 20.36 -6.07
N GLN F 76 34.28 19.12 -6.46
CA GLN F 76 34.45 18.70 -7.84
C GLN F 76 33.16 18.16 -8.48
N ASP F 77 32.76 18.77 -9.58
CA ASP F 77 31.55 18.40 -10.31
C ASP F 77 31.41 16.90 -10.52
N GLU F 78 32.51 16.26 -10.91
CA GLU F 78 32.52 14.82 -11.14
C GLU F 78 31.81 14.12 -9.99
N THR F 79 32.17 14.50 -8.76
CA THR F 79 31.61 13.93 -7.53
C THR F 79 30.21 14.42 -7.17
N ARG F 80 29.99 15.72 -7.24
CA ARG F 80 28.69 16.31 -6.91
C ARG F 80 27.52 15.57 -7.56
N GLU F 81 27.57 15.41 -8.88
CA GLU F 81 26.52 14.74 -9.63
C GLU F 81 26.27 13.32 -9.14
N LYS F 82 27.32 12.50 -9.08
CA LYS F 82 27.16 11.13 -8.63
C LYS F 82 26.44 11.10 -7.29
N VAL F 83 26.61 12.17 -6.52
CA VAL F 83 25.96 12.29 -5.21
C VAL F 83 24.48 12.52 -5.47
N TRP F 84 24.21 13.61 -6.19
CA TRP F 84 22.84 13.99 -6.57
C TRP F 84 21.97 12.75 -6.65
N GLN F 85 22.30 11.89 -7.62
CA GLN F 85 21.58 10.65 -7.87
C GLN F 85 21.20 9.88 -6.61
N ALA F 86 22.19 9.63 -5.75
CA ALA F 86 21.94 8.89 -4.52
C ALA F 86 20.75 9.50 -3.77
N PHE F 87 20.60 10.81 -3.90
CA PHE F 87 19.51 11.55 -3.26
C PHE F 87 18.26 11.54 -4.12
N GLN F 88 18.45 11.79 -5.42
CA GLN F 88 17.35 11.82 -6.37
C GLN F 88 16.69 10.45 -6.49
N ARG F 89 17.51 9.40 -6.45
CA ARG F 89 16.98 8.04 -6.54
C ARG F 89 16.47 7.57 -5.17
N ALA F 90 16.82 8.31 -4.13
CA ALA F 90 16.38 7.97 -2.78
C ALA F 90 15.25 8.88 -2.33
N ASN F 91 15.17 10.05 -2.95
CA ASN F 91 14.13 11.02 -2.62
C ASN F 91 12.81 10.52 -3.20
N ASP F 92 12.89 9.83 -4.33
CA ASP F 92 11.69 9.30 -4.97
C ASP F 92 11.10 8.15 -4.15
N GLU F 93 11.95 7.54 -3.33
CA GLU F 93 11.52 6.43 -2.50
C GLU F 93 10.85 7.01 -1.26
N ALA F 94 11.48 8.02 -0.67
CA ALA F 94 10.94 8.68 0.51
C ALA F 94 9.64 9.35 0.10
N ALA F 95 9.62 9.85 -1.14
CA ALA F 95 8.44 10.50 -1.69
C ALA F 95 7.34 9.45 -1.84
N GLU F 96 7.69 8.33 -2.48
CA GLU F 96 6.77 7.22 -2.71
C GLU F 96 6.34 6.62 -1.36
N MET F 97 5.96 7.48 -0.42
CA MET F 97 5.55 7.05 0.89
C MET F 97 4.46 7.95 1.45
N PHE F 98 3.99 8.88 0.63
CA PHE F 98 2.95 9.81 1.06
C PHE F 98 1.69 9.78 0.19
N SER F 99 0.62 10.42 0.66
CA SER F 99 -0.65 10.42 -0.05
C SER F 99 -1.10 11.73 -0.72
N GLY F 100 -1.92 11.56 -1.75
CA GLY F 100 -2.49 12.67 -2.51
C GLY F 100 -1.73 13.98 -2.56
N GLU F 101 -2.20 14.95 -1.80
CA GLU F 101 -1.57 16.27 -1.75
C GLU F 101 -0.19 16.14 -1.11
N ARG F 102 -0.16 15.56 0.09
CA ARG F 102 1.08 15.36 0.83
C ARG F 102 2.17 14.80 -0.07
N GLN F 103 1.88 13.65 -0.69
CA GLN F 103 2.83 12.98 -1.58
C GLN F 103 3.24 13.89 -2.74
N ALA F 104 2.51 14.98 -2.92
CA ALA F 104 2.79 15.91 -3.98
C ALA F 104 3.36 17.20 -3.40
N LYS F 105 3.28 17.33 -2.09
CA LYS F 105 3.82 18.50 -1.41
C LYS F 105 5.26 18.16 -1.05
N TYR F 106 5.53 16.85 -1.05
CA TYR F 106 6.86 16.35 -0.75
C TYR F 106 7.78 16.70 -1.91
N ARG F 107 7.28 16.53 -3.13
CA ARG F 107 8.05 16.79 -4.33
C ARG F 107 8.09 18.26 -4.70
N SER F 108 7.29 19.06 -4.00
CA SER F 108 7.24 20.50 -4.25
C SER F 108 8.26 21.25 -3.39
N LEU F 109 8.90 20.51 -2.48
CA LEU F 109 9.89 21.05 -1.56
C LEU F 109 11.29 20.82 -2.10
N LYS F 110 12.22 21.70 -1.72
CA LYS F 110 13.60 21.51 -2.12
C LYS F 110 14.31 20.93 -0.89
N LEU F 111 14.90 19.76 -1.07
CA LEU F 111 15.57 19.07 0.02
C LEU F 111 17.07 18.93 -0.15
N GLU F 112 17.61 19.52 -1.21
CA GLU F 112 19.03 19.44 -1.47
C GLU F 112 19.58 20.72 -2.08
N GLY F 113 20.84 20.69 -2.44
CA GLY F 113 21.51 21.85 -3.01
C GLY F 113 22.92 21.38 -3.26
N ILE F 114 23.00 20.09 -3.61
CA ILE F 114 24.24 19.42 -3.88
C ILE F 114 24.94 20.00 -5.11
N ARG F 115 24.27 20.02 -6.24
CA ARG F 115 24.84 20.52 -7.49
C ARG F 115 25.01 22.04 -7.53
N LYS F 116 24.21 22.74 -6.73
CA LYS F 116 24.24 24.20 -6.70
C LYS F 116 25.23 24.83 -5.72
N ALA F 117 25.48 24.16 -4.60
CA ALA F 117 26.40 24.69 -3.58
C ALA F 117 27.89 24.52 -3.90
N PRO F 118 28.65 25.63 -3.86
CA PRO F 118 30.08 25.65 -4.12
C PRO F 118 30.84 24.55 -3.38
N LEU F 119 30.89 24.67 -2.05
CA LEU F 119 31.59 23.70 -1.23
C LEU F 119 30.63 22.74 -0.58
N SER F 120 31.04 21.49 -0.48
CA SER F 120 30.23 20.47 0.15
C SER F 120 31.13 19.79 1.18
N ILE F 121 30.56 19.33 2.31
CA ILE F 121 31.38 18.68 3.32
C ILE F 121 30.72 17.46 3.96
N CYS F 122 31.35 16.29 3.80
CA CYS F 122 30.82 15.07 4.37
C CYS F 122 31.42 14.81 5.75
N VAL F 123 30.72 15.23 6.79
CA VAL F 123 31.17 15.06 8.17
C VAL F 123 31.05 13.61 8.60
N THR F 124 32.16 12.97 8.95
CA THR F 124 32.12 11.55 9.33
C THR F 124 32.38 11.28 10.79
N CYS F 125 32.33 10.01 11.16
CA CYS F 125 32.56 9.58 12.55
C CYS F 125 33.13 8.16 12.61
N ASP F 126 34.40 8.06 13.02
CA ASP F 126 35.11 6.78 13.17
C ASP F 126 34.69 6.18 14.49
N ARG F 127 33.99 5.05 14.44
CA ARG F 127 33.48 4.40 15.64
C ARG F 127 34.51 3.91 16.65
N THR F 128 35.72 3.62 16.18
CA THR F 128 36.74 3.11 17.09
C THR F 128 37.91 4.04 17.38
N ARG F 129 37.75 5.32 17.12
CA ARG F 129 38.84 6.24 17.42
C ARG F 129 38.97 6.30 18.92
N GLY F 130 40.16 6.69 19.39
CA GLY F 130 40.40 6.76 20.81
C GLY F 130 40.41 5.35 21.34
N GLY F 131 40.60 4.40 20.42
CA GLY F 131 40.61 3.00 20.78
C GLY F 131 39.20 2.44 20.77
N ALA F 132 39.06 1.13 20.94
CA ALA F 132 37.75 0.52 20.94
C ALA F 132 36.89 1.21 22.00
N VAL F 133 37.36 1.20 23.24
CA VAL F 133 36.65 1.83 24.35
C VAL F 133 37.16 3.24 24.68
N VAL F 134 36.43 3.94 25.54
CA VAL F 134 36.79 5.30 25.97
C VAL F 134 35.86 5.66 27.13
N LEU F 135 35.87 6.91 27.57
CA LEU F 135 35.01 7.33 28.67
C LEU F 135 33.54 7.01 28.41
N GLY F 136 33.05 7.41 27.23
CA GLY F 136 31.65 7.18 26.89
C GLY F 136 31.38 5.96 26.03
N ARG F 137 32.39 5.50 25.30
CA ARG F 137 32.24 4.33 24.43
C ARG F 137 32.56 3.01 25.16
N THR F 138 31.63 2.58 26.01
CA THR F 138 31.80 1.34 26.76
C THR F 138 30.48 0.57 26.93
N HIS F 139 29.37 1.31 26.94
CA HIS F 139 28.03 0.73 27.08
C HIS F 139 27.10 1.17 25.94
N ASN F 140 26.90 2.49 25.81
CA ASN F 140 26.06 3.03 24.75
C ASN F 140 26.94 3.75 23.73
N PRO F 141 27.39 3.02 22.68
CA PRO F 141 28.25 3.52 21.61
C PRO F 141 27.64 4.54 20.68
N GLN F 142 26.90 5.49 21.22
CA GLN F 142 26.30 6.50 20.38
C GLN F 142 26.89 7.89 20.57
N MET F 143 27.30 8.20 21.80
CA MET F 143 27.87 9.50 22.12
C MET F 143 28.91 9.94 21.09
N ASP F 144 29.52 8.97 20.42
CA ASP F 144 30.51 9.28 19.41
C ASP F 144 29.75 10.01 18.30
N LEU F 145 28.61 9.45 17.90
CA LEU F 145 27.80 10.05 16.87
C LEU F 145 27.35 11.43 17.27
N TYR F 146 26.68 11.52 18.41
CA TYR F 146 26.19 12.80 18.92
C TYR F 146 27.31 13.82 18.94
N SER F 147 28.50 13.37 19.37
CA SER F 147 29.67 14.23 19.42
C SER F 147 29.89 14.84 18.05
N THR F 148 29.75 14.01 17.03
CA THR F 148 29.93 14.45 15.66
C THR F 148 28.89 15.50 15.32
N VAL F 149 27.65 15.29 15.77
CA VAL F 149 26.59 16.25 15.50
C VAL F 149 26.94 17.60 16.11
N CYS F 150 27.38 17.56 17.36
CA CYS F 150 27.76 18.80 18.03
C CYS F 150 28.66 19.64 17.15
N ALA F 151 29.63 18.99 16.50
CA ALA F 151 30.54 19.71 15.62
C ALA F 151 29.77 20.30 14.43
N VAL F 152 28.79 19.55 13.95
CA VAL F 152 27.98 20.00 12.83
C VAL F 152 27.27 21.29 13.21
N GLN F 153 26.65 21.29 14.39
CA GLN F 153 25.93 22.47 14.84
C GLN F 153 26.83 23.70 15.03
N ASN F 154 28.01 23.53 15.62
CA ASN F 154 28.89 24.69 15.82
C ASN F 154 29.25 25.27 14.47
N LEU F 155 29.55 24.40 13.52
CA LEU F 155 29.89 24.86 12.19
C LEU F 155 28.70 25.65 11.68
N TRP F 156 27.52 25.07 11.87
CA TRP F 156 26.25 25.68 11.43
C TRP F 156 26.04 27.13 11.93
N LEU F 157 26.33 27.37 13.20
CA LEU F 157 26.17 28.72 13.77
C LEU F 157 27.27 29.66 13.25
N ALA F 158 28.50 29.15 13.18
CA ALA F 158 29.61 29.95 12.72
C ALA F 158 29.34 30.34 11.28
N ALA F 159 28.95 29.35 10.49
CA ALA F 159 28.65 29.58 9.08
C ALA F 159 27.68 30.75 8.96
N ARG F 160 26.65 30.76 9.80
CA ARG F 160 25.67 31.84 9.78
C ARG F 160 26.37 33.17 9.95
N ALA F 161 27.07 33.33 11.07
CA ALA F 161 27.77 34.58 11.34
C ALA F 161 28.65 34.98 10.15
N GLU F 162 29.04 33.99 9.34
CA GLU F 162 29.88 34.21 8.17
C GLU F 162 29.07 34.55 6.91
N GLY F 163 27.74 34.52 7.03
CA GLY F 163 26.91 34.81 5.87
C GLY F 163 26.89 33.63 4.91
N VAL F 164 27.35 32.49 5.42
CA VAL F 164 27.41 31.26 4.64
C VAL F 164 26.23 30.35 4.95
N GLY F 165 25.45 30.04 3.91
CA GLY F 165 24.32 29.17 4.11
C GLY F 165 24.77 27.72 4.25
N VAL F 166 23.99 26.92 4.97
CA VAL F 166 24.34 25.52 5.14
C VAL F 166 23.11 24.66 5.19
N GLY F 167 23.13 23.60 4.38
CA GLY F 167 22.01 22.69 4.33
C GLY F 167 22.48 21.28 4.61
N TRP F 168 21.82 20.62 5.55
CA TRP F 168 22.15 19.25 5.90
C TRP F 168 21.31 18.41 4.96
N VAL F 169 21.92 17.41 4.32
CA VAL F 169 21.20 16.52 3.40
C VAL F 169 21.36 15.07 3.82
N SER F 170 20.33 14.49 4.43
CA SER F 170 20.43 13.11 4.88
C SER F 170 19.45 12.18 4.19
N ILE F 171 19.12 12.45 2.94
CA ILE F 171 18.19 11.60 2.22
C ILE F 171 18.83 10.85 1.05
N PHE F 172 19.36 9.67 1.38
CA PHE F 172 19.99 8.75 0.43
C PHE F 172 20.59 7.57 1.18
N HIS F 173 20.90 6.52 0.43
CA HIS F 173 21.48 5.32 1.02
C HIS F 173 22.93 5.59 1.37
N GLU F 174 23.23 5.59 2.66
CA GLU F 174 24.57 5.86 3.13
C GLU F 174 25.55 5.10 2.25
N SER F 175 25.39 3.79 2.18
CA SER F 175 26.23 2.91 1.37
C SER F 175 26.69 3.61 0.09
N GLU F 176 25.72 4.11 -0.69
CA GLU F 176 26.02 4.79 -1.95
C GLU F 176 27.03 5.92 -1.82
N ILE F 177 27.10 6.53 -0.63
CA ILE F 177 28.03 7.63 -0.42
C ILE F 177 29.35 7.12 0.17
N LYS F 178 29.25 6.21 1.14
CA LYS F 178 30.43 5.64 1.75
C LYS F 178 31.36 5.13 0.64
N ALA F 179 30.78 4.29 -0.23
CA ALA F 179 31.52 3.70 -1.34
C ALA F 179 32.07 4.72 -2.31
N ILE F 180 31.28 5.73 -2.67
CA ILE F 180 31.73 6.74 -3.62
C ILE F 180 32.93 7.55 -3.16
N LEU F 181 32.98 7.87 -1.86
CA LEU F 181 34.07 8.67 -1.31
C LEU F 181 35.14 7.82 -0.61
N GLY F 182 35.08 6.52 -0.79
CA GLY F 182 36.06 5.64 -0.19
C GLY F 182 35.92 5.44 1.30
N ILE F 183 34.89 6.04 1.90
CA ILE F 183 34.69 5.89 3.34
C ILE F 183 34.71 4.41 3.71
N PRO F 184 35.57 4.05 4.68
CA PRO F 184 35.76 2.69 5.18
C PRO F 184 34.51 1.99 5.70
N ASP F 185 34.61 1.50 6.93
CA ASP F 185 33.52 0.78 7.55
C ASP F 185 33.38 1.18 9.01
N HIS F 186 34.51 1.42 9.66
CA HIS F 186 34.52 1.84 11.05
C HIS F 186 34.19 3.33 11.10
N VAL F 187 33.96 3.91 9.93
CA VAL F 187 33.63 5.32 9.80
C VAL F 187 32.27 5.49 9.14
N GLU F 188 31.30 6.02 9.91
CA GLU F 188 29.96 6.26 9.38
C GLU F 188 29.86 7.72 8.96
N ILE F 189 28.82 8.04 8.20
CA ILE F 189 28.59 9.41 7.79
C ILE F 189 27.54 9.95 8.75
N VAL F 190 27.75 11.17 9.22
CA VAL F 190 26.78 11.77 10.12
C VAL F 190 26.03 12.88 9.39
N ALA F 191 26.66 13.49 8.39
CA ALA F 191 25.99 14.55 7.68
C ALA F 191 26.66 15.04 6.41
N TRP F 192 25.84 15.28 5.39
CA TRP F 192 26.33 15.81 4.12
C TRP F 192 25.92 17.29 4.20
N LEU F 193 26.91 18.18 4.24
CA LEU F 193 26.63 19.60 4.33
C LEU F 193 26.88 20.36 3.04
N CYS F 194 25.98 21.28 2.72
CA CYS F 194 26.10 22.10 1.53
C CYS F 194 26.35 23.51 2.02
N LEU F 195 27.49 24.08 1.66
CA LEU F 195 27.82 25.43 2.06
C LEU F 195 27.92 26.34 0.86
N GLY F 196 27.67 27.62 1.08
CA GLY F 196 27.74 28.61 0.03
C GLY F 196 27.21 29.94 0.53
N PHE F 197 27.78 31.03 0.03
CA PHE F 197 27.33 32.35 0.42
C PHE F 197 25.85 32.48 0.08
N VAL F 198 25.14 33.27 0.89
CA VAL F 198 23.71 33.52 0.68
C VAL F 198 23.42 34.92 1.21
N ASP F 199 22.77 35.74 0.42
CA ASP F 199 22.44 37.10 0.84
C ASP F 199 20.95 37.27 1.15
N ARG F 200 20.21 36.17 1.06
CA ARG F 200 18.77 36.19 1.32
C ARG F 200 18.34 34.89 2.03
N LEU F 201 17.74 35.04 3.22
CA LEU F 201 17.28 33.89 4.01
C LEU F 201 15.80 33.99 4.37
N TYR F 202 15.19 32.84 4.69
CA TYR F 202 13.78 32.81 5.10
C TYR F 202 13.74 33.26 6.57
N GLN F 203 12.67 33.95 6.97
CA GLN F 203 12.56 34.44 8.34
C GLN F 203 12.09 33.40 9.34
N GLU F 204 11.63 32.26 8.83
CA GLU F 204 11.15 31.17 9.66
C GLU F 204 11.51 29.88 8.92
N PRO F 205 11.46 28.73 9.61
CA PRO F 205 11.80 27.52 8.89
C PRO F 205 11.00 27.39 7.59
N GLU F 206 11.73 27.33 6.48
CA GLU F 206 11.17 27.19 5.14
C GLU F 206 10.04 26.16 5.09
N LEU F 207 10.31 24.97 5.59
CA LEU F 207 9.32 23.90 5.59
C LEU F 207 7.97 24.36 6.15
N ALA F 208 7.99 25.25 7.14
CA ALA F 208 6.75 25.75 7.74
C ALA F 208 6.15 26.80 6.83
N ALA F 209 7.00 27.73 6.41
CA ALA F 209 6.60 28.81 5.53
C ALA F 209 5.96 28.26 4.27
N LYS F 210 6.28 27.00 3.94
CA LYS F 210 5.73 26.37 2.75
C LYS F 210 4.64 25.39 3.12
N GLY F 211 4.13 25.54 4.35
CA GLY F 211 3.04 24.70 4.82
C GLY F 211 3.18 23.20 5.01
N TRP F 212 4.40 22.68 5.07
CA TRP F 212 4.55 21.24 5.26
C TRP F 212 4.22 20.88 6.70
N ARG F 213 4.92 21.51 7.65
CA ARG F 213 4.70 21.28 9.08
C ARG F 213 5.00 22.57 9.84
N GLN F 214 4.26 22.83 10.91
CA GLN F 214 4.43 24.06 11.69
C GLN F 214 5.23 23.90 13.00
N ARG F 215 5.58 25.02 13.62
CA ARG F 215 6.34 25.02 14.86
C ARG F 215 5.51 24.51 16.02
N LEU F 216 6.08 23.63 16.83
CA LEU F 216 5.34 23.12 17.99
C LEU F 216 5.49 24.05 19.19
N PRO F 217 4.46 24.15 20.03
CA PRO F 217 4.52 25.02 21.21
C PRO F 217 5.58 24.49 22.15
N LEU F 218 6.43 25.38 22.67
CA LEU F 218 7.50 24.94 23.55
C LEU F 218 7.01 24.54 24.94
N GLU F 219 6.06 25.30 25.48
CA GLU F 219 5.52 25.02 26.80
C GLU F 219 4.95 23.60 26.81
N ASP F 220 4.70 23.10 25.60
CA ASP F 220 4.15 21.77 25.39
C ASP F 220 5.16 20.66 25.63
N LEU F 221 6.42 20.92 25.26
CA LEU F 221 7.45 19.91 25.39
C LEU F 221 8.17 19.86 26.73
N VAL F 222 8.18 20.96 27.46
CA VAL F 222 8.84 21.02 28.76
C VAL F 222 8.04 20.34 29.86
N PHE F 223 8.60 19.29 30.44
CA PHE F 223 7.93 18.55 31.51
C PHE F 223 8.45 18.94 32.90
N GLU F 224 8.32 18.02 33.86
CA GLU F 224 8.77 18.26 35.23
C GLU F 224 9.13 16.93 35.87
N GLU F 225 10.21 16.91 36.65
CA GLU F 225 10.68 15.68 37.30
C GLU F 225 10.49 14.48 36.37
N GLY F 226 9.26 13.96 36.30
CA GLY F 226 8.96 12.82 35.45
C GLY F 226 8.29 13.21 34.14
N TRP F 227 8.38 12.30 33.17
CA TRP F 227 7.82 12.47 31.83
C TRP F 227 6.29 12.51 31.75
N GLY F 228 5.71 13.71 31.86
CA GLY F 228 4.26 13.82 31.78
C GLY F 228 3.64 14.93 32.60
N VAL F 229 4.40 15.53 33.50
CA VAL F 229 3.87 16.61 34.33
C VAL F 229 4.14 17.96 33.68
N ARG F 230 3.55 19.00 34.23
CA ARG F 230 3.74 20.37 33.73
C ARG F 230 4.21 21.27 34.86
N LEU G 12 36.64 -17.62 -1.59
CA LEU G 12 35.67 -16.56 -1.19
C LEU G 12 36.32 -15.19 -1.19
N THR G 13 35.56 -14.18 -0.80
CA THR G 13 36.03 -12.79 -0.75
C THR G 13 34.86 -11.82 -0.76
N ALA G 14 35.13 -10.56 -1.08
CA ALA G 14 34.10 -9.53 -1.12
C ALA G 14 32.97 -9.87 -2.09
N ALA G 15 31.74 -9.85 -1.61
CA ALA G 15 30.58 -10.17 -2.43
C ALA G 15 29.29 -9.66 -1.81
N GLY G 16 28.50 -8.93 -2.60
CA GLY G 16 27.25 -8.40 -2.10
C GLY G 16 26.35 -8.00 -3.26
N ALA G 17 25.28 -7.28 -2.98
CA ALA G 17 24.35 -6.86 -4.02
C ALA G 17 24.91 -5.69 -4.81
N PHE G 18 24.58 -5.66 -6.10
CA PHE G 18 25.04 -4.61 -6.99
C PHE G 18 24.43 -3.27 -6.59
N SER G 19 24.98 -2.19 -7.15
CA SER G 19 24.49 -0.85 -6.88
C SER G 19 23.15 -0.74 -7.60
N SER G 20 22.51 0.41 -7.49
CA SER G 20 21.22 0.59 -8.13
C SER G 20 21.36 0.52 -9.65
N ASP G 21 22.17 1.41 -10.22
CA ASP G 21 22.35 1.43 -11.66
C ASP G 21 22.71 0.07 -12.23
N GLU G 22 23.55 -0.66 -11.53
CA GLU G 22 23.96 -1.97 -12.01
C GLU G 22 22.79 -2.95 -12.16
N ARG G 23 22.08 -3.23 -11.06
CA ARG G 23 20.96 -4.15 -11.13
C ARG G 23 20.00 -3.67 -12.21
N ALA G 24 19.92 -2.35 -12.36
CA ALA G 24 19.03 -1.77 -13.37
C ALA G 24 19.43 -2.27 -14.75
N ALA G 25 20.73 -2.18 -15.05
CA ALA G 25 21.28 -2.62 -16.33
C ALA G 25 21.01 -4.10 -16.53
N VAL G 26 21.29 -4.90 -15.50
CA VAL G 26 21.06 -6.32 -15.57
C VAL G 26 19.60 -6.56 -15.96
N TYR G 27 18.69 -5.75 -15.41
CA TYR G 27 17.28 -5.91 -15.77
C TYR G 27 16.95 -5.33 -17.13
N ARG G 28 17.45 -4.14 -17.41
CA ARG G 28 17.19 -3.52 -18.71
C ARG G 28 17.65 -4.52 -19.76
N ALA G 29 18.64 -5.32 -19.37
CA ALA G 29 19.20 -6.34 -20.27
C ALA G 29 18.24 -7.50 -20.42
N ILE G 30 17.77 -8.01 -19.28
CA ILE G 30 16.82 -9.12 -19.29
C ILE G 30 15.49 -8.67 -19.91
N GLU G 31 14.96 -7.55 -19.43
CA GLU G 31 13.68 -7.03 -19.89
C GLU G 31 13.53 -6.49 -21.31
N THR G 32 14.62 -6.12 -21.98
CA THR G 32 14.51 -5.57 -23.34
C THR G 32 14.97 -6.43 -24.51
N ARG G 33 15.85 -7.41 -24.25
CA ARG G 33 16.34 -8.26 -25.33
C ARG G 33 15.17 -8.97 -26.01
N ARG G 34 15.27 -9.13 -27.33
CA ARG G 34 14.25 -9.77 -28.15
C ARG G 34 14.91 -10.82 -29.02
N ASP G 35 14.11 -11.62 -29.72
CA ASP G 35 14.63 -12.63 -30.63
C ASP G 35 14.51 -12.05 -32.03
N VAL G 36 15.56 -11.38 -32.48
CA VAL G 36 15.59 -10.73 -33.78
C VAL G 36 15.62 -11.73 -34.96
N ARG G 37 14.98 -11.36 -36.07
CA ARG G 37 14.94 -12.22 -37.26
C ARG G 37 15.10 -11.46 -38.58
N ASP G 38 14.36 -10.38 -38.75
CA ASP G 38 14.41 -9.60 -39.98
C ASP G 38 14.75 -8.14 -39.72
N GLU G 39 15.34 -7.84 -38.57
CA GLU G 39 15.72 -6.48 -38.21
C GLU G 39 17.24 -6.36 -38.26
N PHE G 40 17.89 -7.44 -38.68
CA PHE G 40 19.35 -7.49 -38.78
C PHE G 40 19.93 -6.40 -39.68
N LEU G 41 21.25 -6.42 -39.78
CA LEU G 41 22.00 -5.48 -40.61
C LEU G 41 23.16 -6.29 -41.19
N PRO G 42 23.15 -6.54 -42.51
CA PRO G 42 24.21 -7.32 -43.17
C PRO G 42 25.65 -6.85 -42.95
N GLU G 43 25.85 -5.88 -42.08
CA GLU G 43 27.18 -5.37 -41.77
C GLU G 43 28.00 -6.48 -41.13
N PRO G 44 29.34 -6.34 -41.13
CA PRO G 44 30.18 -7.38 -40.52
C PRO G 44 30.36 -7.15 -39.02
N LEU G 45 30.61 -8.22 -38.29
CA LEU G 45 30.81 -8.15 -36.85
C LEU G 45 32.29 -8.43 -36.52
N SER G 46 32.95 -7.44 -35.93
CA SER G 46 34.37 -7.55 -35.59
C SER G 46 34.68 -8.78 -34.75
N GLU G 47 35.71 -9.52 -35.15
CA GLU G 47 36.09 -10.74 -34.43
C GLU G 47 36.35 -10.37 -32.96
N GLU G 48 36.76 -9.13 -32.76
CA GLU G 48 37.07 -8.60 -31.44
C GLU G 48 35.83 -8.59 -30.53
N LEU G 49 34.66 -8.38 -31.13
CA LEU G 49 33.39 -8.35 -30.40
C LEU G 49 32.95 -9.80 -30.14
N ILE G 50 33.00 -10.62 -31.18
CA ILE G 50 32.63 -12.02 -31.07
C ILE G 50 33.42 -12.64 -29.91
N ALA G 51 34.54 -12.03 -29.58
CA ALA G 51 35.39 -12.49 -28.50
C ALA G 51 34.65 -12.36 -27.18
N ARG G 52 33.84 -11.30 -27.08
CA ARG G 52 33.06 -11.04 -25.87
C ARG G 52 31.78 -11.87 -25.83
N LEU G 53 31.01 -11.86 -26.92
CA LEU G 53 29.79 -12.64 -26.92
C LEU G 53 30.14 -14.09 -26.59
N LEU G 54 31.32 -14.52 -27.03
CA LEU G 54 31.78 -15.89 -26.80
C LEU G 54 32.21 -16.11 -25.36
N GLY G 55 32.93 -15.13 -24.80
CA GLY G 55 33.39 -15.23 -23.42
C GLY G 55 32.23 -15.26 -22.45
N ALA G 56 31.30 -14.33 -22.64
CA ALA G 56 30.13 -14.25 -21.79
C ALA G 56 29.46 -15.62 -21.75
N ALA G 57 29.52 -16.34 -22.87
CA ALA G 57 28.92 -17.66 -22.97
C ALA G 57 29.70 -18.67 -22.15
N HIS G 58 31.00 -18.64 -22.34
CA HIS G 58 31.92 -19.55 -21.67
C HIS G 58 31.84 -19.47 -20.14
N GLN G 59 31.44 -18.31 -19.63
CA GLN G 59 31.34 -18.14 -18.19
C GLN G 59 29.97 -18.53 -17.66
N ALA G 60 29.32 -19.48 -18.32
CA ALA G 60 28.02 -19.93 -17.88
C ALA G 60 28.27 -21.17 -17.05
N PRO G 61 27.31 -21.54 -16.18
CA PRO G 61 27.47 -22.74 -15.36
C PRO G 61 27.52 -24.00 -16.21
N SER G 62 27.88 -25.11 -15.59
CA SER G 62 27.91 -26.37 -16.31
C SER G 62 28.00 -27.53 -15.33
N VAL G 63 27.14 -28.52 -15.52
CA VAL G 63 27.11 -29.68 -14.63
C VAL G 63 28.52 -30.32 -14.54
N GLY G 64 29.04 -30.38 -13.32
CA GLY G 64 30.36 -30.94 -13.14
C GLY G 64 31.40 -30.06 -13.80
N PHE G 65 31.03 -28.80 -14.04
CA PHE G 65 31.96 -27.88 -14.67
C PHE G 65 32.58 -28.55 -15.88
N MET G 66 31.78 -29.32 -16.59
CA MET G 66 32.27 -30.03 -17.76
C MET G 66 32.36 -29.17 -19.02
N GLN G 67 31.76 -27.98 -19.01
CA GLN G 67 31.83 -27.09 -20.16
C GLN G 67 31.75 -27.88 -21.47
N PRO G 68 30.67 -28.65 -21.67
CA PRO G 68 30.46 -29.48 -22.87
C PRO G 68 30.21 -28.77 -24.20
N TRP G 69 30.16 -27.45 -24.21
CA TRP G 69 29.86 -26.75 -25.45
C TRP G 69 30.99 -26.60 -26.44
N ASN G 70 30.62 -26.07 -27.60
CA ASN G 70 31.52 -25.80 -28.71
C ASN G 70 30.80 -24.74 -29.52
N PHE G 71 31.55 -23.95 -30.28
CA PHE G 71 30.92 -22.90 -31.07
C PHE G 71 31.41 -22.88 -32.50
N VAL G 72 30.60 -23.36 -33.43
CA VAL G 72 31.00 -23.34 -34.84
C VAL G 72 30.51 -22.04 -35.46
N LEU G 73 31.43 -21.14 -35.77
CA LEU G 73 31.08 -19.85 -36.36
C LEU G 73 30.86 -19.95 -37.87
N VAL G 74 29.59 -19.96 -38.29
CA VAL G 74 29.26 -20.02 -39.71
C VAL G 74 29.17 -18.60 -40.26
N ARG G 75 30.26 -18.14 -40.87
CA ARG G 75 30.32 -16.79 -41.41
C ARG G 75 30.34 -16.84 -42.94
N GLN G 76 30.22 -18.05 -43.50
CA GLN G 76 30.24 -18.19 -44.95
C GLN G 76 28.88 -18.30 -45.63
N ASP G 77 28.59 -17.27 -46.42
CA ASP G 77 27.37 -17.14 -47.19
C ASP G 77 27.01 -18.44 -47.90
N GLU G 78 28.00 -19.04 -48.54
CA GLU G 78 27.77 -20.29 -49.25
C GLU G 78 27.44 -21.37 -48.21
N THR G 79 28.15 -21.31 -47.08
CA THR G 79 27.98 -22.27 -46.00
C THR G 79 26.69 -22.09 -45.19
N ARG G 80 26.00 -20.98 -45.39
CA ARG G 80 24.76 -20.72 -44.65
C ARG G 80 23.50 -21.10 -45.45
N GLU G 81 23.65 -21.15 -46.76
CA GLU G 81 22.54 -21.49 -47.63
C GLU G 81 22.12 -22.94 -47.42
N LYS G 82 23.08 -23.85 -47.36
CA LYS G 82 22.75 -25.25 -47.16
C LYS G 82 22.10 -25.47 -45.81
N VAL G 83 22.10 -24.41 -44.99
CA VAL G 83 21.47 -24.46 -43.67
C VAL G 83 20.08 -23.85 -43.79
N TRP G 84 19.90 -23.02 -44.82
CA TRP G 84 18.62 -22.39 -45.08
C TRP G 84 17.73 -23.45 -45.72
N GLN G 85 18.26 -24.06 -46.78
CA GLN G 85 17.59 -25.10 -47.54
C GLN G 85 17.16 -26.26 -46.65
N ALA G 86 17.66 -26.25 -45.42
CA ALA G 86 17.34 -27.29 -44.45
C ALA G 86 16.18 -26.85 -43.59
N PHE G 87 16.09 -25.54 -43.38
CA PHE G 87 15.05 -24.93 -42.57
C PHE G 87 13.66 -25.04 -43.22
N GLN G 88 13.55 -24.64 -44.49
CA GLN G 88 12.29 -24.69 -45.20
C GLN G 88 11.71 -26.09 -45.38
N ARG G 89 12.56 -27.09 -45.56
CA ARG G 89 12.09 -28.46 -45.73
C ARG G 89 11.44 -29.02 -44.47
N ALA G 90 11.73 -28.38 -43.34
CA ALA G 90 11.17 -28.78 -42.05
C ALA G 90 10.22 -27.67 -41.60
N ASN G 91 10.44 -26.48 -42.15
CA ASN G 91 9.59 -25.32 -41.87
C ASN G 91 8.26 -25.66 -42.49
N ASP G 92 8.34 -26.31 -43.65
CA ASP G 92 7.18 -26.74 -44.39
C ASP G 92 6.45 -27.76 -43.52
N GLU G 93 7.07 -28.93 -43.33
CA GLU G 93 6.49 -30.00 -42.51
C GLU G 93 5.74 -29.45 -41.30
N ALA G 94 6.17 -28.29 -40.82
CA ALA G 94 5.54 -27.64 -39.69
C ALA G 94 4.23 -27.03 -40.14
N ALA G 95 4.32 -26.02 -41.02
CA ALA G 95 3.15 -25.33 -41.56
C ALA G 95 2.30 -26.32 -42.35
N GLU G 96 1.68 -27.23 -41.63
CA GLU G 96 0.83 -28.27 -42.20
C GLU G 96 0.28 -29.02 -40.99
N MET G 97 0.65 -28.55 -39.82
CA MET G 97 0.20 -29.16 -38.57
C MET G 97 -0.72 -28.23 -37.80
N PHE G 98 -1.18 -27.18 -38.48
CA PHE G 98 -2.09 -26.23 -37.87
C PHE G 98 -3.49 -26.37 -38.48
N SER G 99 -4.16 -25.27 -38.80
CA SER G 99 -5.49 -25.37 -39.38
C SER G 99 -5.98 -24.10 -40.07
N GLY G 100 -6.01 -24.13 -41.40
CA GLY G 100 -6.48 -23.01 -42.19
C GLY G 100 -6.02 -21.63 -41.77
N GLU G 101 -6.90 -20.89 -41.07
CA GLU G 101 -6.61 -19.54 -40.63
C GLU G 101 -5.33 -19.42 -39.78
N ARG G 102 -4.97 -20.50 -39.10
CA ARG G 102 -3.77 -20.52 -38.27
C ARG G 102 -2.66 -21.19 -39.08
N GLN G 103 -3.03 -22.27 -39.76
CA GLN G 103 -2.13 -23.05 -40.60
C GLN G 103 -1.59 -22.22 -41.76
N ALA G 104 -1.95 -20.94 -41.76
CA ALA G 104 -1.51 -20.01 -42.79
C ALA G 104 -0.90 -18.81 -42.09
N LYS G 105 -1.34 -18.58 -40.85
CA LYS G 105 -0.84 -17.45 -40.07
C LYS G 105 0.64 -17.67 -39.77
N TYR G 106 1.01 -18.91 -39.52
CA TYR G 106 2.39 -19.27 -39.23
C TYR G 106 3.27 -18.89 -40.42
N ARG G 107 2.70 -18.98 -41.62
CA ARG G 107 3.43 -18.62 -42.83
C ARG G 107 3.56 -17.11 -42.91
N SER G 108 2.94 -16.41 -41.97
CA SER G 108 2.98 -14.95 -41.92
C SER G 108 4.17 -14.49 -41.08
N LEU G 109 4.63 -15.39 -40.20
CA LEU G 109 5.74 -15.12 -39.31
C LEU G 109 7.08 -15.55 -39.88
N LYS G 110 8.06 -14.65 -39.83
CA LYS G 110 9.39 -14.98 -40.30
C LYS G 110 10.12 -15.48 -39.07
N LEU G 111 10.69 -16.68 -39.15
CA LEU G 111 11.40 -17.26 -38.04
C LEU G 111 12.89 -17.44 -38.29
N GLU G 112 13.38 -16.91 -39.40
CA GLU G 112 14.78 -17.06 -39.75
C GLU G 112 15.58 -15.78 -39.81
N GLY G 113 16.63 -15.83 -40.61
CA GLY G 113 17.54 -14.71 -40.79
C GLY G 113 18.84 -15.36 -41.21
N ILE G 114 18.78 -16.68 -41.36
CA ILE G 114 19.91 -17.49 -41.76
C ILE G 114 20.74 -16.87 -42.87
N ARG G 115 20.07 -16.19 -43.80
CA ARG G 115 20.76 -15.56 -44.92
C ARG G 115 20.91 -14.07 -44.75
N LYS G 116 20.11 -13.49 -43.85
CA LYS G 116 20.15 -12.04 -43.62
C LYS G 116 21.15 -11.67 -42.53
N ALA G 117 21.28 -12.55 -41.54
CA ALA G 117 22.19 -12.33 -40.41
C ALA G 117 23.65 -12.52 -40.80
N PRO G 118 24.44 -11.44 -40.78
CA PRO G 118 25.85 -11.54 -41.14
C PRO G 118 26.55 -12.74 -40.51
N LEU G 119 26.46 -12.86 -39.19
CA LEU G 119 27.11 -13.98 -38.50
C LEU G 119 26.16 -14.95 -37.80
N SER G 120 26.52 -16.23 -37.85
CA SER G 120 25.75 -17.29 -37.22
C SER G 120 26.67 -18.18 -36.36
N ILE G 121 26.11 -18.72 -35.30
CA ILE G 121 26.86 -19.57 -34.38
C ILE G 121 26.12 -20.85 -34.07
N CYS G 122 26.66 -21.99 -34.50
CA CYS G 122 25.99 -23.23 -34.18
C CYS G 122 26.53 -23.56 -32.80
N VAL G 123 25.63 -23.85 -31.87
CA VAL G 123 26.05 -24.17 -30.52
C VAL G 123 25.80 -25.64 -30.28
N THR G 124 26.88 -26.39 -30.06
CA THR G 124 26.78 -27.83 -29.85
C THR G 124 27.08 -28.24 -28.43
N CYS G 125 26.92 -29.53 -28.15
CA CYS G 125 27.15 -30.04 -26.82
C CYS G 125 27.74 -31.44 -26.80
N ASP G 126 29.07 -31.51 -26.78
CA ASP G 126 29.77 -32.79 -26.72
C ASP G 126 29.23 -33.59 -25.55
N ARG G 127 28.42 -34.60 -25.84
CA ARG G 127 27.81 -35.40 -24.79
C ARG G 127 28.66 -36.49 -24.12
N THR G 128 29.95 -36.22 -23.97
CA THR G 128 30.84 -37.19 -23.32
C THR G 128 31.95 -36.51 -22.54
N ARG G 129 32.36 -35.33 -22.99
CA ARG G 129 33.42 -34.56 -22.34
C ARG G 129 33.52 -34.81 -20.85
N GLY G 130 34.70 -35.25 -20.41
CA GLY G 130 34.91 -35.52 -19.00
C GLY G 130 35.29 -36.96 -18.73
N GLY G 131 35.05 -37.83 -19.72
CA GLY G 131 35.38 -39.24 -19.56
C GLY G 131 34.31 -40.05 -18.82
N ALA G 132 33.54 -40.82 -19.59
CA ALA G 132 32.46 -41.67 -19.05
C ALA G 132 31.30 -40.84 -18.53
N VAL G 133 31.54 -40.15 -17.42
CA VAL G 133 30.53 -39.30 -16.79
C VAL G 133 31.19 -38.17 -16.00
N VAL G 134 30.34 -37.32 -15.42
CA VAL G 134 30.77 -36.20 -14.60
C VAL G 134 29.70 -35.92 -13.53
N LEU G 135 29.90 -34.88 -12.73
CA LEU G 135 28.95 -34.51 -11.67
C LEU G 135 27.52 -34.36 -12.20
N GLY G 136 26.54 -34.58 -11.32
CA GLY G 136 25.14 -34.45 -11.70
C GLY G 136 24.77 -34.86 -13.12
N ARG G 137 25.40 -35.93 -13.60
CA ARG G 137 25.15 -36.44 -14.95
C ARG G 137 25.22 -37.97 -14.95
N THR G 138 24.28 -38.60 -14.23
CA THR G 138 24.21 -40.05 -14.11
C THR G 138 22.76 -40.45 -13.81
N HIS G 139 21.98 -39.47 -13.39
CA HIS G 139 20.56 -39.67 -13.06
C HIS G 139 19.67 -38.91 -14.03
N ASN G 140 20.25 -37.90 -14.69
CA ASN G 140 19.54 -37.10 -15.69
C ASN G 140 20.54 -36.79 -16.80
N PRO G 141 20.41 -37.50 -17.94
CA PRO G 141 21.29 -37.32 -19.10
C PRO G 141 20.98 -36.10 -19.96
N GLN G 142 20.57 -35.00 -19.32
CA GLN G 142 20.26 -33.79 -20.05
C GLN G 142 20.97 -32.56 -19.50
N MET G 143 21.41 -32.66 -18.25
CA MET G 143 22.11 -31.56 -17.60
C MET G 143 23.22 -30.96 -18.46
N ASP G 144 23.85 -31.77 -19.30
CA ASP G 144 24.91 -31.26 -20.15
C ASP G 144 24.31 -30.35 -21.23
N LEU G 145 23.14 -30.71 -21.74
CA LEU G 145 22.49 -29.89 -22.76
C LEU G 145 21.97 -28.61 -22.14
N TYR G 146 21.34 -28.72 -20.97
CA TYR G 146 20.82 -27.53 -20.30
C TYR G 146 21.99 -26.59 -20.02
N SER G 147 23.13 -27.16 -19.65
CA SER G 147 24.33 -26.37 -19.39
C SER G 147 24.59 -25.50 -20.61
N THR G 148 24.64 -26.14 -21.77
CA THR G 148 24.90 -25.45 -23.03
C THR G 148 23.91 -24.32 -23.28
N VAL G 149 22.67 -24.56 -22.89
CA VAL G 149 21.65 -23.55 -23.07
C VAL G 149 21.99 -22.33 -22.20
N CYS G 150 22.47 -22.56 -20.98
CA CYS G 150 22.84 -21.46 -20.07
C CYS G 150 23.86 -20.52 -20.74
N ALA G 151 24.81 -21.10 -21.44
CA ALA G 151 25.82 -20.32 -22.13
C ALA G 151 25.10 -19.43 -23.16
N VAL G 152 24.19 -20.05 -23.90
CA VAL G 152 23.39 -19.36 -24.92
C VAL G 152 22.70 -18.11 -24.37
N GLN G 153 22.03 -18.25 -23.23
CA GLN G 153 21.33 -17.13 -22.62
C GLN G 153 22.33 -16.01 -22.25
N ASN G 154 23.50 -16.39 -21.76
CA ASN G 154 24.51 -15.39 -21.41
C ASN G 154 24.92 -14.66 -22.68
N LEU G 155 24.99 -15.40 -23.77
CA LEU G 155 25.37 -14.80 -25.04
C LEU G 155 24.31 -13.77 -25.38
N TRP G 156 23.09 -14.27 -25.57
CA TRP G 156 21.91 -13.46 -25.89
C TRP G 156 21.85 -12.15 -25.07
N LEU G 157 22.03 -12.26 -23.77
CA LEU G 157 21.99 -11.09 -22.91
C LEU G 157 23.06 -10.08 -23.30
N ALA G 158 24.30 -10.40 -22.99
CA ALA G 158 25.43 -9.52 -23.32
C ALA G 158 25.32 -9.01 -24.74
N ALA G 159 24.88 -9.88 -25.65
CA ALA G 159 24.74 -9.47 -27.03
C ALA G 159 23.87 -8.22 -27.04
N ARG G 160 22.67 -8.34 -26.47
CA ARG G 160 21.77 -7.22 -26.44
C ARG G 160 22.39 -6.01 -25.75
N ALA G 161 23.39 -6.26 -24.89
CA ALA G 161 24.07 -5.17 -24.20
C ALA G 161 25.03 -4.51 -25.19
N GLU G 162 25.49 -5.30 -26.15
CA GLU G 162 26.39 -4.84 -27.19
C GLU G 162 25.55 -4.38 -28.37
N GLY G 163 24.29 -4.03 -28.11
CA GLY G 163 23.41 -3.60 -29.17
C GLY G 163 23.46 -4.56 -30.34
N VAL G 164 23.70 -5.83 -30.05
CA VAL G 164 23.73 -6.85 -31.09
C VAL G 164 22.54 -7.78 -30.97
N GLY G 165 21.80 -7.88 -32.05
CA GLY G 165 20.62 -8.72 -32.06
C GLY G 165 21.03 -10.17 -32.16
N VAL G 166 20.14 -11.04 -31.71
CA VAL G 166 20.36 -12.47 -31.75
C VAL G 166 19.01 -13.13 -31.84
N GLY G 167 18.93 -14.16 -32.68
CA GLY G 167 17.71 -14.88 -32.86
C GLY G 167 18.01 -16.36 -32.90
N TRP G 168 17.15 -17.15 -32.29
CA TRP G 168 17.34 -18.58 -32.27
C TRP G 168 16.55 -19.17 -33.42
N VAL G 169 17.11 -20.19 -34.07
CA VAL G 169 16.44 -20.88 -35.17
C VAL G 169 16.43 -22.33 -34.74
N SER G 170 15.25 -22.92 -34.69
CA SER G 170 15.11 -24.29 -34.25
C SER G 170 14.28 -25.15 -35.19
N ILE G 171 14.01 -24.64 -36.39
CA ILE G 171 13.20 -25.39 -37.34
C ILE G 171 14.04 -26.09 -38.40
N PHE G 172 14.12 -27.41 -38.27
CA PHE G 172 14.82 -28.34 -39.16
C PHE G 172 15.13 -29.64 -38.42
N HIS G 173 15.61 -30.63 -39.15
CA HIS G 173 15.95 -31.92 -38.57
C HIS G 173 17.39 -31.81 -38.06
N GLU G 174 17.56 -32.11 -36.79
CA GLU G 174 18.85 -32.03 -36.13
C GLU G 174 19.88 -32.81 -36.93
N SER G 175 19.50 -34.03 -37.29
CA SER G 175 20.34 -34.96 -38.06
C SER G 175 20.93 -34.42 -39.36
N GLU G 176 20.14 -33.70 -40.13
CA GLU G 176 20.61 -33.14 -41.39
C GLU G 176 21.58 -31.99 -41.21
N ILE G 177 21.34 -31.14 -40.20
CA ILE G 177 22.23 -30.01 -39.96
C ILE G 177 23.64 -30.44 -39.56
N LYS G 178 23.73 -31.38 -38.62
CA LYS G 178 25.02 -31.87 -38.15
C LYS G 178 25.87 -32.15 -39.38
N ALA G 179 25.42 -33.09 -40.21
CA ALA G 179 26.12 -33.48 -41.43
C ALA G 179 26.60 -32.29 -42.25
N ILE G 180 25.72 -31.29 -42.41
CA ILE G 180 26.07 -30.11 -43.17
C ILE G 180 27.36 -29.48 -42.65
N LEU G 181 27.60 -29.63 -41.34
CA LEU G 181 28.79 -29.08 -40.70
C LEU G 181 29.79 -30.13 -40.22
N GLY G 182 29.39 -31.39 -40.23
CA GLY G 182 30.28 -32.45 -39.81
C GLY G 182 30.36 -32.54 -38.30
N ILE G 183 29.19 -32.53 -37.68
CA ILE G 183 29.14 -32.58 -36.24
C ILE G 183 28.98 -34.01 -35.71
N PRO G 184 30.08 -34.57 -35.20
CA PRO G 184 30.24 -35.91 -34.64
C PRO G 184 28.99 -36.56 -34.05
N ASP G 185 29.05 -37.88 -33.95
CA ASP G 185 27.95 -38.68 -33.41
C ASP G 185 27.62 -38.37 -31.96
N HIS G 186 28.63 -38.10 -31.15
CA HIS G 186 28.40 -37.80 -29.73
C HIS G 186 28.31 -36.30 -29.47
N VAL G 187 28.05 -35.53 -30.53
CA VAL G 187 27.93 -34.08 -30.39
C VAL G 187 26.62 -33.57 -30.98
N GLU G 188 25.64 -33.39 -30.12
CA GLU G 188 24.31 -32.88 -30.51
C GLU G 188 24.32 -31.36 -30.68
N ILE G 189 23.39 -30.86 -31.50
CA ILE G 189 23.25 -29.42 -31.74
C ILE G 189 22.17 -28.89 -30.81
N VAL G 190 22.44 -27.78 -30.15
CA VAL G 190 21.43 -27.21 -29.25
C VAL G 190 20.81 -25.94 -29.81
N ALA G 191 21.54 -25.19 -30.62
CA ALA G 191 20.97 -23.96 -31.15
C ALA G 191 21.71 -23.32 -32.30
N TRP G 192 20.96 -22.80 -33.26
CA TRP G 192 21.55 -22.08 -34.38
C TRP G 192 21.30 -20.61 -34.04
N LEU G 193 22.36 -19.84 -33.87
CA LEU G 193 22.15 -18.44 -33.52
C LEU G 193 22.50 -17.46 -34.64
N CYS G 194 21.49 -16.76 -35.14
CA CYS G 194 21.71 -15.76 -36.19
C CYS G 194 21.98 -14.46 -35.44
N LEU G 195 23.17 -13.89 -35.62
CA LEU G 195 23.51 -12.65 -34.94
C LEU G 195 23.60 -11.48 -35.90
N GLY G 196 23.83 -10.29 -35.34
CA GLY G 196 23.94 -9.10 -36.14
C GLY G 196 23.46 -7.87 -35.41
N PHE G 197 24.06 -6.72 -35.73
CA PHE G 197 23.69 -5.45 -35.13
C PHE G 197 22.24 -5.17 -35.47
N VAL G 198 21.62 -4.26 -34.70
CA VAL G 198 20.22 -3.90 -34.92
C VAL G 198 19.99 -2.48 -34.45
N ASP G 199 19.31 -1.70 -35.28
CA ASP G 199 19.01 -0.31 -34.98
C ASP G 199 17.65 -0.20 -34.30
N ARG G 200 16.74 -1.06 -34.74
CA ARG G 200 15.37 -1.09 -34.21
C ARG G 200 15.01 -2.43 -33.55
N LEU G 201 14.39 -2.32 -32.37
CA LEU G 201 13.97 -3.50 -31.61
C LEU G 201 12.49 -3.46 -31.24
N TYR G 202 11.81 -4.59 -31.38
CA TYR G 202 10.40 -4.71 -31.03
C TYR G 202 10.36 -4.44 -29.52
N GLN G 203 9.22 -3.96 -29.02
CA GLN G 203 9.11 -3.66 -27.60
C GLN G 203 8.57 -4.83 -26.78
N GLU G 204 8.07 -5.84 -27.46
CA GLU G 204 7.52 -7.02 -26.82
C GLU G 204 7.55 -8.18 -27.82
N PRO G 205 7.52 -9.43 -27.32
CA PRO G 205 7.55 -10.60 -28.20
C PRO G 205 6.84 -10.36 -29.51
N GLU G 206 7.58 -10.52 -30.60
CA GLU G 206 7.05 -10.32 -31.94
C GLU G 206 5.83 -11.20 -32.20
N LEU G 207 5.85 -12.43 -31.70
CA LEU G 207 4.73 -13.34 -31.89
C LEU G 207 3.53 -12.93 -31.05
N ALA G 208 3.74 -11.97 -30.15
CA ALA G 208 2.65 -11.48 -29.29
C ALA G 208 1.99 -10.31 -29.98
N ALA G 209 2.79 -9.48 -30.60
CA ALA G 209 2.29 -8.31 -31.30
C ALA G 209 1.61 -8.76 -32.60
N LYS G 210 1.99 -9.91 -33.12
CA LYS G 210 1.40 -10.41 -34.34
C LYS G 210 0.29 -11.43 -34.05
N GLY G 211 -0.35 -11.26 -32.91
CA GLY G 211 -1.45 -12.14 -32.52
C GLY G 211 -1.20 -13.63 -32.47
N TRP G 212 0.04 -14.08 -32.53
CA TRP G 212 0.28 -15.51 -32.48
C TRP G 212 0.02 -16.08 -31.09
N ARG G 213 0.55 -15.42 -30.06
CA ARG G 213 0.37 -15.90 -28.69
C ARG G 213 0.70 -14.78 -27.70
N GLN G 214 -0.15 -14.61 -26.69
CA GLN G 214 0.05 -13.55 -25.71
C GLN G 214 0.88 -13.88 -24.46
N ARG G 215 1.35 -12.86 -23.77
CA ARG G 215 2.16 -13.03 -22.57
C ARG G 215 1.30 -13.64 -21.48
N LEU G 216 1.67 -14.82 -21.01
CA LEU G 216 0.91 -15.48 -19.94
C LEU G 216 1.10 -14.73 -18.64
N PRO G 217 0.09 -14.78 -17.76
CA PRO G 217 0.10 -14.12 -16.45
C PRO G 217 0.90 -14.93 -15.46
N LEU G 218 2.00 -14.35 -14.97
CA LEU G 218 2.89 -15.02 -14.03
C LEU G 218 2.23 -15.45 -12.73
N GLU G 219 1.27 -14.66 -12.25
CA GLU G 219 0.62 -15.01 -10.99
C GLU G 219 -0.12 -16.34 -11.08
N ASP G 220 -0.32 -16.84 -12.29
CA ASP G 220 -1.02 -18.11 -12.49
C ASP G 220 -0.06 -19.26 -12.73
N LEU G 221 1.23 -18.97 -12.69
CA LEU G 221 2.23 -20.00 -12.91
C LEU G 221 2.95 -20.37 -11.62
N VAL G 222 3.13 -19.37 -10.76
CA VAL G 222 3.80 -19.56 -9.48
C VAL G 222 2.91 -20.35 -8.53
N PHE G 223 3.43 -21.46 -7.99
CA PHE G 223 2.69 -22.29 -7.04
C PHE G 223 3.31 -22.17 -5.65
N GLU G 224 2.50 -22.42 -4.62
CA GLU G 224 3.02 -22.37 -3.26
C GLU G 224 3.09 -23.75 -2.64
N GLU G 225 4.29 -24.08 -2.17
CA GLU G 225 4.61 -25.35 -1.53
C GLU G 225 4.23 -26.64 -2.26
N GLY G 226 3.25 -26.60 -3.14
CA GLY G 226 2.87 -27.81 -3.85
C GLY G 226 2.30 -27.52 -5.23
N TRP G 227 2.38 -28.50 -6.13
CA TRP G 227 1.85 -28.30 -7.48
C TRP G 227 0.36 -27.97 -7.44
N GLY G 228 -0.06 -27.06 -8.33
CA GLY G 228 -1.46 -26.68 -8.38
C GLY G 228 -1.89 -25.68 -7.32
N VAL G 229 -1.27 -25.75 -6.15
CA VAL G 229 -1.60 -24.84 -5.06
C VAL G 229 -1.21 -23.41 -5.40
N ARG G 230 -2.13 -22.48 -5.22
CA ARG G 230 -1.85 -21.08 -5.51
C ARG G 230 -1.48 -20.36 -4.22
N LEU H 12 7.93 -1.65 -31.36
CA LEU H 12 8.70 -1.72 -32.63
C LEU H 12 9.61 -0.49 -32.83
N THR H 13 9.66 0.38 -31.82
CA THR H 13 10.47 1.60 -31.89
C THR H 13 11.92 1.51 -31.39
N ALA H 14 12.82 1.52 -32.37
CA ALA H 14 14.27 1.42 -32.22
C ALA H 14 14.97 1.90 -30.95
N ALA H 15 16.17 1.36 -30.75
CA ALA H 15 17.05 1.65 -29.61
C ALA H 15 18.38 0.91 -29.86
N GLY H 16 19.47 1.43 -29.31
CA GLY H 16 20.77 0.79 -29.51
C GLY H 16 21.55 0.36 -28.27
N ALA H 17 22.74 -0.19 -28.50
CA ALA H 17 23.64 -0.68 -27.46
C ALA H 17 23.64 0.11 -26.15
N PHE H 18 24.04 -0.55 -25.08
CA PHE H 18 24.06 0.09 -23.76
C PHE H 18 25.24 1.03 -23.58
N SER H 19 25.29 1.67 -22.41
CA SER H 19 26.38 2.58 -22.10
C SER H 19 27.50 1.76 -21.50
N SER H 20 28.74 2.14 -21.82
CA SER H 20 29.91 1.43 -21.29
C SER H 20 29.61 0.86 -19.92
N ASP H 21 29.24 1.73 -18.98
CA ASP H 21 28.91 1.30 -17.63
C ASP H 21 27.85 0.22 -17.68
N GLU H 22 26.72 0.55 -18.28
CA GLU H 22 25.62 -0.39 -18.40
C GLU H 22 26.14 -1.77 -18.77
N ARG H 23 26.55 -1.95 -20.03
CA ARG H 23 27.02 -3.27 -20.43
C ARG H 23 28.02 -3.87 -19.45
N ALA H 24 28.77 -3.04 -18.73
CA ALA H 24 29.73 -3.57 -17.76
C ALA H 24 28.99 -4.29 -16.64
N ALA H 25 27.81 -3.80 -16.29
CA ALA H 25 27.02 -4.42 -15.24
C ALA H 25 26.57 -5.81 -15.70
N VAL H 26 26.04 -5.89 -16.91
CA VAL H 26 25.60 -7.17 -17.45
C VAL H 26 26.76 -8.14 -17.32
N TYR H 27 27.93 -7.74 -17.79
CA TYR H 27 29.09 -8.60 -17.73
C TYR H 27 29.49 -8.96 -16.32
N ARG H 28 29.49 -8.00 -15.40
CA ARG H 28 29.88 -8.33 -14.04
C ARG H 28 29.01 -9.47 -13.48
N ALA H 29 27.70 -9.39 -13.69
CA ALA H 29 26.80 -10.42 -13.21
C ALA H 29 27.06 -11.78 -13.88
N ILE H 30 27.31 -11.75 -15.19
CA ILE H 30 27.60 -12.97 -15.94
C ILE H 30 28.90 -13.58 -15.45
N GLU H 31 29.89 -12.71 -15.21
CA GLU H 31 31.20 -13.14 -14.78
C GLU H 31 31.39 -13.38 -13.29
N THR H 32 30.42 -13.02 -12.46
CA THR H 32 30.58 -13.27 -11.03
C THR H 32 29.57 -14.21 -10.41
N ARG H 33 28.50 -14.55 -11.14
CA ARG H 33 27.52 -15.47 -10.56
C ARG H 33 28.22 -16.78 -10.26
N ARG H 34 27.94 -17.31 -9.08
CA ARG H 34 28.53 -18.57 -8.64
C ARG H 34 27.40 -19.51 -8.28
N ASP H 35 27.63 -20.81 -8.46
CA ASP H 35 26.63 -21.79 -8.10
C ASP H 35 26.78 -22.01 -6.61
N VAL H 36 26.23 -21.12 -5.81
CA VAL H 36 26.34 -21.23 -4.37
C VAL H 36 25.65 -22.47 -3.84
N ARG H 37 26.34 -23.18 -2.94
CA ARG H 37 25.79 -24.39 -2.33
C ARG H 37 25.69 -24.23 -0.84
N ASP H 38 26.82 -23.90 -0.22
CA ASP H 38 26.90 -23.78 1.22
C ASP H 38 27.40 -22.43 1.72
N GLU H 39 26.65 -21.36 1.43
CA GLU H 39 27.01 -20.01 1.86
C GLU H 39 25.76 -19.14 1.97
N PHE H 40 24.59 -19.76 1.93
CA PHE H 40 23.33 -19.02 2.03
C PHE H 40 23.15 -18.49 3.46
N LEU H 41 22.25 -17.53 3.62
CA LEU H 41 22.03 -16.95 4.94
C LEU H 41 20.61 -17.11 5.47
N PRO H 42 20.36 -16.61 6.70
CA PRO H 42 19.03 -16.70 7.31
C PRO H 42 18.04 -15.80 6.56
N GLU H 43 18.27 -14.49 6.63
CA GLU H 43 17.43 -13.48 5.98
C GLU H 43 16.53 -14.05 4.90
N PRO H 44 15.33 -14.55 5.27
CA PRO H 44 14.50 -15.08 4.19
C PRO H 44 14.24 -13.93 3.22
N LEU H 45 14.06 -14.27 1.94
CA LEU H 45 13.86 -13.26 0.91
C LEU H 45 12.53 -12.53 0.90
N SER H 46 12.58 -11.22 0.69
CA SER H 46 11.39 -10.39 0.64
C SER H 46 10.46 -10.87 -0.47
N GLU H 47 9.15 -10.78 -0.25
CA GLU H 47 8.21 -11.21 -1.26
C GLU H 47 8.37 -10.37 -2.52
N GLU H 48 8.52 -9.06 -2.36
CA GLU H 48 8.70 -8.18 -3.52
C GLU H 48 9.98 -8.57 -4.25
N LEU H 49 10.87 -9.27 -3.55
CA LEU H 49 12.13 -9.71 -4.12
C LEU H 49 11.89 -10.90 -5.04
N ILE H 50 11.28 -11.95 -4.50
CA ILE H 50 10.98 -13.14 -5.28
C ILE H 50 10.21 -12.72 -6.53
N ALA H 51 9.45 -11.63 -6.41
CA ALA H 51 8.68 -11.12 -7.53
C ALA H 51 9.65 -10.78 -8.66
N ARG H 52 10.59 -9.88 -8.37
CA ARG H 52 11.59 -9.48 -9.36
C ARG H 52 12.35 -10.68 -9.92
N LEU H 53 12.79 -11.58 -9.05
CA LEU H 53 13.51 -12.74 -9.54
C LEU H 53 12.64 -13.55 -10.50
N LEU H 54 11.45 -13.91 -10.06
CA LEU H 54 10.55 -14.70 -10.90
C LEU H 54 10.18 -13.93 -12.16
N GLY H 55 10.00 -12.63 -12.01
CA GLY H 55 9.63 -11.82 -13.17
C GLY H 55 10.74 -11.89 -14.20
N ALA H 56 11.97 -11.84 -13.72
CA ALA H 56 13.11 -11.91 -14.60
C ALA H 56 13.01 -13.18 -15.39
N ALA H 57 12.83 -14.30 -14.69
CA ALA H 57 12.73 -15.60 -15.35
C ALA H 57 11.60 -15.61 -16.36
N HIS H 58 10.48 -15.01 -15.99
CA HIS H 58 9.30 -14.98 -16.87
C HIS H 58 9.57 -14.23 -18.17
N GLN H 59 10.68 -13.53 -18.25
CA GLN H 59 10.98 -12.80 -19.47
C GLN H 59 11.99 -13.47 -20.36
N ALA H 60 12.29 -14.73 -20.07
CA ALA H 60 13.23 -15.47 -20.90
C ALA H 60 12.53 -15.77 -22.23
N PRO H 61 13.31 -16.05 -23.28
CA PRO H 61 12.62 -16.34 -24.53
C PRO H 61 12.06 -17.76 -24.46
N SER H 62 11.18 -18.12 -25.38
CA SER H 62 10.63 -19.47 -25.38
C SER H 62 10.08 -19.78 -26.75
N VAL H 63 10.35 -21.00 -27.23
CA VAL H 63 9.90 -21.43 -28.53
C VAL H 63 8.38 -21.22 -28.66
N GLY H 64 7.96 -20.65 -29.79
CA GLY H 64 6.55 -20.39 -30.01
C GLY H 64 5.91 -19.65 -28.84
N PHE H 65 6.71 -18.79 -28.22
CA PHE H 65 6.29 -18.00 -27.07
C PHE H 65 5.50 -18.93 -26.16
N MET H 66 5.88 -20.19 -26.20
CA MET H 66 5.26 -21.23 -25.41
C MET H 66 5.19 -20.86 -23.94
N GLN H 67 6.32 -20.46 -23.36
CA GLN H 67 6.37 -20.11 -21.95
C GLN H 67 5.82 -21.30 -21.19
N PRO H 68 6.50 -22.46 -21.29
CA PRO H 68 6.07 -23.70 -20.62
C PRO H 68 6.51 -23.91 -19.19
N TRP H 69 6.99 -22.86 -18.54
CA TRP H 69 7.45 -23.02 -17.18
C TRP H 69 6.42 -22.74 -16.08
N ASN H 70 6.69 -23.29 -14.91
CA ASN H 70 5.87 -23.12 -13.73
C ASN H 70 6.86 -23.05 -12.58
N PHE H 71 6.50 -22.33 -11.52
CA PHE H 71 7.40 -22.20 -10.40
C PHE H 71 6.80 -22.61 -9.07
N VAL H 72 7.23 -23.75 -8.54
CA VAL H 72 6.75 -24.18 -7.24
C VAL H 72 7.74 -23.67 -6.21
N LEU H 73 7.27 -22.84 -5.28
CA LEU H 73 8.15 -22.28 -4.25
C LEU H 73 8.14 -23.07 -2.95
N VAL H 74 9.29 -23.58 -2.54
CA VAL H 74 9.40 -24.34 -1.30
C VAL H 74 9.76 -23.35 -0.19
N ARG H 75 9.11 -23.47 0.96
CA ARG H 75 9.35 -22.51 2.03
C ARG H 75 9.62 -22.99 3.46
N GLN H 76 9.22 -24.20 3.84
CA GLN H 76 9.46 -24.63 5.22
C GLN H 76 10.73 -25.42 5.47
N ASP H 77 10.61 -26.47 6.30
CA ASP H 77 11.71 -27.34 6.66
C ASP H 77 11.26 -28.75 6.33
N GLU H 78 9.97 -28.97 6.50
CA GLU H 78 9.37 -30.27 6.24
C GLU H 78 9.63 -30.81 4.85
N THR H 79 9.37 -29.98 3.83
CA THR H 79 9.56 -30.40 2.45
C THR H 79 11.01 -30.57 2.01
N ARG H 80 11.81 -29.52 2.17
CA ARG H 80 13.21 -29.59 1.77
C ARG H 80 14.00 -30.69 2.48
N GLU H 81 13.55 -31.07 3.68
CA GLU H 81 14.23 -32.11 4.45
C GLU H 81 14.00 -33.44 3.76
N LYS H 82 12.76 -33.68 3.32
CA LYS H 82 12.43 -34.92 2.63
C LYS H 82 13.22 -34.89 1.32
N VAL H 83 13.45 -33.68 0.82
CA VAL H 83 14.19 -33.46 -0.41
C VAL H 83 15.66 -33.72 -0.15
N TRP H 84 16.20 -33.10 0.90
CA TRP H 84 17.59 -33.29 1.28
C TRP H 84 17.77 -34.80 1.29
N GLN H 85 16.86 -35.49 1.95
CA GLN H 85 16.89 -36.95 2.01
C GLN H 85 16.96 -37.54 0.61
N ALA H 86 16.16 -36.98 -0.29
CA ALA H 86 16.11 -37.47 -1.67
C ALA H 86 17.48 -37.33 -2.34
N PHE H 87 18.22 -36.29 -1.93
CA PHE H 87 19.56 -36.02 -2.46
C PHE H 87 20.60 -36.87 -1.75
N GLN H 88 20.43 -37.04 -0.44
CA GLN H 88 21.34 -37.83 0.38
C GLN H 88 21.52 -39.20 -0.27
N ARG H 89 20.40 -39.83 -0.60
CA ARG H 89 20.43 -41.15 -1.21
C ARG H 89 20.81 -41.08 -2.69
N ALA H 90 20.28 -40.09 -3.39
CA ALA H 90 20.56 -39.90 -4.80
C ALA H 90 22.04 -39.63 -5.06
N ASN H 91 22.65 -38.90 -4.13
CA ASN H 91 24.06 -38.55 -4.24
C ASN H 91 24.97 -39.78 -4.21
N ASP H 92 24.94 -40.51 -3.11
CA ASP H 92 25.76 -41.70 -2.93
C ASP H 92 25.79 -42.65 -4.12
N GLU H 93 24.71 -42.68 -4.88
CA GLU H 93 24.64 -43.55 -6.05
C GLU H 93 25.59 -43.01 -7.12
N ALA H 94 25.61 -41.69 -7.28
CA ALA H 94 26.50 -41.05 -8.26
C ALA H 94 27.90 -41.11 -7.68
N ALA H 95 27.99 -40.99 -6.35
CA ALA H 95 29.26 -41.04 -5.65
C ALA H 95 29.94 -42.40 -5.85
N GLU H 96 29.15 -43.46 -5.75
CA GLU H 96 29.65 -44.81 -5.91
C GLU H 96 30.14 -45.09 -7.33
N MET H 97 30.00 -44.10 -8.22
CA MET H 97 30.44 -44.27 -9.60
C MET H 97 31.88 -43.83 -9.78
N PHE H 98 32.53 -43.46 -8.69
CA PHE H 98 33.91 -43.01 -8.76
C PHE H 98 34.85 -43.85 -7.88
N SER H 99 36.14 -43.77 -8.16
CA SER H 99 37.13 -44.55 -7.44
C SER H 99 38.35 -43.76 -6.99
N GLY H 100 39.07 -44.33 -6.01
CA GLY H 100 40.28 -43.70 -5.48
C GLY H 100 40.17 -42.27 -4.99
N GLU H 101 41.04 -41.42 -5.54
CA GLU H 101 41.06 -40.02 -5.16
C GLU H 101 39.86 -39.27 -5.75
N ARG H 102 39.52 -39.59 -6.99
CA ARG H 102 38.39 -38.93 -7.64
C ARG H 102 37.13 -39.13 -6.79
N GLN H 103 36.95 -40.36 -6.30
CA GLN H 103 35.78 -40.68 -5.47
C GLN H 103 36.02 -40.08 -4.10
N ALA H 104 37.28 -39.77 -3.81
CA ALA H 104 37.63 -39.16 -2.54
C ALA H 104 37.20 -37.70 -2.58
N LYS H 105 37.38 -37.08 -3.74
CA LYS H 105 37.01 -35.69 -3.94
C LYS H 105 35.49 -35.52 -4.05
N TYR H 106 34.81 -36.55 -4.54
CA TYR H 106 33.37 -36.48 -4.69
C TYR H 106 32.67 -36.38 -3.33
N ARG H 107 33.03 -37.29 -2.43
CA ARG H 107 32.45 -37.29 -1.09
C ARG H 107 32.72 -35.98 -0.37
N SER H 108 33.83 -35.34 -0.74
CA SER H 108 34.23 -34.08 -0.14
C SER H 108 33.45 -32.87 -0.65
N LEU H 109 33.21 -32.84 -1.96
CA LEU H 109 32.48 -31.75 -2.60
C LEU H 109 31.13 -31.45 -1.97
N LYS H 110 30.79 -30.17 -1.97
CA LYS H 110 29.51 -29.72 -1.43
C LYS H 110 28.62 -29.49 -2.66
N LEU H 111 27.49 -30.19 -2.72
CA LEU H 111 26.60 -30.08 -3.86
C LEU H 111 25.16 -29.77 -3.47
N GLU H 112 24.88 -29.84 -2.18
CA GLU H 112 23.55 -29.55 -1.66
C GLU H 112 23.46 -28.14 -1.11
N GLY H 113 22.32 -27.83 -0.51
CA GLY H 113 22.10 -26.52 0.07
C GLY H 113 20.60 -26.42 0.20
N ILE H 114 19.97 -27.59 0.21
CA ILE H 114 18.53 -27.74 0.30
C ILE H 114 17.93 -27.31 1.63
N ARG H 115 18.46 -27.88 2.72
CA ARG H 115 17.95 -27.57 4.05
C ARG H 115 18.57 -26.31 4.64
N LYS H 116 19.64 -25.85 4.02
CA LYS H 116 20.36 -24.67 4.50
C LYS H 116 19.85 -23.34 3.92
N ALA H 117 19.44 -23.33 2.65
CA ALA H 117 18.95 -22.12 2.00
C ALA H 117 17.47 -21.83 2.25
N PRO H 118 17.16 -20.59 2.66
CA PRO H 118 15.77 -20.18 2.94
C PRO H 118 14.75 -20.49 1.84
N LEU H 119 15.02 -20.09 0.60
CA LEU H 119 14.09 -20.36 -0.47
C LEU H 119 14.56 -21.43 -1.45
N SER H 120 13.60 -22.17 -1.98
CA SER H 120 13.89 -23.21 -2.94
C SER H 120 12.82 -23.11 -4.02
N ILE H 121 13.21 -23.17 -5.28
CA ILE H 121 12.24 -23.09 -6.37
C ILE H 121 12.40 -24.21 -7.37
N CYS H 122 11.37 -25.06 -7.47
CA CYS H 122 11.41 -26.17 -8.41
C CYS H 122 10.85 -25.73 -9.75
N VAL H 123 11.76 -25.29 -10.62
CA VAL H 123 11.39 -24.80 -11.95
C VAL H 123 10.95 -25.97 -12.83
N THR H 124 9.67 -26.01 -13.21
CA THR H 124 9.18 -27.09 -14.05
C THR H 124 8.92 -26.69 -15.49
N CYS H 125 8.50 -27.67 -16.28
CA CYS H 125 8.22 -27.48 -17.69
C CYS H 125 7.12 -28.44 -18.18
N ASP H 126 6.01 -27.86 -18.64
CA ASP H 126 4.87 -28.64 -19.14
C ASP H 126 5.11 -28.93 -20.62
N ARG H 127 5.20 -30.21 -20.96
CA ARG H 127 5.49 -30.61 -22.34
C ARG H 127 4.44 -30.31 -23.40
N THR H 128 3.17 -30.50 -23.06
CA THR H 128 2.09 -30.29 -24.00
C THR H 128 1.38 -28.93 -23.93
N ARG H 129 2.00 -27.96 -23.29
CA ARG H 129 1.37 -26.65 -23.21
C ARG H 129 1.35 -26.02 -24.60
N GLY H 130 0.21 -25.43 -24.94
CA GLY H 130 0.05 -24.81 -26.24
C GLY H 130 -0.59 -25.81 -27.18
N GLY H 131 -0.90 -26.98 -26.64
CA GLY H 131 -1.49 -28.05 -27.43
C GLY H 131 -0.36 -28.96 -27.86
N ALA H 132 -0.71 -30.19 -28.25
CA ALA H 132 0.30 -31.15 -28.68
C ALA H 132 1.33 -30.47 -29.59
N VAL H 133 0.89 -30.06 -30.78
CA VAL H 133 1.77 -29.39 -31.75
C VAL H 133 1.82 -27.88 -31.54
N VAL H 134 3.01 -27.32 -31.70
CA VAL H 134 3.26 -25.88 -31.56
C VAL H 134 4.59 -25.51 -32.26
N LEU H 135 4.91 -24.22 -32.33
CA LEU H 135 6.15 -23.78 -32.97
C LEU H 135 7.37 -24.40 -32.30
N GLY H 136 8.43 -24.60 -33.09
CA GLY H 136 9.66 -25.17 -32.57
C GLY H 136 9.68 -26.66 -32.26
N ARG H 137 8.64 -27.16 -31.59
CA ARG H 137 8.60 -28.57 -31.23
C ARG H 137 7.54 -29.45 -31.92
N THR H 138 8.01 -30.63 -32.34
CA THR H 138 7.25 -31.69 -33.03
C THR H 138 8.32 -32.50 -33.79
N HIS H 139 9.42 -31.84 -34.13
CA HIS H 139 10.54 -32.45 -34.83
C HIS H 139 11.65 -32.62 -33.79
N ASN H 140 11.56 -31.82 -32.74
CA ASN H 140 12.51 -31.85 -31.64
C ASN H 140 11.84 -31.20 -30.42
N PRO H 141 11.11 -32.00 -29.62
CA PRO H 141 10.41 -31.53 -28.43
C PRO H 141 11.33 -31.17 -27.27
N GLN H 142 12.55 -30.78 -27.59
CA GLN H 142 13.49 -30.41 -26.53
C GLN H 142 13.43 -28.91 -26.26
N MET H 143 13.28 -28.13 -27.33
CA MET H 143 13.22 -26.67 -27.23
C MET H 143 12.43 -26.14 -26.04
N ASP H 144 11.35 -26.82 -25.68
CA ASP H 144 10.56 -26.38 -24.55
C ASP H 144 11.47 -26.44 -23.32
N LEU H 145 12.07 -27.60 -23.11
CA LEU H 145 12.97 -27.78 -21.97
C LEU H 145 14.06 -26.72 -21.96
N TYR H 146 14.59 -26.38 -23.13
CA TYR H 146 15.63 -25.38 -23.22
C TYR H 146 15.07 -24.02 -22.84
N SER H 147 13.85 -23.75 -23.26
CA SER H 147 13.21 -22.49 -22.94
C SER H 147 13.18 -22.33 -21.42
N THR H 148 12.88 -23.42 -20.74
CA THR H 148 12.82 -23.41 -19.30
C THR H 148 14.18 -22.99 -18.72
N VAL H 149 15.25 -23.56 -19.25
CA VAL H 149 16.59 -23.24 -18.77
C VAL H 149 16.86 -21.74 -18.94
N CYS H 150 16.61 -21.22 -20.13
CA CYS H 150 16.84 -19.80 -20.39
C CYS H 150 16.24 -18.98 -19.26
N ALA H 151 15.10 -19.42 -18.75
CA ALA H 151 14.42 -18.74 -17.65
C ALA H 151 15.21 -18.93 -16.36
N VAL H 152 15.81 -20.10 -16.20
CA VAL H 152 16.59 -20.37 -15.02
C VAL H 152 17.86 -19.52 -15.00
N GLN H 153 18.30 -19.10 -16.17
CA GLN H 153 19.51 -18.30 -16.26
C GLN H 153 19.26 -16.82 -15.97
N ASN H 154 18.19 -16.26 -16.54
CA ASN H 154 17.91 -14.85 -16.29
C ASN H 154 17.72 -14.68 -14.80
N LEU H 155 17.14 -15.68 -14.16
CA LEU H 155 16.92 -15.62 -12.74
C LEU H 155 18.28 -15.64 -12.03
N TRP H 156 19.15 -16.53 -12.48
CA TRP H 156 20.49 -16.68 -11.91
C TRP H 156 21.28 -15.37 -11.94
N LEU H 157 21.23 -14.68 -13.07
CA LEU H 157 21.92 -13.41 -13.25
C LEU H 157 21.24 -12.29 -12.43
N ALA H 158 19.91 -12.29 -12.45
CA ALA H 158 19.16 -11.28 -11.71
C ALA H 158 19.42 -11.47 -10.23
N ALA H 159 19.42 -12.73 -9.80
CA ALA H 159 19.66 -13.07 -8.40
C ALA H 159 21.03 -12.54 -7.97
N ARG H 160 22.03 -12.70 -8.82
CA ARG H 160 23.37 -12.22 -8.49
C ARG H 160 23.32 -10.72 -8.28
N ALA H 161 22.77 -9.99 -9.24
CA ALA H 161 22.68 -8.54 -9.11
C ALA H 161 21.95 -8.17 -7.83
N GLU H 162 21.13 -9.10 -7.33
CA GLU H 162 20.36 -8.89 -6.10
C GLU H 162 21.06 -9.47 -4.87
N GLY H 163 22.37 -9.65 -4.93
CA GLY H 163 23.07 -10.22 -3.79
C GLY H 163 22.55 -11.58 -3.33
N VAL H 164 21.67 -12.18 -4.14
CA VAL H 164 21.08 -13.49 -3.82
C VAL H 164 21.80 -14.65 -4.49
N GLY H 165 22.12 -15.67 -3.71
CA GLY H 165 22.80 -16.82 -4.25
C GLY H 165 21.86 -17.86 -4.82
N VAL H 166 22.29 -18.53 -5.88
CA VAL H 166 21.48 -19.56 -6.49
C VAL H 166 22.30 -20.80 -6.80
N GLY H 167 21.80 -21.96 -6.34
CA GLY H 167 22.48 -23.21 -6.57
C GLY H 167 21.55 -24.23 -7.20
N TRP H 168 21.92 -24.69 -8.39
CA TRP H 168 21.14 -25.68 -9.12
C TRP H 168 21.48 -27.05 -8.54
N VAL H 169 20.47 -27.89 -8.32
CA VAL H 169 20.73 -29.23 -7.78
C VAL H 169 20.10 -30.35 -8.61
N SER H 170 20.84 -30.84 -9.60
CA SER H 170 20.34 -31.89 -10.48
C SER H 170 20.69 -33.31 -10.03
N ILE H 171 21.22 -33.46 -8.82
CA ILE H 171 21.59 -34.79 -8.33
C ILE H 171 20.47 -35.45 -7.53
N PHE H 172 19.33 -35.64 -8.19
CA PHE H 172 18.16 -36.29 -7.59
C PHE H 172 17.73 -37.37 -8.57
N HIS H 173 16.58 -37.96 -8.27
CA HIS H 173 15.97 -38.95 -9.13
C HIS H 173 14.58 -38.33 -9.31
N GLU H 174 14.47 -37.53 -10.37
CA GLU H 174 13.24 -36.80 -10.71
C GLU H 174 11.99 -37.35 -10.00
N SER H 175 11.57 -38.52 -10.46
CA SER H 175 10.40 -39.22 -9.92
C SER H 175 10.18 -38.91 -8.43
N GLU H 176 11.13 -39.32 -7.60
CA GLU H 176 11.07 -39.11 -6.16
C GLU H 176 10.68 -37.68 -5.80
N ILE H 177 11.06 -36.73 -6.66
CA ILE H 177 10.72 -35.33 -6.40
C ILE H 177 9.33 -35.02 -6.96
N LYS H 178 9.08 -35.41 -8.21
CA LYS H 178 7.78 -35.16 -8.82
C LYS H 178 6.69 -35.69 -7.88
N ALA H 179 6.93 -36.90 -7.36
CA ALA H 179 5.99 -37.54 -6.45
C ALA H 179 5.70 -36.64 -5.25
N ILE H 180 6.75 -36.06 -4.66
CA ILE H 180 6.58 -35.20 -3.50
C ILE H 180 5.86 -33.89 -3.81
N LEU H 181 6.06 -33.36 -5.01
CA LEU H 181 5.45 -32.10 -5.41
C LEU H 181 4.21 -32.24 -6.29
N GLY H 182 3.57 -33.40 -6.25
CA GLY H 182 2.38 -33.62 -7.03
C GLY H 182 2.54 -33.45 -8.53
N ILE H 183 3.74 -33.11 -8.98
CA ILE H 183 4.00 -32.92 -10.39
C ILE H 183 3.40 -34.06 -11.22
N PRO H 184 2.48 -33.72 -12.15
CA PRO H 184 1.80 -34.65 -13.06
C PRO H 184 2.74 -35.43 -13.97
N ASP H 185 2.26 -35.74 -15.18
CA ASP H 185 3.07 -36.46 -16.14
C ASP H 185 3.51 -35.56 -17.27
N HIS H 186 2.60 -34.74 -17.78
CA HIS H 186 2.93 -33.82 -18.85
C HIS H 186 3.92 -32.78 -18.33
N VAL H 187 4.01 -32.69 -17.02
CA VAL H 187 4.91 -31.73 -16.36
C VAL H 187 6.24 -32.37 -15.98
N GLU H 188 7.32 -31.62 -16.18
CA GLU H 188 8.64 -32.13 -15.87
C GLU H 188 9.47 -31.13 -15.07
N ILE H 189 10.51 -31.64 -14.41
CA ILE H 189 11.40 -30.78 -13.65
C ILE H 189 12.63 -30.53 -14.49
N VAL H 190 13.05 -29.27 -14.53
CA VAL H 190 14.23 -28.91 -15.29
C VAL H 190 15.32 -28.47 -14.32
N ALA H 191 14.93 -27.91 -13.18
CA ALA H 191 15.93 -27.46 -12.23
C ALA H 191 15.43 -27.17 -10.84
N TRP H 192 16.07 -27.79 -9.85
CA TRP H 192 15.76 -27.56 -8.44
C TRP H 192 16.72 -26.44 -8.05
N LEU H 193 16.18 -25.30 -7.64
CA LEU H 193 17.04 -24.17 -7.29
C LEU H 193 17.00 -23.76 -5.83
N CYS H 194 18.19 -23.57 -5.25
CA CYS H 194 18.30 -23.13 -3.87
C CYS H 194 18.70 -21.66 -3.93
N LEU H 195 17.99 -20.82 -3.19
CA LEU H 195 18.29 -19.40 -3.15
C LEU H 195 18.41 -18.93 -1.71
N GLY H 196 19.08 -17.80 -1.55
CA GLY H 196 19.28 -17.23 -0.23
C GLY H 196 20.40 -16.23 -0.30
N PHE H 197 20.35 -15.20 0.54
CA PHE H 197 21.39 -14.18 0.54
C PHE H 197 22.77 -14.80 0.76
N VAL H 198 23.80 -14.10 0.31
CA VAL H 198 25.18 -14.57 0.47
C VAL H 198 26.11 -13.41 0.80
N ASP H 199 26.95 -13.62 1.82
CA ASP H 199 27.90 -12.60 2.23
C ASP H 199 29.09 -12.57 1.30
N ARG H 200 29.51 -13.75 0.87
CA ARG H 200 30.66 -13.85 -0.01
C ARG H 200 30.60 -15.03 -0.99
N LEU H 201 31.11 -14.81 -2.20
CA LEU H 201 31.14 -15.81 -3.25
C LEU H 201 32.60 -16.17 -3.54
N TYR H 202 32.81 -17.21 -4.35
CA TYR H 202 34.16 -17.61 -4.74
C TYR H 202 34.52 -16.82 -5.98
N GLN H 203 35.81 -16.52 -6.17
CA GLN H 203 36.24 -15.74 -7.32
C GLN H 203 36.28 -16.53 -8.64
N GLU H 204 36.11 -17.84 -8.53
CA GLU H 204 36.11 -18.71 -9.69
C GLU H 204 35.33 -19.97 -9.34
N PRO H 205 34.97 -20.77 -10.34
CA PRO H 205 34.21 -21.98 -10.02
C PRO H 205 34.82 -22.81 -8.88
N GLU H 206 34.00 -23.05 -7.86
CA GLU H 206 34.38 -23.80 -6.69
C GLU H 206 35.09 -25.12 -7.05
N LEU H 207 34.44 -25.96 -7.85
CA LEU H 207 35.04 -27.23 -8.24
C LEU H 207 36.45 -26.98 -8.78
N ALA H 208 36.62 -25.86 -9.49
CA ALA H 208 37.93 -25.53 -10.04
C ALA H 208 38.84 -25.28 -8.86
N ALA H 209 38.55 -24.21 -8.12
CA ALA H 209 39.32 -23.82 -6.95
C ALA H 209 39.53 -24.97 -5.98
N LYS H 210 38.63 -25.95 -6.01
CA LYS H 210 38.76 -27.08 -5.11
C LYS H 210 39.44 -28.28 -5.73
N GLY H 211 39.92 -28.11 -6.97
CA GLY H 211 40.64 -29.18 -7.66
C GLY H 211 39.91 -30.29 -8.40
N TRP H 212 38.59 -30.16 -8.59
CA TRP H 212 37.86 -31.18 -9.32
C TRP H 212 38.25 -31.11 -10.80
N ARG H 213 37.88 -30.00 -11.45
CA ARG H 213 38.21 -29.77 -12.85
C ARG H 213 38.52 -28.29 -13.02
N GLN H 214 39.27 -27.97 -14.07
CA GLN H 214 39.65 -26.58 -14.36
C GLN H 214 38.91 -26.00 -15.56
N ARG H 215 39.15 -24.74 -15.85
CA ARG H 215 38.50 -24.08 -16.98
C ARG H 215 39.16 -24.55 -18.26
N LEU H 216 38.35 -24.88 -19.26
CA LEU H 216 38.91 -25.30 -20.54
C LEU H 216 39.15 -24.01 -21.33
N PRO H 217 40.22 -23.96 -22.13
CA PRO H 217 40.54 -22.76 -22.92
C PRO H 217 39.53 -22.50 -24.03
N LEU H 218 38.85 -21.36 -23.98
CA LEU H 218 37.85 -21.01 -24.97
C LEU H 218 38.34 -21.03 -26.41
N GLU H 219 39.61 -20.67 -26.63
CA GLU H 219 40.17 -20.68 -27.97
C GLU H 219 40.15 -22.09 -28.56
N ASP H 220 40.05 -23.07 -27.67
CA ASP H 220 40.03 -24.48 -28.06
C ASP H 220 38.66 -24.88 -28.60
N LEU H 221 37.61 -24.35 -27.99
CA LEU H 221 36.26 -24.72 -28.34
C LEU H 221 35.65 -24.06 -29.58
N VAL H 222 36.12 -22.87 -29.91
CA VAL H 222 35.61 -22.14 -31.07
C VAL H 222 36.18 -22.69 -32.37
N PHE H 223 35.29 -23.02 -33.32
CA PHE H 223 35.71 -23.54 -34.62
C PHE H 223 35.54 -22.50 -35.75
N GLU H 224 35.34 -22.98 -36.98
CA GLU H 224 35.19 -22.11 -38.15
C GLU H 224 34.50 -22.83 -39.32
N GLU H 225 33.34 -22.31 -39.74
CA GLU H 225 32.58 -22.88 -40.85
C GLU H 225 32.18 -24.34 -40.61
N GLY H 226 33.15 -25.18 -40.28
CA GLY H 226 32.87 -26.58 -40.04
C GLY H 226 33.55 -27.09 -38.78
N TRP H 227 32.96 -28.13 -38.22
CA TRP H 227 33.48 -28.77 -37.00
C TRP H 227 34.97 -29.06 -37.02
N GLY H 228 35.56 -29.15 -35.84
CA GLY H 228 36.98 -29.43 -35.72
C GLY H 228 37.87 -28.63 -36.66
N VAL H 229 37.32 -27.55 -37.22
CA VAL H 229 38.08 -26.72 -38.15
C VAL H 229 38.42 -25.35 -37.61
N ARG H 230 39.69 -24.97 -37.72
CA ARG H 230 40.14 -23.66 -37.25
C ARG H 230 40.09 -22.62 -38.36
C9A FNR I . -17.75 -8.90 -14.74
N10 FNR I . -17.19 -7.63 -15.05
CAA FNR I . -17.14 -6.57 -14.11
N1 FNR I . -16.71 -5.36 -14.47
C2 FNR I . -16.75 -4.29 -13.62
O2 FNR I . -16.37 -3.19 -13.98
N3 FNR I . -17.26 -4.50 -12.29
C4 FNR I . -17.76 -5.72 -11.80
O4 FNR I . -18.21 -5.83 -10.65
C4A FNR I . -17.72 -6.86 -12.78
N5 FNR I . -18.25 -8.06 -12.47
C5A FNR I . -18.37 -9.03 -13.44
C6 FNR I . -19.09 -10.23 -13.14
C7 FNR I . -19.18 -11.27 -14.04
C7M FNR I . -19.95 -12.50 -13.72
C8 FNR I . -18.53 -11.17 -15.33
C8M FNR I . -18.57 -12.32 -16.33
C9 FNR I . -17.88 -9.96 -15.67
C1' FNR I . -16.69 -7.39 -16.41
C2' FNR I . -15.23 -7.83 -16.60
O2' FNR I . -14.36 -6.92 -15.95
C3' FNR I . -14.96 -7.92 -18.09
O3' FNR I . -15.48 -9.17 -18.55
C4' FNR I . -13.47 -7.85 -18.48
O4' FNR I . -13.01 -6.52 -18.19
C5' FNR I . -13.22 -8.08 -19.99
O5' FNR I . -14.39 -8.58 -20.65
P FNR I . -15.16 -7.76 -21.74
O1P FNR I . -16.53 -7.68 -21.33
O2P FNR I . -14.88 -8.56 -22.95
O3P FNR I . -14.66 -6.36 -21.93
O1 OXY J . -33.77 -30.47 -16.94
O2 OXY J . -34.56 -30.24 -17.51
C9A FNR K . -30.88 -27.19 -18.56
N10 FNR K . -31.59 -28.09 -19.39
CAA FNR K . -31.54 -29.49 -19.24
N1 FNR K . -32.14 -30.30 -20.13
C2 FNR K . -32.01 -31.67 -20.06
O2 FNR K . -32.55 -32.40 -20.87
N3 FNR K . -31.23 -32.22 -19.00
C4 FNR K . -30.52 -31.49 -18.02
O4 FNR K . -29.83 -32.06 -17.16
C4A FNR K . -30.67 -29.98 -18.14
N5 FNR K . -29.99 -29.14 -17.34
C5A FNR K . -30.00 -27.78 -17.59
C6 FNR K . -29.13 -26.90 -16.83
C7 FNR K . -29.15 -25.53 -16.99
C7M FNR K . -28.24 -24.65 -16.21
C8 FNR K . -30.05 -24.94 -17.96
C8M FNR K . -30.13 -23.43 -18.14
C9 FNR K . -30.86 -25.77 -18.75
C1' FNR K . -32.36 -27.54 -20.50
C2' FNR K . -33.73 -27.01 -20.05
O2' FNR K . -34.62 -28.08 -19.75
C3' FNR K . -34.24 -26.14 -21.14
O3' FNR K . -33.55 -24.90 -21.09
C4' FNR K . -35.75 -25.81 -21.12
O4' FNR K . -36.51 -27.02 -21.15
C5' FNR K . -36.10 -24.99 -22.36
O5' FNR K . -35.04 -25.22 -23.27
P FNR K . -34.88 -24.43 -24.59
O1P FNR K . -35.31 -25.27 -25.69
O2P FNR K . -33.44 -24.10 -24.55
O3P FNR K . -35.68 -23.17 -24.61
O1 OXY L . -14.33 -6.35 -12.19
O2 OXY L . -13.86 -6.80 -12.97
C9A FNR M . -25.11 10.15 24.42
N10 FNR M . -25.81 9.06 23.84
CAA FNR M . -25.60 7.72 24.27
N1 FNR M . -26.18 6.70 23.62
C2 FNR M . -25.92 5.39 23.94
O2 FNR M . -26.44 4.48 23.34
N3 FNR M . -25.00 5.13 25.01
C4 FNR M . -24.29 6.10 25.73
O4 FNR M . -23.49 5.79 26.62
C4A FNR M . -24.60 7.54 25.34
N5 FNR M . -23.93 8.56 25.90
C5A FNR M . -24.10 9.84 25.41
C6 FNR M . -23.26 10.90 25.89
C7 FNR M . -23.41 12.21 25.49
C7M FNR M . -22.51 13.28 26.00
C8 FNR M . -24.44 12.53 24.53
C8M FNR M . -24.69 13.96 24.08
C9 FNR M . -25.24 11.50 23.98
C1' FNR M . -26.72 9.33 22.71
C2' FNR M . -28.13 9.73 23.19
O2' FNR M . -28.84 8.58 23.65
C3' FNR M . -28.85 10.40 22.05
O3' FNR M . -28.30 11.71 21.88
C4' FNR M . -30.36 10.56 22.28
O4' FNR M . -30.91 9.23 22.39
C5' FNR M . -31.12 11.25 21.10
O5' FNR M . -30.27 12.07 20.32
P FNR M . -29.83 11.69 18.85
O1P FNR M . -28.43 11.42 18.86
O2P FNR M . -30.26 12.87 18.10
O3P FNR M . -30.53 10.48 18.29
O1 OXY N . -8.99 31.69 25.22
O2 OXY N . -8.81 32.60 25.60
C9A FNR O . -12.66 29.40 23.90
N10 FNR O . -12.26 30.60 23.26
CAA FNR O . -12.12 31.83 23.94
N1 FNR O . -11.85 32.99 23.30
C2 FNR O . -11.83 34.21 23.96
O2 FNR O . -11.60 35.24 23.39
N3 FNR O . -12.08 34.22 25.38
C4 FNR O . -12.40 33.10 26.16
O4 FNR O . -12.63 33.20 27.36
C4A FNR O . -12.44 31.78 25.40
N5 FNR O . -12.81 30.66 26.03
C5A FNR O . -13.02 29.51 25.31
C6 FNR O . -13.59 28.35 25.97
C7 FNR O . -13.76 27.15 25.31
C7M FNR O . -14.36 25.97 26.01
C8 FNR O . -13.38 27.03 23.92
C8M FNR O . -13.51 25.72 23.17
C9 FNR O . -12.88 28.15 23.24
C1' FNR O . -12.03 30.55 21.80
C2' FNR O . -10.60 30.02 21.52
O2' FNR O . -9.63 30.98 21.87
C3' FNR O . -10.48 29.67 20.07
O3' FNR O . -11.17 28.44 19.85
C4' FNR O . -9.04 29.42 19.58
O4' FNR O . -8.27 30.63 19.57
C5' FNR O . -9.09 28.86 18.15
O5' FNR O . -9.78 29.79 17.32
P FNR O . -11.11 29.40 16.56
O1P FNR O . -11.50 30.47 15.66
O2P FNR O . -12.08 29.11 17.64
O3P FNR O . -10.92 28.20 15.73
O1 OXY P . -27.57 6.72 26.78
O2 OXY P . -28.10 7.40 26.21
C9A FNR Q . 30.42 14.41 26.49
N10 FNR Q . 31.13 14.83 27.65
CAA FNR Q . 31.07 14.11 28.85
N1 FNR Q . 31.66 14.60 29.95
C2 FNR Q . 31.55 13.98 31.16
O2 FNR Q . 32.08 14.43 32.15
N3 FNR Q . 30.79 12.76 31.24
C4 FNR Q . 30.09 12.18 30.16
O4 FNR Q . 29.42 11.12 30.31
C4A FNR Q . 30.23 12.90 28.84
N5 FNR Q . 29.56 12.48 27.75
C5A FNR Q . 29.57 13.26 26.62
C6 FNR Q . 28.70 12.89 25.51
C7 FNR Q . 28.71 13.59 24.32
C7M FNR Q . 27.80 13.19 23.20
C8 FNR Q . 29.60 14.74 24.17
C8M FNR Q . 29.68 15.50 22.87
C9 FNR Q . 30.40 15.14 25.25
C1' FNR Q . 31.88 16.08 27.61
C2' FNR Q . 33.31 15.83 27.06
O2' FNR Q . 34.06 15.02 27.96
C3' FNR Q . 34.03 17.13 26.81
O3' FNR Q . 33.24 17.95 25.94
C4' FNR Q . 35.43 16.96 26.16
O4' FNR Q . 36.14 15.87 26.75
C5' FNR Q . 36.28 18.23 26.32
O5' FNR Q . 35.62 19.28 25.67
P FNR Q . 35.17 20.54 26.46
O1P FNR Q . 34.62 20.12 27.74
O2P FNR Q . 34.23 21.20 25.53
O3P FNR Q . 36.30 21.47 26.75
O1 OXY R . 13.85 16.71 5.49
O2 OXY R . 13.67 17.68 5.67
C9A FNR S . 17.73 18.34 8.36
N10 FNR S . 17.18 19.13 7.33
CAA FNR S . 17.03 18.67 6.01
N1 FNR S . 16.59 19.50 5.04
C2 FNR S . 16.52 19.11 3.72
O2 FNR S . 16.12 19.86 2.87
N3 FNR S . 16.92 17.76 3.39
C4 FNR S . 17.44 16.81 4.31
O4 FNR S . 17.79 15.67 3.95
C4A FNR S . 17.50 17.30 5.75
N5 FNR S . 18.03 16.53 6.72
C5A FNR S . 18.24 17.04 7.98
C6 FNR S . 18.96 16.26 8.97
C7 FNR S . 19.12 16.72 10.27
C7M FNR S . 19.87 15.89 11.28
C8 FNR S . 18.57 18.01 10.67
C8M FNR S . 18.68 18.53 12.07
C9 FNR S . 17.93 18.81 9.69
C1' FNR S . 16.80 20.50 7.65
C2' FNR S . 15.35 20.64 8.15
O2' FNR S . 14.47 20.72 7.04
C3' FNR S . 15.26 21.88 8.99
O3' FNR S . 16.07 21.74 10.15
C4' FNR S . 13.85 22.24 9.48
O4' FNR S . 12.91 22.18 8.40
C5' FNR S . 13.83 23.64 10.09
O5' FNR S . 14.53 24.52 9.24
P FNR S . 15.50 25.61 9.81
O1P FNR S . 15.23 26.88 9.13
O2P FNR S . 16.83 25.03 9.58
O3P FNR S . 15.31 25.84 11.28
O1 OXY T . 33.32 11.38 29.44
O2 OXY T . 33.95 11.99 28.95
C9A FNR U . 12.99 -19.69 -29.86
N10 FNR U . 12.55 -18.66 -30.72
CAA FNR U . 12.43 -18.83 -32.12
N1 FNR U . 12.14 -17.79 -32.90
C2 FNR U . 12.12 -17.90 -34.28
O2 FNR U . 11.86 -16.95 -34.99
N3 FNR U . 12.43 -19.17 -34.86
C4 FNR U . 12.81 -20.32 -34.14
O4 FNR U . 13.09 -21.38 -34.74
C4A FNR U . 12.82 -20.15 -32.63
N5 FNR U . 13.23 -21.16 -31.82
C5A FNR U . 13.41 -20.92 -30.48
C6 FNR U . 14.04 -21.93 -29.64
C7 FNR U . 14.18 -21.77 -28.27
C7M FNR U . 14.82 -22.83 -27.44
C8 FNR U . 13.71 -20.54 -27.65
C8M FNR U . 13.79 -20.33 -26.15
C9 FNR U . 13.17 -19.53 -28.44
C1' FNR U . 12.25 -17.35 -30.15
C2' FNR U . 10.83 -17.28 -29.57
O2' FNR U . 9.87 -17.24 -30.62
C3' FNR U . 10.76 -16.06 -28.68
O3' FNR U . 11.38 -16.37 -27.42
C4' FNR U . 9.36 -15.53 -28.34
O4' FNR U . 8.35 -16.02 -29.22
C5' FNR U . 9.36 -14.01 -28.38
O5' FNR U . 10.02 -13.55 -27.23
P FNR U . 11.32 -12.68 -27.34
O1P FNR U . 12.47 -13.57 -27.38
O2P FNR U . 11.21 -11.82 -26.15
O3P FNR U . 11.36 -11.83 -28.60
O1 OXY V . 27.40 -31.17 -10.23
O2 OXY V . 28.07 -30.41 -10.21
C9A FNR W . 24.92 -27.42 -12.12
N10 FNR W . 25.65 -27.32 -10.90
CAA FNR W . 25.44 -28.20 -9.82
N1 FNR W . 26.06 -28.02 -8.64
C2 FNR W . 25.80 -28.79 -7.54
O2 FNR W . 26.37 -28.61 -6.50
N3 FNR W . 24.81 -29.83 -7.66
C4 FNR W . 24.06 -30.10 -8.82
O4 FNR W . 23.21 -31.01 -8.84
C4A FNR W . 24.37 -29.21 -10.02
N5 FNR W . 23.68 -29.32 -11.17
C5A FNR W . 23.86 -28.39 -12.17
C6 FNR W . 22.98 -28.42 -13.32
C7 FNR W . 23.17 -27.57 -14.39
C7M FNR W . 22.24 -27.61 -15.57
C8 FNR W . 24.26 -26.60 -14.37
C8M FNR W . 24.53 -25.68 -15.54
C9 FNR W . 25.09 -26.51 -13.22
C1' FNR W . 26.63 -26.23 -10.75
C2' FNR W . 28.02 -26.51 -11.34
O2' FNR W . 28.78 -27.28 -10.44
C3' FNR W . 28.70 -25.19 -11.64
O3' FNR W . 27.85 -24.41 -12.49
C4' FNR W . 30.09 -25.31 -12.32
O4' FNR W . 30.87 -26.28 -11.64
C5' FNR W . 30.86 -23.96 -12.29
O5' FNR W . 29.95 -22.88 -12.26
P FNR W . 30.13 -21.66 -11.26
O1P FNR W . 31.22 -21.93 -10.36
O2P FNR W . 28.81 -21.54 -10.63
O3P FNR W . 30.43 -20.39 -11.98
O1 OXY X . 9.38 -20.46 -32.72
O2 OXY X . 9.26 -19.48 -32.96
#